data_7NEZ
#
_entry.id   7NEZ
#
_cell.length_a   1.00
_cell.length_b   1.00
_cell.length_c   1.00
_cell.angle_alpha   90.00
_cell.angle_beta   90.00
_cell.angle_gamma   90.00
#
_symmetry.space_group_name_H-M   'P 1'
#
loop_
_entity.id
_entity.type
_entity.pdbx_description
1 polymer 'ATP-binding cassette sub-family G member 2'
2 polymer '5D3(Fab) light chain variable domain'
3 polymer '5D3(Fab) heavy chain variable domain'
4 non-polymer "(S)-10-[(DIMETHYLAMINO)METHYL]-4-ETHYL-4,9-DIHYDROXY-1H-PYRANO[3',4':6,7]INOLIZINO[1,2-B]-QUINOLINE-3,14(4H,12H)-DIONE"
5 non-polymer 2-acetamido-2-deoxy-beta-D-glucopyranose
#
loop_
_entity_poly.entity_id
_entity_poly.type
_entity_poly.pdbx_seq_one_letter_code
_entity_poly.pdbx_strand_id
1 'polypeptide(L)'
;MSSSNVEVFIPVSQGNTNGFPATASNDLKAFTEGAVLSFHNICYRVKLKSGFLPCRKPVEKEILSNINGIMKPGLNAILG
PTGGGKSSLLDVLAARKDPSGLSGDVLINGAPRPANFKCNSGYVVQDDVVMGTLTVRENLQFSAALRLATTMTNHEKNER
INRVIQELGLDKVADSKVGTQFIRGVSGGERKRTSIGMELITDPSILFLDEPTTGLDSSTANAVLLLLKRMSKQGRTIIF
SIHQPRYSIFKLFDSLTLLASGRLMFHGPAQEALGYFESAGYHCEAYNNPADFFLDIINGDSTAVALNREEDFKATEIIE
PSKQDKPLIEKLAEIYVNSSFYKETKAELHQLSGGEKKKKITVFKEISYTTSFCHQLRWVSKRSFKNLLGNPQASIAQII
VTVVLGLVIGAIYFGLKNDSTGIQNRAGVLFFLTTNQCFSSVSAVELFVVEKKLFIHEYISGYYRVSSYFLGKLLSDLLP
MRMLPSIIFTCIVYFMLGLKPKADAFFVMMFTLMMVAYSASSMALAIAAGQSVVSVATLLMTICFVFMMIFSGLLVNLTT
IASWLSWLQYFSIPRYGFTALQHNEFLGQNFCPGLNATGNNPCNYATCTGEEYLVKQGIDLSPWGLWKNHVALACMIVIF
LTIAYLKLLFLKKYS
;
A,B
2 'polypeptide(L)'
;DIVLTQSPSSFSVSLGDRVTISCKASGYILNRLAWYQQKPGNAPRLLISGATSLETGFPSRFSGTGSGKDYTLSISSLQT
EDVGTYYCQQYWSTPWTFGGGTKLEIRRADAAPTVSIFPPSSEQLTSGGASVVCFLNNFYPKDINVKWKIDGSERQNGVL
NSWTDQDSKDSTYSMSSTLTLTKDEYERHNSYTCEATHKTSTSPIVKSFNRNEC
;
C,E
3 'polypeptide(L)'
;QVQLQESGPGLVKPSQSLSLTCTVTGFSITSDYAWNWIRQFPGKKLEWMGYINFDGGTTYNPSLRGRISITRDTSKNQFF
LQLRSVTPEDTATYYCATFYGAKGTLDYWGQGTSVTVSSAKTTPPSVYPLAPVCGDTSGSSVTLGCLVKGYFPEPVTLTW
NSGSLSSGVHTFPAVLQSDLYTLSSSVTVTSSTWPSQSITCNVAHPASSTKVDKKIEPRGP
;
D,F
#
# COMPACT_ATOMS: atom_id res chain seq x y z
N ALA A 35 -30.89 17.20 -46.49
CA ALA A 35 -29.57 17.21 -45.86
C ALA A 35 -28.81 15.92 -46.17
N VAL A 36 -27.65 16.05 -46.79
CA VAL A 36 -26.86 14.91 -47.23
C VAL A 36 -25.41 15.09 -46.79
N LEU A 37 -24.73 13.96 -46.62
CA LEU A 37 -23.29 13.92 -46.44
C LEU A 37 -22.62 13.53 -47.75
N SER A 38 -21.35 13.91 -47.90
CA SER A 38 -20.61 13.54 -49.09
C SER A 38 -19.12 13.56 -48.77
N PHE A 39 -18.36 12.78 -49.54
CA PHE A 39 -16.92 12.70 -49.31
C PHE A 39 -16.23 12.21 -50.56
N HIS A 40 -14.91 12.39 -50.60
CA HIS A 40 -14.15 12.04 -51.80
C HIS A 40 -12.66 11.94 -51.47
N ASN A 41 -12.05 10.82 -51.87
CA ASN A 41 -10.59 10.65 -51.87
C ASN A 41 -9.99 10.88 -50.47
N ILE A 42 -10.35 9.97 -49.57
CA ILE A 42 -9.91 10.04 -48.18
C ILE A 42 -8.74 9.08 -48.00
N CYS A 43 -7.56 9.62 -47.70
CA CYS A 43 -6.40 8.84 -47.29
C CYS A 43 -6.14 9.14 -45.83
N TYR A 44 -6.18 8.10 -44.98
CA TYR A 44 -5.93 8.26 -43.56
C TYR A 44 -4.79 7.35 -43.13
N ARG A 45 -3.77 7.94 -42.52
CA ARG A 45 -2.62 7.24 -41.97
C ARG A 45 -2.52 7.54 -40.47
N VAL A 46 -1.42 7.12 -39.87
CA VAL A 46 -1.17 7.43 -38.47
C VAL A 46 -0.95 8.94 -38.31
N LYS A 61 0.49 5.06 -41.25
CA LYS A 61 0.06 3.76 -41.77
C LYS A 61 -1.35 3.86 -42.35
N GLU A 62 -1.44 3.80 -43.68
CA GLU A 62 -2.70 3.96 -44.38
C GLU A 62 -3.56 2.71 -44.29
N ILE A 63 -4.41 2.60 -43.26
CA ILE A 63 -5.42 1.55 -43.31
C ILE A 63 -6.66 2.17 -43.95
N LEU A 64 -6.53 2.48 -45.24
CA LEU A 64 -7.52 3.06 -46.14
C LEU A 64 -6.77 3.31 -47.44
N SER A 65 -7.52 3.44 -48.54
CA SER A 65 -6.96 4.07 -49.73
C SER A 65 -7.73 5.32 -50.12
N ASN A 66 -9.03 5.21 -50.38
CA ASN A 66 -9.89 6.34 -50.67
C ASN A 66 -11.32 5.84 -50.77
N ILE A 67 -12.26 6.57 -50.17
CA ILE A 67 -13.65 6.16 -50.08
C ILE A 67 -14.51 7.26 -50.68
N ASN A 68 -15.44 6.86 -51.54
CA ASN A 68 -16.25 7.81 -52.29
C ASN A 68 -17.73 7.50 -52.10
N GLY A 69 -18.51 8.53 -51.81
CA GLY A 69 -19.94 8.34 -51.72
C GLY A 69 -20.63 9.51 -51.04
N ILE A 70 -21.96 9.45 -51.08
CA ILE A 70 -22.84 10.40 -50.42
C ILE A 70 -23.84 9.60 -49.58
N MET A 71 -24.41 10.28 -48.59
CA MET A 71 -25.38 9.67 -47.68
C MET A 71 -26.62 10.55 -47.67
N LYS A 72 -27.76 9.95 -48.05
CA LYS A 72 -29.02 10.63 -48.15
C LYS A 72 -29.66 10.78 -46.78
N PRO A 73 -30.70 11.62 -46.66
CA PRO A 73 -31.47 11.65 -45.41
C PRO A 73 -32.26 10.36 -45.24
N GLY A 74 -31.80 9.50 -44.33
CA GLY A 74 -32.36 8.18 -44.20
C GLY A 74 -31.60 7.36 -43.16
N LEU A 75 -31.24 6.12 -43.52
CA LEU A 75 -30.58 5.20 -42.61
C LEU A 75 -29.31 4.69 -43.29
N ASN A 76 -28.17 5.22 -42.89
CA ASN A 76 -26.88 4.89 -43.49
C ASN A 76 -26.17 3.84 -42.63
N ALA A 77 -25.76 2.74 -43.26
CA ALA A 77 -25.17 1.62 -42.54
C ALA A 77 -23.76 1.34 -43.05
N ILE A 78 -22.86 1.01 -42.12
CA ILE A 78 -21.49 0.62 -42.44
C ILE A 78 -21.26 -0.77 -41.86
N LEU A 79 -20.82 -1.71 -42.71
CA LEU A 79 -20.64 -3.09 -42.30
C LEU A 79 -19.24 -3.57 -42.69
N GLY A 80 -18.86 -4.71 -42.11
CA GLY A 80 -17.57 -5.31 -42.37
C GLY A 80 -16.97 -5.95 -41.14
N PRO A 81 -15.70 -6.32 -41.22
CA PRO A 81 -15.00 -6.90 -40.07
C PRO A 81 -14.40 -5.82 -39.17
N THR A 82 -14.02 -6.24 -37.96
CA THR A 82 -13.46 -5.31 -37.00
C THR A 82 -12.11 -4.74 -37.47
N GLY A 83 -11.30 -5.56 -38.15
CA GLY A 83 -10.04 -5.06 -38.68
C GLY A 83 -10.21 -4.08 -39.81
N GLY A 84 -11.38 -4.05 -40.45
CA GLY A 84 -11.64 -3.11 -41.53
C GLY A 84 -11.84 -1.70 -41.01
N GLY A 85 -12.16 -0.81 -41.94
CA GLY A 85 -12.32 0.59 -41.61
C GLY A 85 -13.72 0.99 -41.20
N LYS A 86 -14.55 -0.01 -40.85
CA LYS A 86 -15.94 0.29 -40.50
C LYS A 86 -16.06 1.14 -39.24
N SER A 87 -15.04 1.14 -38.38
CA SER A 87 -15.03 1.99 -37.20
C SER A 87 -14.24 3.27 -37.38
N SER A 88 -13.42 3.37 -38.44
CA SER A 88 -12.63 4.57 -38.68
C SER A 88 -13.34 5.57 -39.58
N LEU A 89 -14.06 5.08 -40.59
CA LEU A 89 -14.80 5.99 -41.47
C LEU A 89 -15.87 6.76 -40.71
N LEU A 90 -16.52 6.11 -39.73
CA LEU A 90 -17.53 6.80 -38.93
C LEU A 90 -16.91 7.92 -38.10
N ASP A 91 -15.72 7.70 -37.54
CA ASP A 91 -15.02 8.79 -36.87
C ASP A 91 -14.57 9.86 -37.85
N VAL A 92 -14.35 9.51 -39.12
CA VAL A 92 -14.00 10.51 -40.12
C VAL A 92 -15.19 11.42 -40.40
N LEU A 93 -16.36 10.84 -40.67
CA LEU A 93 -17.53 11.65 -41.01
C LEU A 93 -18.07 12.42 -39.82
N ALA A 94 -17.81 11.96 -38.60
CA ALA A 94 -18.17 12.69 -37.39
C ALA A 94 -17.03 13.57 -36.88
N ALA A 95 -15.95 13.69 -37.66
CA ALA A 95 -14.83 14.57 -37.32
C ALA A 95 -14.24 14.22 -35.96
N ARG A 96 -14.10 12.92 -35.69
CA ARG A 96 -13.55 12.43 -34.44
C ARG A 96 -12.10 11.98 -34.57
N LYS A 97 -11.41 12.43 -35.62
CA LYS A 97 -10.03 12.03 -35.86
C LYS A 97 -9.18 13.27 -36.15
N ASP A 98 -7.90 13.02 -36.39
CA ASP A 98 -6.95 14.10 -36.64
C ASP A 98 -7.15 14.64 -38.05
N PRO A 99 -7.47 15.92 -38.23
CA PRO A 99 -7.64 16.46 -39.58
C PRO A 99 -6.40 16.34 -40.45
N SER A 100 -5.21 16.42 -39.84
CA SER A 100 -3.99 16.19 -40.62
C SER A 100 -3.91 14.77 -41.13
N GLY A 101 -4.44 13.80 -40.37
CA GLY A 101 -4.55 12.45 -40.90
C GLY A 101 -5.56 12.34 -42.02
N LEU A 102 -6.58 13.20 -42.02
CA LEU A 102 -7.56 13.24 -43.09
C LEU A 102 -6.97 13.88 -44.33
N SER A 103 -7.41 13.40 -45.50
CA SER A 103 -6.94 13.91 -46.78
C SER A 103 -8.05 14.59 -47.58
N GLY A 104 -9.17 13.90 -47.79
CA GLY A 104 -10.22 14.38 -48.66
C GLY A 104 -11.09 15.45 -48.02
N ASP A 105 -12.30 15.57 -48.56
CA ASP A 105 -13.24 16.59 -48.16
C ASP A 105 -14.46 15.97 -47.49
N VAL A 106 -15.18 16.79 -46.73
CA VAL A 106 -16.48 16.44 -46.18
C VAL A 106 -17.41 17.60 -46.53
N LEU A 107 -18.27 17.40 -47.52
CA LEU A 107 -19.13 18.44 -48.06
C LEU A 107 -20.57 18.15 -47.68
N ILE A 108 -21.23 19.13 -47.06
CA ILE A 108 -22.59 18.97 -46.55
C ILE A 108 -23.47 20.04 -47.18
N ASN A 109 -24.41 19.61 -48.02
CA ASN A 109 -25.36 20.52 -48.66
C ASN A 109 -24.65 21.66 -49.40
N GLY A 110 -23.53 21.32 -50.05
CA GLY A 110 -22.74 22.33 -50.73
C GLY A 110 -21.93 23.22 -49.81
N ALA A 111 -21.67 22.77 -48.59
CA ALA A 111 -20.87 23.52 -47.63
C ALA A 111 -19.96 22.58 -46.86
N PRO A 112 -18.73 22.98 -46.59
CA PRO A 112 -17.84 22.15 -45.77
C PRO A 112 -18.28 22.17 -44.31
N ARG A 113 -17.64 21.32 -43.52
CA ARG A 113 -17.93 21.27 -42.10
C ARG A 113 -17.39 22.51 -41.40
N PRO A 114 -18.25 23.32 -40.77
CA PRO A 114 -17.73 24.46 -40.00
C PRO A 114 -17.32 24.05 -38.60
N ALA A 115 -16.93 25.01 -37.77
CA ALA A 115 -16.74 24.74 -36.35
C ALA A 115 -18.07 24.49 -35.66
N ASN A 116 -19.18 24.88 -36.28
CA ASN A 116 -20.51 24.69 -35.73
C ASN A 116 -21.07 23.29 -35.98
N PHE A 117 -20.36 22.45 -36.74
CA PHE A 117 -20.89 21.13 -37.08
C PHE A 117 -20.96 20.23 -35.85
N LYS A 118 -19.92 20.25 -35.01
CA LYS A 118 -19.94 19.42 -33.81
C LYS A 118 -20.97 19.92 -32.79
N CYS A 119 -21.32 21.20 -32.85
CA CYS A 119 -22.28 21.77 -31.90
C CYS A 119 -23.72 21.55 -32.34
N ASN A 120 -23.96 20.90 -33.47
CA ASN A 120 -25.32 20.63 -33.93
C ASN A 120 -25.45 19.23 -34.52
N SER A 121 -24.63 18.29 -34.04
CA SER A 121 -24.69 16.90 -34.48
C SER A 121 -24.39 16.00 -33.30
N GLY A 122 -24.81 14.74 -33.39
CA GLY A 122 -24.65 13.90 -32.22
C GLY A 122 -24.05 12.53 -32.42
N TYR A 123 -22.91 12.26 -31.78
CA TYR A 123 -22.25 10.97 -31.86
C TYR A 123 -22.39 10.23 -30.53
N VAL A 124 -22.78 8.96 -30.59
CA VAL A 124 -23.06 8.17 -29.40
C VAL A 124 -22.01 7.07 -29.28
N VAL A 125 -21.33 7.02 -28.13
CA VAL A 125 -20.25 6.05 -27.94
C VAL A 125 -20.82 4.67 -27.66
N GLN A 126 -19.99 3.64 -27.90
CA GLN A 126 -20.46 2.27 -27.84
C GLN A 126 -20.87 1.87 -26.42
N ASP A 127 -20.05 2.20 -25.42
CA ASP A 127 -20.38 1.84 -24.06
C ASP A 127 -21.37 2.84 -23.47
N ASP A 128 -21.95 2.47 -22.33
CA ASP A 128 -22.95 3.31 -21.67
C ASP A 128 -22.26 4.53 -21.08
N VAL A 129 -22.33 5.66 -21.79
CA VAL A 129 -21.75 6.91 -21.30
C VAL A 129 -22.74 7.66 -20.42
N VAL A 130 -23.91 7.08 -20.16
CA VAL A 130 -24.92 7.72 -19.34
C VAL A 130 -24.51 7.64 -17.88
N MET A 131 -25.19 8.40 -17.02
CA MET A 131 -24.95 8.38 -15.59
C MET A 131 -25.95 7.42 -14.98
N GLY A 132 -25.58 6.13 -14.92
CA GLY A 132 -26.44 5.15 -14.29
C GLY A 132 -26.69 5.40 -12.82
N THR A 133 -25.83 6.19 -12.18
CA THR A 133 -26.04 6.58 -10.79
C THR A 133 -27.12 7.66 -10.66
N LEU A 134 -27.45 8.34 -11.73
CA LEU A 134 -28.54 9.31 -11.75
C LEU A 134 -29.74 8.72 -12.48
N THR A 135 -30.77 9.53 -12.67
CA THR A 135 -31.97 9.14 -13.39
C THR A 135 -32.05 9.87 -14.72
N VAL A 136 -33.01 9.44 -15.55
CA VAL A 136 -33.14 9.99 -16.89
C VAL A 136 -33.50 11.46 -16.85
N ARG A 137 -34.42 11.85 -15.97
CA ARG A 137 -34.81 13.25 -15.87
C ARG A 137 -33.62 14.13 -15.51
N GLU A 138 -32.83 13.71 -14.51
CA GLU A 138 -31.68 14.50 -14.10
C GLU A 138 -30.63 14.59 -15.20
N ASN A 139 -30.32 13.46 -15.84
CA ASN A 139 -29.27 13.47 -16.87
C ASN A 139 -29.70 14.27 -18.10
N LEU A 140 -30.96 14.20 -18.48
CA LEU A 140 -31.41 14.98 -19.62
C LEU A 140 -31.55 16.46 -19.29
N GLN A 141 -31.81 16.82 -18.03
CA GLN A 141 -31.66 18.22 -17.65
C GLN A 141 -30.21 18.67 -17.71
N PHE A 142 -29.26 17.80 -17.37
CA PHE A 142 -27.85 18.14 -17.54
C PHE A 142 -27.54 18.42 -19.01
N SER A 143 -27.93 17.50 -19.90
CA SER A 143 -27.62 17.68 -21.32
C SER A 143 -28.41 18.83 -21.94
N ALA A 144 -29.53 19.23 -21.33
CA ALA A 144 -30.23 20.43 -21.78
C ALA A 144 -29.53 21.70 -21.32
N ALA A 145 -28.89 21.67 -20.14
CA ALA A 145 -28.25 22.87 -19.62
C ALA A 145 -27.09 23.31 -20.50
N LEU A 146 -26.26 22.37 -20.96
CA LEU A 146 -25.02 22.69 -21.64
C LEU A 146 -25.14 22.74 -23.16
N ARG A 147 -26.33 22.54 -23.71
CA ARG A 147 -26.51 22.56 -25.15
C ARG A 147 -27.54 23.57 -25.62
N LEU A 148 -28.62 23.76 -24.86
CA LEU A 148 -29.60 24.77 -25.22
C LEU A 148 -29.06 26.16 -24.93
N ALA A 149 -29.67 27.16 -25.57
CA ALA A 149 -29.22 28.53 -25.42
C ALA A 149 -29.46 29.05 -24.02
N THR A 150 -28.58 29.96 -23.57
CA THR A 150 -28.78 30.61 -22.28
C THR A 150 -30.05 31.47 -22.28
N THR A 151 -30.44 31.99 -23.44
CA THR A 151 -31.65 32.80 -23.53
C THR A 151 -32.90 31.95 -23.37
N MET A 152 -32.83 30.67 -23.70
CA MET A 152 -34.00 29.81 -23.65
C MET A 152 -34.47 29.62 -22.21
N THR A 153 -35.78 29.46 -22.06
CA THR A 153 -36.42 29.42 -20.75
C THR A 153 -36.21 28.08 -20.07
N ASN A 154 -36.25 28.11 -18.72
CA ASN A 154 -36.27 26.86 -17.97
C ASN A 154 -37.57 26.11 -18.22
N HIS A 155 -38.65 26.82 -18.54
CA HIS A 155 -39.85 26.15 -19.03
C HIS A 155 -39.57 25.45 -20.35
N GLU A 156 -38.82 26.09 -21.24
CA GLU A 156 -38.43 25.44 -22.48
C GLU A 156 -37.49 24.27 -22.23
N LYS A 157 -36.64 24.37 -21.21
CA LYS A 157 -35.82 23.23 -20.81
C LYS A 157 -36.65 22.12 -20.18
N ASN A 158 -37.81 22.45 -19.61
CA ASN A 158 -38.74 21.43 -19.14
C ASN A 158 -39.49 20.77 -20.28
N GLU A 159 -39.82 21.54 -21.32
CA GLU A 159 -40.64 21.07 -22.42
C GLU A 159 -39.86 20.26 -23.46
N ARG A 160 -38.69 20.75 -23.86
CA ARG A 160 -37.96 20.09 -24.94
C ARG A 160 -37.48 18.70 -24.54
N ILE A 161 -37.19 18.48 -23.25
CA ILE A 161 -36.94 17.13 -22.77
C ILE A 161 -38.18 16.27 -22.96
N ASN A 162 -39.34 16.81 -22.59
CA ASN A 162 -40.60 16.08 -22.68
C ASN A 162 -41.07 15.88 -24.10
N ARG A 163 -40.47 16.58 -25.07
CA ARG A 163 -40.69 16.26 -26.48
C ARG A 163 -39.85 15.07 -26.93
N VAL A 164 -38.89 14.64 -26.13
CA VAL A 164 -37.93 13.60 -26.51
C VAL A 164 -38.10 12.35 -25.66
N ILE A 165 -38.12 12.51 -24.33
CA ILE A 165 -38.33 11.37 -23.45
C ILE A 165 -39.68 10.73 -23.73
N GLN A 166 -40.67 11.55 -24.08
CA GLN A 166 -41.95 11.01 -24.55
C GLN A 166 -41.78 10.26 -25.86
N GLU A 167 -40.86 10.71 -26.72
CA GLU A 167 -40.65 10.03 -28.00
C GLU A 167 -39.90 8.72 -27.83
N LEU A 168 -38.94 8.68 -26.89
CA LEU A 168 -38.13 7.48 -26.68
C LEU A 168 -38.88 6.36 -25.98
N GLY A 169 -40.08 6.62 -25.47
CA GLY A 169 -40.78 5.64 -24.66
C GLY A 169 -40.22 5.49 -23.27
N LEU A 170 -39.47 6.47 -22.79
CA LEU A 170 -38.84 6.41 -21.48
C LEU A 170 -39.64 7.17 -20.42
N ASP A 171 -40.94 7.39 -20.67
CA ASP A 171 -41.78 8.07 -19.68
C ASP A 171 -41.97 7.24 -18.42
N LYS A 172 -41.84 5.90 -18.51
CA LYS A 172 -41.93 5.07 -17.32
C LYS A 172 -40.71 5.26 -16.42
N VAL A 173 -39.54 5.48 -17.01
CA VAL A 173 -38.28 5.48 -16.26
C VAL A 173 -37.76 6.90 -16.14
N ALA A 174 -38.66 7.88 -16.15
CA ALA A 174 -38.25 9.28 -16.09
C ALA A 174 -37.48 9.58 -14.82
N ASP A 175 -38.07 9.25 -13.66
CA ASP A 175 -37.43 9.45 -12.38
C ASP A 175 -36.82 8.19 -11.81
N SER A 176 -36.93 7.07 -12.52
CA SER A 176 -36.29 5.84 -12.09
C SER A 176 -34.78 5.92 -12.31
N LYS A 177 -34.01 5.54 -11.30
CA LYS A 177 -32.56 5.55 -11.45
C LYS A 177 -32.13 4.59 -12.56
N VAL A 178 -31.16 5.03 -13.36
CA VAL A 178 -30.83 4.31 -14.59
C VAL A 178 -30.22 2.95 -14.26
N GLY A 179 -29.24 2.92 -13.37
CA GLY A 179 -28.70 1.64 -12.94
C GLY A 179 -27.20 1.56 -12.79
N THR A 180 -26.76 0.95 -11.69
CA THR A 180 -25.35 0.67 -11.42
C THR A 180 -25.20 -0.81 -11.09
N GLN A 181 -23.96 -1.24 -10.96
CA GLN A 181 -23.72 -2.61 -10.49
C GLN A 181 -24.24 -2.79 -9.06
N PHE A 182 -24.14 -1.75 -8.23
CA PHE A 182 -24.53 -1.82 -6.84
C PHE A 182 -25.88 -1.17 -6.55
N ILE A 183 -26.50 -0.54 -7.55
CA ILE A 183 -27.84 0.01 -7.43
C ILE A 183 -28.66 -0.51 -8.60
N ARG A 184 -29.72 -1.25 -8.30
CA ARG A 184 -30.58 -1.80 -9.35
C ARG A 184 -31.30 -0.68 -10.08
N GLY A 185 -31.31 -0.75 -11.41
CA GLY A 185 -31.90 0.29 -12.23
C GLY A 185 -32.53 -0.23 -13.50
N VAL A 186 -32.64 0.65 -14.50
CA VAL A 186 -33.30 0.31 -15.75
C VAL A 186 -32.43 -0.65 -16.56
N SER A 187 -33.08 -1.43 -17.42
CA SER A 187 -32.36 -2.36 -18.28
C SER A 187 -31.50 -1.61 -19.28
N GLY A 188 -30.41 -2.27 -19.71
CA GLY A 188 -29.45 -1.63 -20.62
C GLY A 188 -30.03 -1.26 -21.97
N GLY A 189 -31.03 -2.01 -22.45
CA GLY A 189 -31.67 -1.68 -23.69
C GLY A 189 -32.24 -0.28 -23.72
N GLU A 190 -32.56 0.29 -22.55
CA GLU A 190 -32.95 1.68 -22.45
C GLU A 190 -31.84 2.57 -21.94
N ARG A 191 -30.73 2.02 -21.47
CA ARG A 191 -29.52 2.83 -21.32
C ARG A 191 -29.05 3.34 -22.68
N LYS A 192 -29.16 2.49 -23.70
CA LYS A 192 -28.87 2.94 -25.06
C LYS A 192 -29.79 4.10 -25.46
N ARG A 193 -31.09 3.95 -25.18
CA ARG A 193 -32.03 5.04 -25.43
C ARG A 193 -31.69 6.29 -24.64
N THR A 194 -31.20 6.11 -23.40
CA THR A 194 -30.83 7.26 -22.58
C THR A 194 -29.71 8.05 -23.22
N SER A 195 -28.68 7.37 -23.72
CA SER A 195 -27.60 8.08 -24.40
C SER A 195 -28.11 8.78 -25.65
N ILE A 196 -28.95 8.10 -26.44
CA ILE A 196 -29.46 8.73 -27.65
C ILE A 196 -30.25 9.99 -27.32
N GLY A 197 -31.07 9.94 -26.27
CA GLY A 197 -31.75 11.15 -25.82
C GLY A 197 -30.80 12.23 -25.37
N MET A 198 -29.68 11.84 -24.74
CA MET A 198 -28.65 12.81 -24.41
C MET A 198 -28.09 13.49 -25.65
N GLU A 199 -28.10 12.82 -26.80
CA GLU A 199 -27.64 13.41 -28.05
C GLU A 199 -28.78 13.82 -28.98
N LEU A 200 -29.88 14.32 -28.41
CA LEU A 200 -31.00 14.82 -29.20
C LEU A 200 -31.60 16.09 -28.61
N ILE A 201 -30.80 16.88 -27.88
CA ILE A 201 -31.35 17.99 -27.12
C ILE A 201 -31.73 19.15 -28.03
N THR A 202 -30.75 19.70 -28.75
CA THR A 202 -30.98 20.85 -29.61
C THR A 202 -31.50 20.45 -30.99
N ASP A 203 -32.06 19.24 -31.11
CA ASP A 203 -32.58 18.71 -32.37
C ASP A 203 -31.48 18.69 -33.43
N PRO A 204 -30.45 17.86 -33.28
CA PRO A 204 -29.46 17.71 -34.34
C PRO A 204 -30.05 16.93 -35.51
N SER A 205 -29.83 17.44 -36.72
CA SER A 205 -30.32 16.76 -37.91
C SER A 205 -29.46 15.57 -38.30
N ILE A 206 -28.24 15.49 -37.78
CA ILE A 206 -27.27 14.47 -38.19
C ILE A 206 -26.86 13.67 -36.95
N LEU A 207 -27.23 12.39 -36.96
CA LEU A 207 -26.96 11.47 -35.86
C LEU A 207 -25.90 10.46 -36.28
N PHE A 208 -25.05 10.09 -35.34
CA PHE A 208 -23.98 9.13 -35.52
C PHE A 208 -23.99 8.17 -34.34
N LEU A 209 -23.85 6.88 -34.62
CA LEU A 209 -23.93 5.85 -33.59
C LEU A 209 -22.74 4.91 -33.70
N ASP A 210 -22.07 4.66 -32.59
CA ASP A 210 -21.00 3.68 -32.52
C ASP A 210 -21.57 2.36 -32.04
N GLU A 211 -21.72 1.44 -33.01
CA GLU A 211 -22.21 0.09 -32.79
C GLU A 211 -23.47 0.03 -31.95
N PRO A 212 -24.61 0.36 -32.55
CA PRO A 212 -25.90 0.41 -31.84
C PRO A 212 -26.41 -0.95 -31.39
N THR A 213 -25.84 -2.06 -31.87
CA THR A 213 -26.33 -3.38 -31.52
C THR A 213 -25.47 -4.12 -30.51
N THR A 214 -24.16 -3.86 -30.50
CA THR A 214 -23.27 -4.56 -29.59
C THR A 214 -23.50 -4.10 -28.16
N GLY A 215 -23.63 -5.06 -27.24
CA GLY A 215 -23.95 -4.78 -25.86
C GLY A 215 -25.40 -5.00 -25.50
N LEU A 216 -26.24 -5.41 -26.45
CA LEU A 216 -27.66 -5.63 -26.21
C LEU A 216 -28.06 -6.99 -26.77
N ASP A 217 -29.18 -7.50 -26.27
CA ASP A 217 -29.72 -8.76 -26.77
C ASP A 217 -30.45 -8.53 -28.10
N SER A 218 -30.97 -9.61 -28.69
CA SER A 218 -31.52 -9.53 -30.03
C SER A 218 -32.79 -8.68 -30.06
N SER A 219 -33.85 -9.14 -29.39
CA SER A 219 -35.06 -8.35 -29.32
C SER A 219 -34.86 -7.08 -28.52
N THR A 220 -33.82 -7.04 -27.68
CA THR A 220 -33.47 -5.81 -26.98
C THR A 220 -33.02 -4.73 -27.97
N ALA A 221 -32.16 -5.12 -28.92
CA ALA A 221 -31.66 -4.17 -29.91
C ALA A 221 -32.70 -3.83 -30.96
N ASN A 222 -33.65 -4.73 -31.22
CA ASN A 222 -34.68 -4.40 -32.19
C ASN A 222 -35.53 -3.21 -31.75
N ALA A 223 -35.79 -3.09 -30.44
CA ALA A 223 -36.55 -1.95 -29.93
C ALA A 223 -35.77 -0.64 -30.07
N VAL A 224 -34.43 -0.71 -30.02
CA VAL A 224 -33.63 0.48 -30.30
C VAL A 224 -33.71 0.84 -31.78
N LEU A 225 -33.60 -0.17 -32.64
CA LEU A 225 -33.55 0.09 -34.08
C LEU A 225 -34.89 0.53 -34.64
N LEU A 226 -36.01 0.06 -34.07
CA LEU A 226 -37.31 0.57 -34.50
C LEU A 226 -37.53 2.00 -34.06
N LEU A 227 -37.02 2.37 -32.88
CA LEU A 227 -37.02 3.78 -32.48
C LEU A 227 -36.21 4.62 -33.46
N LEU A 228 -35.04 4.11 -33.87
CA LEU A 228 -34.23 4.83 -34.85
C LEU A 228 -34.92 4.88 -36.21
N LYS A 229 -35.67 3.83 -36.57
CA LYS A 229 -36.47 3.85 -37.79
C LYS A 229 -37.56 4.90 -37.72
N ARG A 230 -38.19 5.06 -36.54
CA ARG A 230 -39.06 6.20 -36.32
C ARG A 230 -38.31 7.51 -36.52
N MET A 231 -37.04 7.55 -36.11
CA MET A 231 -36.19 8.70 -36.40
C MET A 231 -35.72 8.74 -37.85
N SER A 232 -35.84 7.64 -38.58
CA SER A 232 -35.37 7.59 -39.96
C SER A 232 -36.28 8.37 -40.91
N LYS A 233 -37.50 8.68 -40.50
CA LYS A 233 -38.44 9.39 -41.36
C LYS A 233 -38.78 10.79 -40.85
N GLN A 234 -38.32 11.17 -39.66
CA GLN A 234 -38.55 12.50 -39.12
C GLN A 234 -37.47 13.50 -39.50
N GLY A 235 -36.78 13.27 -40.62
CA GLY A 235 -35.72 14.16 -41.05
C GLY A 235 -34.49 14.11 -40.16
N ARG A 236 -34.05 12.89 -39.84
CA ARG A 236 -32.84 12.69 -39.05
C ARG A 236 -31.97 11.65 -39.75
N THR A 237 -30.78 12.06 -40.16
CA THR A 237 -29.87 11.21 -40.93
C THR A 237 -29.00 10.43 -39.95
N ILE A 238 -29.28 9.15 -39.79
CA ILE A 238 -28.55 8.30 -38.86
C ILE A 238 -27.44 7.58 -39.62
N ILE A 239 -26.22 7.70 -39.13
CA ILE A 239 -25.04 7.10 -39.73
C ILE A 239 -24.35 6.30 -38.63
N PHE A 240 -24.17 5.00 -38.84
CA PHE A 240 -23.71 4.11 -37.78
C PHE A 240 -22.90 2.98 -38.40
N SER A 241 -22.51 2.03 -37.55
CA SER A 241 -21.73 0.87 -37.96
C SER A 241 -22.10 -0.29 -37.06
N ILE A 242 -22.39 -1.45 -37.65
CA ILE A 242 -22.83 -2.63 -36.91
C ILE A 242 -21.88 -3.77 -37.21
N HIS A 243 -21.37 -4.40 -36.16
CA HIS A 243 -20.66 -5.67 -36.32
C HIS A 243 -21.63 -6.84 -36.19
N GLN A 244 -21.44 -7.85 -37.03
CA GLN A 244 -22.31 -9.01 -37.17
C GLN A 244 -23.78 -8.61 -37.16
N PRO A 245 -24.27 -8.00 -38.25
CA PRO A 245 -25.69 -7.61 -38.32
C PRO A 245 -26.62 -8.79 -38.58
N ARG A 246 -27.91 -8.49 -38.79
CA ARG A 246 -28.92 -9.52 -38.98
C ARG A 246 -29.91 -9.04 -40.03
N TYR A 247 -30.61 -9.99 -40.66
CA TYR A 247 -31.55 -9.63 -41.71
C TYR A 247 -32.75 -8.84 -41.19
N SER A 248 -33.17 -9.08 -39.94
CA SER A 248 -34.19 -8.23 -39.34
C SER A 248 -33.72 -6.79 -39.27
N ILE A 249 -32.43 -6.58 -38.98
CA ILE A 249 -31.84 -5.25 -39.05
C ILE A 249 -31.68 -4.80 -40.50
N PHE A 250 -31.28 -5.74 -41.37
CA PHE A 250 -30.94 -5.39 -42.75
C PHE A 250 -32.16 -4.99 -43.59
N LYS A 251 -33.36 -5.38 -43.18
CA LYS A 251 -34.55 -5.16 -43.99
C LYS A 251 -35.14 -3.76 -43.85
N LEU A 252 -34.53 -2.88 -43.05
CA LEU A 252 -35.12 -1.58 -42.78
C LEU A 252 -34.19 -0.41 -43.10
N PHE A 253 -33.10 -0.65 -43.83
CA PHE A 253 -32.14 0.41 -44.10
C PHE A 253 -32.58 1.28 -45.28
N ASP A 254 -31.77 2.28 -45.59
CA ASP A 254 -31.95 3.12 -46.77
C ASP A 254 -30.70 3.20 -47.61
N SER A 255 -29.52 3.18 -46.99
CA SER A 255 -28.26 3.21 -47.72
C SER A 255 -27.23 2.36 -46.99
N LEU A 256 -26.29 1.82 -47.76
CA LEU A 256 -25.41 0.77 -47.27
C LEU A 256 -23.99 1.01 -47.76
N THR A 257 -23.02 0.54 -46.96
CA THR A 257 -21.61 0.66 -47.29
C THR A 257 -20.86 -0.49 -46.63
N LEU A 258 -19.90 -1.06 -47.35
CA LEU A 258 -19.11 -2.19 -46.87
C LEU A 258 -17.62 -1.85 -46.92
N LEU A 259 -16.92 -2.09 -45.82
CA LEU A 259 -15.48 -1.87 -45.74
C LEU A 259 -14.79 -3.15 -45.27
N ALA A 260 -13.60 -3.40 -45.82
CA ALA A 260 -12.84 -4.59 -45.48
C ALA A 260 -11.35 -4.30 -45.67
N SER A 261 -10.59 -4.36 -44.58
CA SER A 261 -9.15 -4.14 -44.62
C SER A 261 -8.81 -2.79 -45.28
N GLY A 262 -9.61 -1.78 -44.95
CA GLY A 262 -9.38 -0.47 -45.53
C GLY A 262 -9.74 -0.34 -46.98
N ARG A 263 -10.58 -1.23 -47.51
CA ARG A 263 -11.00 -1.20 -48.90
C ARG A 263 -12.52 -1.10 -48.97
N LEU A 264 -13.00 -0.28 -49.89
CA LEU A 264 -14.43 -0.07 -50.10
C LEU A 264 -14.98 -1.09 -51.07
N MET A 265 -16.13 -1.68 -50.74
CA MET A 265 -16.72 -2.71 -51.59
C MET A 265 -18.15 -2.43 -52.03
N PHE A 266 -18.87 -1.51 -51.40
CA PHE A 266 -20.23 -1.22 -51.83
C PHE A 266 -20.59 0.21 -51.49
N HIS A 267 -21.44 0.81 -52.31
CA HIS A 267 -22.08 2.07 -51.99
C HIS A 267 -23.43 2.12 -52.70
N GLY A 268 -24.37 2.82 -52.07
CA GLY A 268 -25.70 2.95 -52.62
C GLY A 268 -26.77 2.48 -51.64
N PRO A 269 -28.00 2.33 -52.14
CA PRO A 269 -29.08 1.85 -51.26
C PRO A 269 -28.83 0.41 -50.82
N ALA A 270 -29.50 0.04 -49.72
CA ALA A 270 -29.23 -1.23 -49.07
C ALA A 270 -29.84 -2.42 -49.78
N GLN A 271 -30.91 -2.23 -50.56
CA GLN A 271 -31.58 -3.37 -51.19
C GLN A 271 -30.70 -4.02 -52.24
N GLU A 272 -29.97 -3.21 -53.02
CA GLU A 272 -29.28 -3.69 -54.21
C GLU A 272 -27.96 -4.38 -53.91
N ALA A 273 -27.51 -4.41 -52.65
CA ALA A 273 -26.30 -5.16 -52.33
C ALA A 273 -26.46 -6.62 -52.73
N LEU A 274 -27.54 -7.26 -52.29
CA LEU A 274 -27.82 -8.63 -52.72
C LEU A 274 -27.95 -8.72 -54.23
N GLY A 275 -28.39 -7.64 -54.88
CA GLY A 275 -28.50 -7.65 -56.33
C GLY A 275 -27.16 -7.52 -57.02
N TYR A 276 -26.17 -6.93 -56.36
CA TYR A 276 -24.91 -6.68 -57.05
C TYR A 276 -23.96 -7.85 -56.92
N PHE A 277 -23.85 -8.44 -55.73
CA PHE A 277 -22.89 -9.51 -55.50
C PHE A 277 -23.24 -10.79 -56.23
N GLU A 278 -24.45 -10.90 -56.77
CA GLU A 278 -24.75 -11.98 -57.70
C GLU A 278 -23.91 -11.85 -58.96
N SER A 279 -23.77 -10.62 -59.48
CA SER A 279 -22.96 -10.39 -60.66
C SER A 279 -21.46 -10.52 -60.38
N ALA A 280 -21.05 -10.47 -59.12
CA ALA A 280 -19.65 -10.66 -58.79
C ALA A 280 -19.18 -12.08 -59.03
N GLY A 281 -20.10 -13.03 -59.11
CA GLY A 281 -19.74 -14.41 -59.39
C GLY A 281 -20.34 -15.40 -58.40
N TYR A 282 -20.97 -14.88 -57.35
CA TYR A 282 -21.57 -15.71 -56.32
C TYR A 282 -23.07 -15.88 -56.54
N HIS A 283 -23.68 -16.70 -55.69
CA HIS A 283 -25.12 -16.80 -55.59
C HIS A 283 -25.49 -17.10 -54.15
N CYS A 284 -26.44 -16.35 -53.61
CA CYS A 284 -26.87 -16.56 -52.24
C CYS A 284 -27.66 -17.87 -52.16
N GLU A 285 -27.13 -18.83 -51.39
CA GLU A 285 -27.73 -20.15 -51.35
C GLU A 285 -29.07 -20.12 -50.61
N ALA A 286 -29.76 -21.25 -50.66
CA ALA A 286 -31.10 -21.35 -50.08
C ALA A 286 -31.04 -21.21 -48.56
N TYR A 287 -31.81 -20.28 -48.02
CA TYR A 287 -31.94 -20.06 -46.58
C TYR A 287 -30.59 -19.75 -45.94
N ASN A 288 -30.06 -18.60 -46.35
CA ASN A 288 -28.86 -18.02 -45.76
C ASN A 288 -29.13 -16.55 -45.46
N ASN A 289 -28.47 -16.06 -44.41
CA ASN A 289 -28.63 -14.65 -44.04
C ASN A 289 -27.92 -13.76 -45.06
N PRO A 290 -28.65 -12.85 -45.74
CA PRO A 290 -27.96 -11.99 -46.72
C PRO A 290 -26.85 -11.16 -46.13
N ALA A 291 -27.04 -10.63 -44.92
CA ALA A 291 -25.99 -9.82 -44.29
C ALA A 291 -24.80 -10.66 -43.87
N ASP A 292 -24.99 -11.97 -43.65
CA ASP A 292 -23.88 -12.87 -43.40
C ASP A 292 -23.30 -13.44 -44.68
N PHE A 293 -24.11 -13.55 -45.73
CA PHE A 293 -23.58 -13.94 -47.03
C PHE A 293 -22.73 -12.84 -47.65
N PHE A 294 -22.93 -11.58 -47.22
CA PHE A 294 -22.07 -10.50 -47.69
C PHE A 294 -20.67 -10.61 -47.11
N LEU A 295 -20.51 -11.23 -45.94
CA LEU A 295 -19.19 -11.57 -45.41
C LEU A 295 -18.72 -12.95 -45.84
N ASP A 296 -19.57 -13.71 -46.51
CA ASP A 296 -19.12 -14.98 -47.09
C ASP A 296 -18.14 -14.74 -48.23
N ILE A 297 -18.21 -13.58 -48.86
CA ILE A 297 -17.31 -13.23 -49.95
C ILE A 297 -15.92 -12.88 -49.43
N ILE A 298 -15.83 -12.43 -48.18
CA ILE A 298 -14.63 -11.73 -47.71
C ILE A 298 -13.46 -12.69 -47.54
N ASN A 299 -13.61 -13.67 -46.65
CA ASN A 299 -12.49 -14.46 -46.15
C ASN A 299 -12.35 -15.79 -46.87
N GLY A 300 -12.63 -15.83 -48.17
CA GLY A 300 -12.44 -17.04 -48.96
C GLY A 300 -13.50 -18.08 -48.72
N ASP A 301 -14.76 -17.71 -48.95
CA ASP A 301 -15.89 -18.60 -48.75
C ASP A 301 -15.89 -19.18 -47.34
N LEU A 328 -6.71 -11.55 -53.33
CA LEU A 328 -8.14 -11.76 -53.12
C LEU A 328 -8.84 -10.43 -52.82
N ILE A 329 -8.30 -9.68 -51.87
CA ILE A 329 -8.84 -8.35 -51.57
C ILE A 329 -8.70 -7.43 -52.78
N GLU A 330 -7.54 -7.49 -53.43
CA GLU A 330 -7.30 -6.66 -54.60
C GLU A 330 -8.28 -6.98 -55.74
N LYS A 331 -8.59 -8.27 -55.92
CA LYS A 331 -9.51 -8.67 -56.99
C LYS A 331 -10.92 -8.10 -56.77
N LEU A 332 -11.44 -8.23 -55.54
CA LEU A 332 -12.77 -7.70 -55.26
C LEU A 332 -12.80 -6.19 -55.34
N ALA A 333 -11.74 -5.51 -54.90
CA ALA A 333 -11.70 -4.06 -55.06
C ALA A 333 -11.71 -3.67 -56.53
N GLU A 334 -10.99 -4.40 -57.38
CA GLU A 334 -11.04 -4.12 -58.82
C GLU A 334 -12.43 -4.34 -59.38
N ILE A 335 -13.17 -5.30 -58.83
CA ILE A 335 -14.59 -5.42 -59.22
C ILE A 335 -15.33 -4.14 -58.87
N TYR A 336 -15.09 -3.61 -57.67
CA TYR A 336 -15.82 -2.40 -57.25
C TYR A 336 -15.44 -1.18 -58.09
N VAL A 337 -14.20 -1.11 -58.58
CA VAL A 337 -13.81 0.03 -59.41
C VAL A 337 -14.64 0.06 -60.68
N ASN A 338 -14.98 -1.11 -61.23
CA ASN A 338 -15.83 -1.23 -62.40
C ASN A 338 -17.29 -1.48 -62.04
N SER A 339 -17.74 -0.92 -60.92
CA SER A 339 -19.13 -1.04 -60.52
C SER A 339 -19.93 0.17 -61.00
N SER A 340 -21.09 -0.10 -61.58
CA SER A 340 -21.97 0.99 -62.01
C SER A 340 -22.49 1.80 -60.82
N PHE A 341 -22.67 1.14 -59.67
CA PHE A 341 -22.99 1.88 -58.46
C PHE A 341 -21.93 2.92 -58.13
N TYR A 342 -20.66 2.63 -58.46
CA TYR A 342 -19.62 3.63 -58.29
C TYR A 342 -19.66 4.67 -59.40
N LYS A 343 -20.09 4.30 -60.61
CA LYS A 343 -20.07 5.28 -61.70
C LYS A 343 -21.13 6.35 -61.53
N GLU A 344 -22.32 5.98 -61.04
CA GLU A 344 -23.30 7.03 -60.73
C GLU A 344 -22.78 7.96 -59.64
N THR A 345 -22.12 7.40 -58.62
CA THR A 345 -21.56 8.23 -57.57
C THR A 345 -20.40 9.07 -58.10
N LYS A 346 -19.69 8.57 -59.11
CA LYS A 346 -18.65 9.36 -59.75
C LYS A 346 -19.24 10.54 -60.49
N ALA A 347 -20.41 10.36 -61.10
CA ALA A 347 -21.15 11.43 -61.74
C ALA A 347 -21.97 12.26 -60.76
N GLU A 348 -21.92 11.92 -59.48
CA GLU A 348 -22.57 12.74 -58.44
C GLU A 348 -21.58 13.54 -57.60
N LEU A 349 -20.52 12.91 -57.09
CA LEU A 349 -19.56 13.60 -56.24
C LEU A 349 -18.87 14.72 -56.99
N HIS A 350 -18.48 14.48 -58.24
CA HIS A 350 -17.81 15.51 -59.02
C HIS A 350 -18.76 16.60 -59.49
N GLN A 351 -20.07 16.38 -59.41
CA GLN A 351 -20.99 17.50 -59.42
C GLN A 351 -20.94 18.24 -58.08
N LEU A 352 -20.73 17.51 -56.99
CA LEU A 352 -20.59 18.15 -55.68
C LEU A 352 -19.20 18.74 -55.49
N SER A 353 -18.16 17.93 -55.65
CA SER A 353 -16.80 18.41 -55.49
C SER A 353 -16.38 19.39 -56.58
N GLY A 354 -17.10 19.44 -57.69
CA GLY A 354 -16.83 20.39 -58.74
C GLY A 354 -17.56 21.70 -58.52
N SER A 372 -22.58 29.64 -21.27
CA SER A 372 -21.85 30.59 -20.44
C SER A 372 -21.11 29.88 -19.31
N PHE A 373 -19.98 30.46 -18.90
CA PHE A 373 -19.08 29.76 -17.98
C PHE A 373 -19.74 29.50 -16.63
N CYS A 374 -20.40 30.50 -16.07
CA CYS A 374 -21.07 30.30 -14.78
C CYS A 374 -22.15 29.24 -14.91
N HIS A 375 -22.88 29.25 -16.03
CA HIS A 375 -23.83 28.17 -16.31
C HIS A 375 -23.12 26.86 -16.60
N GLN A 376 -21.96 26.91 -17.26
CA GLN A 376 -21.19 25.71 -17.51
C GLN A 376 -20.58 25.11 -16.26
N LEU A 377 -20.58 25.85 -15.14
CA LEU A 377 -20.16 25.33 -13.85
C LEU A 377 -21.34 25.09 -12.92
N ARG A 378 -22.51 25.65 -13.23
CA ARG A 378 -23.69 25.48 -12.39
C ARG A 378 -24.21 24.05 -12.43
N TRP A 379 -24.08 23.37 -13.57
CA TRP A 379 -24.67 22.05 -13.74
C TRP A 379 -23.66 20.92 -13.84
N VAL A 380 -22.41 21.21 -14.23
CA VAL A 380 -21.39 20.16 -14.22
C VAL A 380 -21.07 19.74 -12.80
N SER A 381 -21.06 20.68 -11.87
CA SER A 381 -20.86 20.33 -10.46
C SER A 381 -21.99 19.46 -9.94
N LYS A 382 -23.24 19.77 -10.30
CA LYS A 382 -24.38 19.02 -9.80
C LYS A 382 -24.36 17.56 -10.25
N ARG A 383 -23.96 17.30 -11.50
CA ARG A 383 -24.03 15.95 -12.04
C ARG A 383 -23.10 15.02 -11.28
N SER A 384 -21.84 15.41 -11.12
CA SER A 384 -20.92 14.60 -10.33
C SER A 384 -21.29 14.61 -8.86
N PHE A 385 -21.96 15.66 -8.36
CA PHE A 385 -22.43 15.64 -7.00
C PHE A 385 -23.46 14.53 -6.78
N LYS A 386 -24.38 14.36 -7.73
CA LYS A 386 -25.36 13.28 -7.63
C LYS A 386 -24.75 11.92 -7.95
N ASN A 387 -23.67 11.88 -8.73
CA ASN A 387 -22.88 10.65 -8.82
C ASN A 387 -22.30 10.31 -7.45
N LEU A 388 -21.82 11.33 -6.73
CA LEU A 388 -21.23 11.12 -5.41
C LEU A 388 -22.27 10.66 -4.39
N LEU A 389 -23.47 11.23 -4.43
CA LEU A 389 -24.53 10.77 -3.55
C LEU A 389 -25.04 9.39 -3.96
N GLY A 390 -25.09 9.13 -5.26
CA GLY A 390 -25.64 7.89 -5.76
C GLY A 390 -24.64 6.76 -5.86
N ASN A 391 -23.75 6.67 -4.87
CA ASN A 391 -22.81 5.56 -4.80
C ASN A 391 -22.31 5.39 -3.36
N PRO A 392 -23.11 4.77 -2.49
CA PRO A 392 -22.64 4.57 -1.11
C PRO A 392 -21.40 3.69 -1.01
N GLN A 393 -21.24 2.74 -1.94
CA GLN A 393 -20.13 1.79 -1.91
C GLN A 393 -18.79 2.44 -2.23
N ALA A 394 -18.77 3.71 -2.64
CA ALA A 394 -17.53 4.44 -2.88
C ALA A 394 -17.43 5.69 -2.03
N SER A 395 -18.56 6.28 -1.64
CA SER A 395 -18.56 7.47 -0.79
C SER A 395 -18.69 7.09 0.68
N ILE A 396 -19.77 6.40 1.04
CA ILE A 396 -19.96 5.97 2.43
C ILE A 396 -18.93 4.90 2.80
N ALA A 397 -18.61 4.02 1.85
CA ALA A 397 -17.66 2.95 2.13
C ALA A 397 -16.26 3.47 2.44
N GLN A 398 -15.94 4.67 1.99
CA GLN A 398 -14.67 5.31 2.34
C GLN A 398 -14.80 6.21 3.56
N ILE A 399 -16.01 6.39 4.07
CA ILE A 399 -16.21 7.02 5.38
C ILE A 399 -16.21 5.98 6.49
N ILE A 400 -16.92 4.89 6.29
CA ILE A 400 -17.03 3.94 7.35
C ILE A 400 -15.65 3.60 7.74
N VAL A 401 -14.76 3.38 6.80
CA VAL A 401 -13.43 2.94 7.15
C VAL A 401 -12.74 3.99 7.93
N THR A 402 -12.96 5.23 7.57
CA THR A 402 -12.22 6.29 8.22
C THR A 402 -12.80 6.22 9.53
N VAL A 403 -14.11 6.05 9.62
CA VAL A 403 -14.63 6.11 10.98
C VAL A 403 -14.02 4.99 11.83
N VAL A 404 -14.02 3.74 11.44
CA VAL A 404 -13.39 2.70 12.23
C VAL A 404 -11.96 2.98 12.58
N LEU A 405 -11.13 3.36 11.64
CA LEU A 405 -9.70 3.55 11.88
C LEU A 405 -9.48 4.67 12.80
N GLY A 406 -10.43 5.57 12.81
CA GLY A 406 -10.27 6.73 13.61
C GLY A 406 -10.63 6.19 14.95
N LEU A 407 -11.55 5.21 14.96
CA LEU A 407 -11.77 4.72 16.31
C LEU A 407 -10.68 3.76 16.76
N VAL A 408 -10.20 2.89 15.87
CA VAL A 408 -9.16 1.94 16.24
C VAL A 408 -7.90 2.69 16.66
N ILE A 409 -7.48 3.67 15.87
CA ILE A 409 -6.35 4.51 16.26
C ILE A 409 -6.67 5.27 17.53
N GLY A 410 -7.96 5.56 17.77
CA GLY A 410 -8.35 6.18 19.02
C GLY A 410 -8.21 5.24 20.20
N ALA A 411 -8.30 3.93 19.95
CA ALA A 411 -8.18 2.95 21.02
C ALA A 411 -6.75 2.48 21.25
N ILE A 412 -5.95 2.40 20.18
CA ILE A 412 -4.58 1.94 20.32
C ILE A 412 -3.77 2.91 21.16
N TYR A 413 -3.89 4.21 20.86
CA TYR A 413 -3.05 5.23 21.49
C TYR A 413 -3.69 5.80 22.75
N PHE A 414 -4.87 6.41 22.63
CA PHE A 414 -5.71 6.74 23.77
C PHE A 414 -5.01 7.44 24.93
N GLY A 415 -4.66 8.71 24.75
CA GLY A 415 -4.08 9.44 25.85
C GLY A 415 -2.57 9.30 25.91
N LEU A 416 -1.93 9.75 24.84
CA LEU A 416 -0.49 9.62 24.70
C LEU A 416 0.22 10.19 25.92
N LYS A 417 1.02 9.36 26.57
CA LYS A 417 1.71 9.77 27.79
C LYS A 417 2.90 10.66 27.47
N ASN A 418 3.24 11.52 28.43
CA ASN A 418 4.42 12.36 28.32
C ASN A 418 5.63 11.71 28.98
N ASP A 419 5.91 10.47 28.58
CA ASP A 419 7.05 9.70 29.09
C ASP A 419 7.98 9.35 27.92
N SER A 420 8.98 8.52 28.21
CA SER A 420 9.97 8.18 27.20
C SER A 420 9.36 7.53 25.97
N THR A 421 8.20 6.89 26.11
CA THR A 421 7.53 6.29 24.97
C THR A 421 6.62 7.27 24.23
N GLY A 422 6.42 8.48 24.78
CA GLY A 422 5.52 9.43 24.16
C GLY A 422 5.97 9.89 22.79
N ILE A 423 7.28 10.08 22.62
CA ILE A 423 7.80 10.51 21.32
C ILE A 423 7.46 9.48 20.25
N GLN A 424 7.69 8.20 20.54
CA GLN A 424 7.42 7.16 19.56
C GLN A 424 5.95 7.14 19.18
N ASN A 425 5.05 7.24 20.15
CA ASN A 425 3.62 7.17 19.87
C ASN A 425 3.14 8.37 19.07
N ARG A 426 3.52 9.58 19.49
CA ARG A 426 3.06 10.77 18.78
C ARG A 426 3.59 10.79 17.36
N ALA A 427 4.89 10.54 17.18
CA ALA A 427 5.44 10.48 15.83
C ALA A 427 4.82 9.35 15.01
N GLY A 428 4.53 8.21 15.63
CA GLY A 428 3.91 7.12 14.91
C GLY A 428 2.52 7.43 14.41
N VAL A 429 1.69 8.04 15.27
CA VAL A 429 0.32 8.35 14.86
C VAL A 429 0.33 9.43 13.79
N LEU A 430 1.11 10.49 13.99
CA LEU A 430 1.24 11.58 13.02
C LEU A 430 1.76 11.01 11.73
N PHE A 431 2.66 10.08 11.78
CA PHE A 431 3.10 9.40 10.58
C PHE A 431 2.02 8.62 9.98
N PHE A 432 1.22 7.98 10.80
CA PHE A 432 0.29 7.08 10.22
C PHE A 432 -0.79 7.88 9.56
N LEU A 433 -1.20 8.99 10.08
CA LEU A 433 -2.25 9.83 9.52
C LEU A 433 -1.85 10.42 8.18
N THR A 434 -0.65 11.03 8.11
CA THR A 434 -0.14 11.58 6.87
C THR A 434 -0.12 10.49 5.80
N THR A 435 0.35 9.30 6.21
CA THR A 435 0.41 8.24 5.23
C THR A 435 -0.96 7.84 4.79
N ASN A 436 -1.92 7.81 5.69
CA ASN A 436 -3.23 7.34 5.34
C ASN A 436 -3.85 8.27 4.34
N GLN A 437 -3.64 9.58 4.54
CA GLN A 437 -4.21 10.53 3.62
C GLN A 437 -3.62 10.33 2.23
N CYS A 438 -2.31 10.16 2.16
CA CYS A 438 -1.69 9.94 0.88
C CYS A 438 -2.26 8.69 0.22
N PHE A 439 -2.43 7.60 0.95
CA PHE A 439 -2.97 6.43 0.32
C PHE A 439 -4.44 6.49 -0.16
N SER A 440 -5.31 7.15 0.59
CA SER A 440 -6.67 7.33 0.02
C SER A 440 -6.60 8.26 -1.24
N SER A 441 -5.57 9.06 -1.27
CA SER A 441 -5.47 9.92 -2.37
C SER A 441 -5.27 9.05 -3.60
N VAL A 442 -4.79 7.84 -3.45
CA VAL A 442 -4.48 7.00 -4.59
C VAL A 442 -5.72 6.49 -5.26
N SER A 443 -6.90 6.71 -4.69
CA SER A 443 -8.14 6.33 -5.37
C SER A 443 -8.65 7.48 -6.20
N ALA A 444 -7.94 8.60 -6.23
CA ALA A 444 -8.30 9.75 -7.06
C ALA A 444 -8.22 9.38 -8.50
N VAL A 445 -7.34 8.48 -8.83
CA VAL A 445 -7.17 8.05 -10.18
C VAL A 445 -8.45 7.50 -10.64
N GLU A 446 -9.23 6.94 -9.75
CA GLU A 446 -10.46 6.30 -10.14
C GLU A 446 -11.43 7.35 -10.57
N LEU A 447 -11.26 8.55 -10.08
CA LEU A 447 -12.13 9.62 -10.60
C LEU A 447 -11.91 9.83 -12.09
N PHE A 448 -10.70 10.24 -12.47
CA PHE A 448 -10.46 10.63 -13.86
C PHE A 448 -10.35 9.44 -14.80
N VAL A 449 -9.74 8.33 -14.35
CA VAL A 449 -9.53 7.23 -15.30
C VAL A 449 -10.86 6.64 -15.75
N VAL A 450 -11.83 6.54 -14.84
CA VAL A 450 -13.14 6.02 -15.22
C VAL A 450 -13.88 7.04 -16.08
N GLU A 451 -13.76 8.32 -15.77
CA GLU A 451 -14.46 9.38 -16.47
C GLU A 451 -13.69 9.90 -17.68
N LYS A 452 -12.67 9.18 -18.14
CA LYS A 452 -11.85 9.67 -19.25
C LYS A 452 -12.62 9.63 -20.57
N LYS A 453 -13.23 8.49 -20.89
CA LYS A 453 -13.93 8.37 -22.17
C LYS A 453 -15.13 9.30 -22.23
N LEU A 454 -15.87 9.43 -21.13
CA LEU A 454 -16.95 10.40 -21.08
C LEU A 454 -16.43 11.82 -21.26
N PHE A 455 -15.28 12.14 -20.66
CA PHE A 455 -14.71 13.47 -20.86
C PHE A 455 -14.37 13.71 -22.32
N ILE A 456 -13.78 12.73 -23.00
CA ILE A 456 -13.42 12.90 -24.40
C ILE A 456 -14.65 13.17 -25.24
N HIS A 457 -15.68 12.31 -25.11
CA HIS A 457 -16.87 12.50 -25.94
C HIS A 457 -17.56 13.82 -25.63
N GLU A 458 -17.68 14.16 -24.35
CA GLU A 458 -18.40 15.37 -23.97
C GLU A 458 -17.68 16.65 -24.37
N TYR A 459 -16.34 16.67 -24.37
CA TYR A 459 -15.68 17.87 -24.85
C TYR A 459 -15.69 17.98 -26.36
N ILE A 460 -15.55 16.87 -27.09
CA ILE A 460 -15.64 17.00 -28.54
C ILE A 460 -17.05 17.39 -28.95
N SER A 461 -18.06 16.99 -28.18
CA SER A 461 -19.41 17.50 -28.41
C SER A 461 -19.51 18.98 -28.07
N GLY A 462 -18.70 19.45 -27.13
CA GLY A 462 -18.66 20.87 -26.80
C GLY A 462 -19.59 21.28 -25.66
N TYR A 463 -19.77 20.40 -24.69
CA TYR A 463 -20.61 20.72 -23.53
C TYR A 463 -19.99 21.74 -22.61
N TYR A 464 -18.67 21.94 -22.67
CA TYR A 464 -17.99 22.73 -21.67
C TYR A 464 -16.62 23.15 -22.18
N ARG A 465 -16.10 24.23 -21.63
CA ARG A 465 -14.68 24.49 -21.74
C ARG A 465 -13.94 23.58 -20.77
N VAL A 466 -12.69 23.26 -21.10
CA VAL A 466 -11.93 22.32 -20.29
C VAL A 466 -11.77 22.85 -18.87
N SER A 467 -11.56 24.17 -18.73
CA SER A 467 -11.44 24.74 -17.40
C SER A 467 -12.77 24.70 -16.65
N SER A 468 -13.90 24.75 -17.36
CA SER A 468 -15.18 24.59 -16.67
C SER A 468 -15.33 23.19 -16.10
N TYR A 469 -14.98 22.16 -16.89
CA TYR A 469 -14.94 20.80 -16.37
C TYR A 469 -14.00 20.70 -15.19
N PHE A 470 -12.85 21.36 -15.26
CA PHE A 470 -11.80 21.24 -14.27
C PHE A 470 -12.09 22.01 -12.98
N LEU A 471 -12.78 23.14 -13.07
CA LEU A 471 -13.23 23.88 -11.90
C LEU A 471 -14.55 23.35 -11.35
N GLY A 472 -15.25 22.52 -12.11
CA GLY A 472 -16.48 21.93 -11.62
C GLY A 472 -16.30 20.58 -10.94
N LYS A 473 -15.58 19.65 -11.59
CA LYS A 473 -15.43 18.34 -10.99
C LYS A 473 -14.60 18.39 -9.71
N LEU A 474 -13.57 19.23 -9.66
CA LEU A 474 -12.82 19.40 -8.43
C LEU A 474 -13.69 20.01 -7.33
N LEU A 475 -14.64 20.87 -7.72
CA LEU A 475 -15.60 21.39 -6.76
C LEU A 475 -16.59 20.32 -6.33
N SER A 476 -16.80 19.31 -7.16
CA SER A 476 -17.80 18.28 -6.91
C SER A 476 -17.23 17.06 -6.19
N ASP A 477 -16.00 16.68 -6.46
CA ASP A 477 -15.47 15.46 -5.86
C ASP A 477 -14.17 15.69 -5.08
N LEU A 478 -13.27 16.53 -5.59
CA LEU A 478 -12.04 16.80 -4.85
C LEU A 478 -12.32 17.56 -3.56
N LEU A 479 -13.33 18.43 -3.56
CA LEU A 479 -13.60 19.25 -2.37
C LEU A 479 -14.26 18.45 -1.27
N PRO A 480 -15.43 17.85 -1.46
CA PRO A 480 -16.16 17.27 -0.32
C PRO A 480 -15.57 15.97 0.19
N MET A 481 -15.12 15.10 -0.72
CA MET A 481 -14.60 13.79 -0.33
C MET A 481 -13.26 13.87 0.39
N ARG A 482 -12.62 15.04 0.43
CA ARG A 482 -11.39 15.22 1.16
C ARG A 482 -11.51 16.23 2.30
N MET A 483 -12.57 17.03 2.33
CA MET A 483 -12.85 17.82 3.54
C MET A 483 -13.39 16.94 4.66
N LEU A 484 -14.10 15.87 4.32
CA LEU A 484 -14.74 15.06 5.36
C LEU A 484 -13.75 14.21 6.14
N PRO A 485 -12.97 13.32 5.51
CA PRO A 485 -12.02 12.50 6.31
C PRO A 485 -11.01 13.34 7.07
N SER A 486 -10.62 14.49 6.53
CA SER A 486 -9.79 15.43 7.26
C SER A 486 -10.52 16.06 8.44
N ILE A 487 -11.84 15.88 8.52
CA ILE A 487 -12.59 16.25 9.71
C ILE A 487 -12.97 15.04 10.55
N ILE A 488 -13.23 13.88 9.94
CA ILE A 488 -13.55 12.69 10.72
C ILE A 488 -12.35 12.26 11.56
N PHE A 489 -11.18 12.12 10.92
CA PHE A 489 -9.96 11.85 11.66
C PHE A 489 -9.75 12.91 12.74
N THR A 490 -9.90 14.18 12.35
CA THR A 490 -9.55 15.28 13.23
C THR A 490 -10.43 15.31 14.48
N CYS A 491 -11.74 15.10 14.31
CA CYS A 491 -12.66 15.13 15.44
C CYS A 491 -12.51 13.90 16.32
N ILE A 492 -12.26 12.73 15.73
CA ILE A 492 -12.21 11.51 16.53
C ILE A 492 -10.88 11.40 17.27
N VAL A 493 -9.76 11.33 16.54
CA VAL A 493 -8.49 10.96 17.15
C VAL A 493 -7.83 12.10 17.92
N TYR A 494 -8.42 13.29 17.93
CA TYR A 494 -7.78 14.40 18.61
C TYR A 494 -7.95 14.31 20.12
N PHE A 495 -9.20 14.20 20.58
CA PHE A 495 -9.47 14.23 22.01
C PHE A 495 -9.40 12.87 22.67
N MET A 496 -9.50 11.78 21.91
CA MET A 496 -9.21 10.47 22.47
C MET A 496 -7.72 10.33 22.77
N LEU A 497 -6.86 10.64 21.79
CA LEU A 497 -5.43 10.61 22.00
C LEU A 497 -4.94 11.70 22.93
N GLY A 498 -5.71 12.78 23.08
CA GLY A 498 -5.25 13.90 23.87
C GLY A 498 -4.16 14.71 23.21
N LEU A 499 -4.26 14.93 21.90
CA LEU A 499 -3.32 15.82 21.23
C LEU A 499 -3.52 17.25 21.71
N LYS A 500 -2.49 18.07 21.54
CA LYS A 500 -2.28 19.33 22.27
C LYS A 500 -3.59 20.06 22.53
N PRO A 501 -3.97 20.26 23.79
CA PRO A 501 -5.33 20.73 24.13
C PRO A 501 -5.49 22.24 23.99
N LYS A 502 -5.23 22.74 22.78
CA LYS A 502 -5.47 24.14 22.44
C LYS A 502 -6.51 24.22 21.34
N ALA A 503 -7.11 25.40 21.20
CA ALA A 503 -8.12 25.61 20.17
C ALA A 503 -7.50 25.70 18.78
N ASP A 504 -6.38 26.43 18.66
CA ASP A 504 -5.79 26.67 17.34
C ASP A 504 -5.12 25.41 16.79
N ALA A 505 -4.49 24.61 17.66
CA ALA A 505 -3.80 23.41 17.19
C ALA A 505 -4.76 22.38 16.62
N PHE A 506 -5.97 22.29 17.18
CA PHE A 506 -6.98 21.41 16.61
C PHE A 506 -7.24 21.77 15.15
N PHE A 507 -7.43 23.06 14.87
CA PHE A 507 -7.70 23.49 13.51
C PHE A 507 -6.48 23.51 12.62
N VAL A 508 -5.28 23.70 13.19
CA VAL A 508 -4.07 23.56 12.40
C VAL A 508 -3.93 22.13 11.90
N MET A 509 -4.17 21.15 12.78
CA MET A 509 -4.16 19.75 12.36
C MET A 509 -5.26 19.48 11.34
N MET A 510 -6.46 20.03 11.57
CA MET A 510 -7.54 19.88 10.61
C MET A 510 -7.14 20.37 9.23
N PHE A 511 -6.61 21.59 9.15
CA PHE A 511 -6.22 22.18 7.88
C PHE A 511 -5.03 21.47 7.25
N THR A 512 -4.08 20.99 8.06
CA THR A 512 -2.92 20.31 7.51
C THR A 512 -3.31 18.97 6.89
N LEU A 513 -4.16 18.20 7.56
CA LEU A 513 -4.66 16.98 6.95
C LEU A 513 -5.45 17.29 5.69
N MET A 514 -6.25 18.36 5.71
CA MET A 514 -6.98 18.74 4.51
C MET A 514 -6.03 19.03 3.36
N MET A 515 -4.97 19.78 3.62
CA MET A 515 -4.02 20.17 2.57
C MET A 515 -3.25 18.96 2.04
N VAL A 516 -2.81 18.06 2.93
CA VAL A 516 -2.08 16.90 2.44
C VAL A 516 -2.98 15.96 1.67
N ALA A 517 -4.25 15.81 2.06
CA ALA A 517 -5.19 15.08 1.24
C ALA A 517 -5.28 15.71 -0.15
N TYR A 518 -5.44 17.04 -0.21
CA TYR A 518 -5.53 17.72 -1.49
C TYR A 518 -4.27 17.54 -2.31
N SER A 519 -3.10 17.62 -1.67
CA SER A 519 -1.83 17.60 -2.40
C SER A 519 -1.54 16.21 -2.97
N ALA A 520 -1.74 15.17 -2.15
CA ALA A 520 -1.60 13.82 -2.68
C ALA A 520 -2.62 13.54 -3.77
N SER A 521 -3.86 14.04 -3.63
CA SER A 521 -4.83 13.88 -4.70
C SER A 521 -4.42 14.65 -5.95
N SER A 522 -3.80 15.81 -5.80
CA SER A 522 -3.37 16.59 -6.94
C SER A 522 -2.26 15.88 -7.70
N MET A 523 -1.31 15.27 -6.98
CA MET A 523 -0.24 14.50 -7.62
C MET A 523 -0.83 13.33 -8.25
N ALA A 524 -1.64 12.61 -7.58
CA ALA A 524 -2.25 11.53 -8.26
C ALA A 524 -3.01 12.03 -9.42
N LEU A 525 -3.68 13.16 -9.34
CA LEU A 525 -4.42 13.55 -10.53
C LEU A 525 -3.51 13.87 -11.69
N ALA A 526 -2.39 14.53 -11.48
CA ALA A 526 -1.48 14.77 -12.57
C ALA A 526 -0.95 13.48 -13.17
N ILE A 527 -0.62 12.50 -12.37
CA ILE A 527 -0.17 11.25 -12.93
C ILE A 527 -1.29 10.59 -13.71
N ALA A 528 -2.51 10.70 -13.26
CA ALA A 528 -3.58 9.99 -13.91
C ALA A 528 -4.36 10.81 -14.86
N ALA A 529 -3.83 11.93 -15.24
CA ALA A 529 -4.52 12.69 -16.28
C ALA A 529 -4.12 12.18 -17.66
N GLY A 530 -5.11 11.84 -18.48
CA GLY A 530 -4.83 11.37 -19.82
C GLY A 530 -4.36 9.95 -19.92
N GLN A 531 -4.72 9.09 -18.96
CA GLN A 531 -4.38 7.67 -19.00
C GLN A 531 -5.65 6.86 -18.76
N SER A 532 -5.96 5.97 -19.70
CA SER A 532 -7.12 5.09 -19.57
C SER A 532 -6.82 3.83 -18.79
N VAL A 533 -5.55 3.53 -18.53
CA VAL A 533 -5.18 2.34 -17.76
C VAL A 533 -5.19 2.69 -16.28
N VAL A 534 -5.60 1.73 -15.46
CA VAL A 534 -5.59 1.87 -14.01
C VAL A 534 -4.36 1.24 -13.39
N SER A 535 -4.03 0.02 -13.82
CA SER A 535 -2.95 -0.74 -13.18
C SER A 535 -1.58 -0.10 -13.35
N VAL A 536 -1.44 0.73 -14.37
CA VAL A 536 -0.16 1.41 -14.63
C VAL A 536 0.14 2.46 -13.63
N ALA A 537 -0.71 3.46 -13.60
CA ALA A 537 -0.56 4.57 -12.68
C ALA A 537 -0.65 4.15 -11.28
N THR A 538 -1.56 3.26 -10.97
CA THR A 538 -1.74 2.89 -9.59
C THR A 538 -0.45 2.31 -9.15
N LEU A 539 0.21 1.56 -10.01
CA LEU A 539 1.52 1.06 -9.67
C LEU A 539 2.50 2.19 -9.48
N LEU A 540 2.45 3.19 -10.34
CA LEU A 540 3.36 4.32 -10.20
C LEU A 540 3.13 5.13 -8.97
N MET A 541 1.88 5.41 -8.63
CA MET A 541 1.63 6.27 -7.49
C MET A 541 2.08 5.52 -6.27
N THR A 542 1.85 4.23 -6.21
CA THR A 542 2.33 3.53 -5.08
C THR A 542 3.80 3.65 -5.11
N ILE A 543 4.46 3.55 -6.24
CA ILE A 543 5.91 3.61 -6.17
C ILE A 543 6.37 4.94 -5.71
N CYS A 544 5.75 6.01 -6.14
CA CYS A 544 6.27 7.27 -5.75
C CYS A 544 6.11 7.40 -4.30
N PHE A 545 4.96 7.02 -3.78
CA PHE A 545 4.73 7.26 -2.38
C PHE A 545 5.69 6.48 -1.52
N VAL A 546 5.95 5.23 -1.85
CA VAL A 546 6.81 4.40 -1.05
C VAL A 546 8.17 4.99 -1.03
N PHE A 547 8.56 5.82 -2.01
CA PHE A 547 9.81 6.55 -1.99
C PHE A 547 9.71 7.84 -1.20
N MET A 548 8.59 8.54 -1.29
CA MET A 548 8.37 9.76 -0.53
C MET A 548 8.37 9.49 0.94
N MET A 549 7.75 8.40 1.34
CA MET A 549 7.73 8.01 2.73
C MET A 549 9.11 7.67 3.22
N ILE A 550 9.93 7.04 2.39
CA ILE A 550 11.23 6.78 2.89
C ILE A 550 11.87 8.10 3.25
N PHE A 551 11.50 9.19 2.58
CA PHE A 551 12.06 10.53 3.03
C PHE A 551 11.28 11.40 4.04
N SER A 552 10.00 11.12 4.31
CA SER A 552 9.09 11.84 5.21
C SER A 552 9.75 12.24 6.52
N GLY A 553 10.74 11.48 6.98
CA GLY A 553 11.50 11.83 8.16
C GLY A 553 11.46 10.81 9.28
N LEU A 554 10.62 9.77 9.20
CA LEU A 554 10.57 8.77 10.25
C LEU A 554 11.48 7.59 9.97
N LEU A 555 11.45 7.07 8.75
CA LEU A 555 12.24 5.89 8.40
C LEU A 555 13.72 6.20 8.22
N VAL A 556 14.09 7.46 8.05
CA VAL A 556 15.49 7.86 7.96
C VAL A 556 15.58 9.31 8.42
N ASN A 557 16.63 9.62 9.17
CA ASN A 557 16.82 10.99 9.64
C ASN A 557 17.35 11.83 8.49
N LEU A 558 16.61 12.88 8.15
CA LEU A 558 16.88 13.62 6.91
C LEU A 558 18.21 14.36 6.95
N THR A 559 18.67 14.75 8.14
CA THR A 559 19.96 15.43 8.22
C THR A 559 21.13 14.49 7.99
N THR A 560 20.93 13.19 8.17
CA THR A 560 21.98 12.19 8.04
C THR A 560 21.95 11.48 6.69
N ILE A 561 21.56 12.19 5.63
CA ILE A 561 21.59 11.65 4.27
C ILE A 561 22.72 12.35 3.52
N ALA A 562 23.35 11.62 2.60
CA ALA A 562 24.41 12.19 1.80
C ALA A 562 23.89 13.39 1.02
N SER A 563 24.72 14.44 0.95
CA SER A 563 24.25 15.74 0.49
C SER A 563 23.82 15.76 -0.96
N TRP A 564 24.14 14.73 -1.75
CA TRP A 564 23.61 14.64 -3.11
C TRP A 564 22.29 13.88 -3.17
N LEU A 565 21.74 13.51 -2.01
CA LEU A 565 20.37 13.01 -1.90
C LEU A 565 19.47 13.92 -1.10
N SER A 566 20.00 14.82 -0.27
CA SER A 566 19.19 15.68 0.58
C SER A 566 18.43 16.73 -0.19
N TRP A 567 18.56 16.78 -1.52
CA TRP A 567 17.68 17.60 -2.33
C TRP A 567 16.39 16.88 -2.71
N LEU A 568 16.35 15.55 -2.55
CA LEU A 568 15.14 14.79 -2.81
C LEU A 568 14.10 14.93 -1.72
N GLN A 569 14.49 15.42 -0.53
CA GLN A 569 13.55 15.58 0.57
C GLN A 569 12.55 16.70 0.33
N TYR A 570 12.65 17.42 -0.79
CA TYR A 570 11.72 18.48 -1.11
C TYR A 570 10.61 18.03 -2.06
N PHE A 571 10.78 16.90 -2.74
CA PHE A 571 9.81 16.38 -3.68
C PHE A 571 8.85 15.38 -3.06
N SER A 572 8.59 15.49 -1.75
CA SER A 572 7.82 14.48 -1.03
C SER A 572 6.66 15.14 -0.30
N ILE A 573 5.43 14.81 -0.70
CA ILE A 573 4.25 15.35 -0.01
C ILE A 573 4.18 14.86 1.42
N PRO A 574 4.38 13.57 1.72
CA PRO A 574 4.34 13.13 3.13
C PRO A 574 5.40 13.80 4.00
N ARG A 575 6.35 14.53 3.43
CA ARG A 575 7.30 15.25 4.26
C ARG A 575 6.68 16.52 4.83
N TYR A 576 6.00 17.31 3.99
CA TYR A 576 5.54 18.62 4.44
C TYR A 576 4.40 18.51 5.44
N GLY A 577 3.42 17.64 5.17
CA GLY A 577 2.33 17.47 6.12
C GLY A 577 2.82 16.89 7.44
N PHE A 578 3.69 15.88 7.36
CA PHE A 578 4.24 15.27 8.57
C PHE A 578 5.10 16.25 9.36
N THR A 579 5.87 17.09 8.65
CA THR A 579 6.63 18.14 9.29
C THR A 579 5.70 19.13 9.97
N ALA A 580 4.61 19.51 9.30
CA ALA A 580 3.66 20.45 9.89
C ALA A 580 3.01 19.87 11.13
N LEU A 581 2.65 18.59 11.10
CA LEU A 581 2.03 17.96 12.27
C LEU A 581 3.03 17.85 13.43
N GLN A 582 4.27 17.46 13.13
CA GLN A 582 5.28 17.45 14.19
C GLN A 582 5.53 18.84 14.75
N HIS A 583 5.47 19.87 13.91
CA HIS A 583 5.61 21.25 14.38
C HIS A 583 4.39 21.68 15.17
N ASN A 584 3.21 21.20 14.80
CA ASN A 584 1.97 21.60 15.44
C ASN A 584 1.87 21.01 16.84
N GLU A 585 2.37 19.79 17.04
CA GLU A 585 2.14 19.08 18.28
C GLU A 585 3.33 19.06 19.23
N PHE A 586 4.57 19.09 18.73
CA PHE A 586 5.75 18.89 19.57
C PHE A 586 6.31 20.19 20.15
N LEU A 587 5.52 21.26 20.21
CA LEU A 587 6.08 22.54 20.66
C LEU A 587 6.14 22.61 22.19
N GLY A 588 4.99 22.58 22.85
CA GLY A 588 4.95 22.71 24.29
C GLY A 588 5.13 21.43 25.06
N GLN A 589 5.41 20.33 24.39
CA GLN A 589 5.45 19.02 25.04
C GLN A 589 6.75 18.81 25.80
N ASN A 590 6.71 17.87 26.74
CA ASN A 590 7.89 17.35 27.41
C ASN A 590 7.75 15.84 27.50
N PHE A 591 8.89 15.14 27.51
CA PHE A 591 8.87 13.69 27.43
C PHE A 591 9.79 13.00 28.42
N CYS A 592 10.48 13.74 29.29
CA CYS A 592 11.25 13.16 30.38
C CYS A 592 10.58 13.55 31.68
N PRO A 593 9.63 12.75 32.18
CA PRO A 593 8.91 13.14 33.39
C PRO A 593 9.84 13.25 34.58
N GLY A 594 9.60 14.26 35.41
CA GLY A 594 10.48 14.57 36.51
C GLY A 594 11.72 15.34 36.11
N LEU A 595 11.96 15.50 34.82
CA LEU A 595 13.15 16.19 34.34
C LEU A 595 12.69 17.37 33.47
N ASN A 596 12.63 18.56 34.08
CA ASN A 596 12.41 19.77 33.31
C ASN A 596 13.64 20.05 32.45
N ALA A 597 13.45 20.12 31.14
CA ALA A 597 14.57 20.21 30.22
C ALA A 597 14.71 21.57 29.55
N THR A 598 13.67 22.42 29.61
CA THR A 598 13.68 23.67 28.86
C THR A 598 14.69 24.68 29.39
N GLY A 599 15.12 24.56 30.64
CA GLY A 599 16.15 25.45 31.16
C GLY A 599 17.53 24.93 30.84
N ASN A 600 17.78 23.66 31.18
CA ASN A 600 18.99 22.97 30.81
C ASN A 600 18.66 21.51 30.57
N ASN A 601 19.35 20.91 29.59
CA ASN A 601 19.26 19.47 29.37
C ASN A 601 20.58 18.85 29.77
N PRO A 602 20.75 18.48 31.03
CA PRO A 602 21.93 17.70 31.41
C PRO A 602 21.88 16.33 30.76
N CYS A 603 23.06 15.77 30.49
CA CYS A 603 23.10 14.41 29.97
C CYS A 603 22.37 14.27 28.64
N ASN A 604 22.93 14.86 27.58
CA ASN A 604 22.28 14.89 26.28
C ASN A 604 22.25 13.48 25.67
N TYR A 605 21.84 13.40 24.40
CA TYR A 605 21.41 12.16 23.77
C TYR A 605 20.10 11.67 24.39
N ALA A 606 19.33 12.61 24.93
CA ALA A 606 18.16 12.31 25.74
C ALA A 606 16.83 12.58 25.07
N THR A 607 16.73 13.67 24.31
CA THR A 607 15.46 14.08 23.69
C THR A 607 14.38 14.26 24.76
N CYS A 608 14.63 15.21 25.65
CA CYS A 608 13.78 15.45 26.82
C CYS A 608 12.80 16.59 26.62
N THR A 609 12.62 17.07 25.39
CA THR A 609 11.59 18.05 25.11
C THR A 609 11.20 17.94 23.64
N GLY A 610 10.06 18.53 23.30
CA GLY A 610 9.59 18.47 21.93
C GLY A 610 10.51 19.14 20.94
N GLU A 611 11.14 20.25 21.35
CA GLU A 611 12.03 20.96 20.44
C GLU A 611 13.26 20.15 20.09
N GLU A 612 13.80 19.38 21.04
CA GLU A 612 14.98 18.57 20.73
C GLU A 612 14.66 17.52 19.67
N TYR A 613 13.52 16.84 19.81
CA TYR A 613 13.12 15.90 18.76
C TYR A 613 12.86 16.63 17.45
N LEU A 614 12.23 17.81 17.51
CA LEU A 614 11.86 18.52 16.30
C LEU A 614 13.08 19.01 15.53
N VAL A 615 14.08 19.54 16.25
CA VAL A 615 15.30 20.01 15.60
C VAL A 615 16.13 18.83 15.10
N LYS A 616 16.22 17.77 15.90
CA LYS A 616 17.00 16.61 15.48
C LYS A 616 16.47 16.00 14.19
N GLN A 617 15.20 16.23 13.86
CA GLN A 617 14.64 15.80 12.58
C GLN A 617 14.93 16.78 11.45
N GLY A 618 15.54 17.92 11.75
CA GLY A 618 15.78 18.93 10.74
C GLY A 618 14.53 19.71 10.39
N ILE A 619 13.85 20.22 11.42
CA ILE A 619 12.60 20.95 11.25
C ILE A 619 12.69 22.29 11.96
N ASP A 620 12.22 23.33 11.30
CA ASP A 620 12.33 24.68 11.84
C ASP A 620 11.48 24.84 13.09
N LEU A 621 11.90 25.75 13.97
CA LEU A 621 11.15 26.09 15.17
C LEU A 621 10.43 27.42 15.07
N SER A 622 10.81 28.27 14.12
CA SER A 622 10.11 29.54 13.95
C SER A 622 8.71 29.29 13.41
N PRO A 623 7.75 30.18 13.71
CA PRO A 623 6.38 29.98 13.22
C PRO A 623 6.28 29.98 11.72
N TRP A 624 7.27 30.50 10.99
CA TRP A 624 7.30 30.31 9.55
C TRP A 624 7.55 28.85 9.19
N GLY A 625 8.22 28.11 10.07
CA GLY A 625 8.50 26.71 9.79
C GLY A 625 7.25 25.86 9.67
N LEU A 626 6.14 26.30 10.26
CA LEU A 626 4.88 25.59 10.13
C LEU A 626 4.24 25.85 8.77
N TRP A 627 4.05 27.13 8.44
CA TRP A 627 3.31 27.50 7.25
C TRP A 627 4.14 27.48 5.99
N LYS A 628 5.46 27.31 6.11
CA LYS A 628 6.29 27.01 4.95
C LYS A 628 5.84 25.71 4.30
N ASN A 629 5.52 24.71 5.12
CA ASN A 629 4.98 23.46 4.61
C ASN A 629 3.66 23.70 3.89
N HIS A 630 2.80 24.57 4.44
CA HIS A 630 1.51 24.81 3.82
C HIS A 630 1.63 25.53 2.50
N VAL A 631 2.51 26.53 2.41
CA VAL A 631 2.71 27.20 1.12
C VAL A 631 3.38 26.28 0.12
N ALA A 632 4.28 25.41 0.57
CA ALA A 632 4.84 24.39 -0.33
C ALA A 632 3.74 23.48 -0.85
N LEU A 633 2.83 23.05 0.02
CA LEU A 633 1.74 22.17 -0.39
C LEU A 633 0.74 22.90 -1.29
N ALA A 634 0.49 24.18 -1.03
CA ALA A 634 -0.39 24.96 -1.90
C ALA A 634 0.21 25.12 -3.29
N CYS A 635 1.51 25.41 -3.35
CA CYS A 635 2.17 25.48 -4.65
C CYS A 635 2.16 24.13 -5.35
N MET A 636 2.35 23.04 -4.61
CA MET A 636 2.29 21.72 -5.23
C MET A 636 0.88 21.39 -5.71
N ILE A 637 -0.16 21.82 -4.99
CA ILE A 637 -1.52 21.65 -5.48
C ILE A 637 -1.69 22.38 -6.80
N VAL A 638 -1.30 23.66 -6.83
CA VAL A 638 -1.51 24.44 -8.04
C VAL A 638 -0.70 23.88 -9.20
N ILE A 639 0.54 23.46 -8.95
CA ILE A 639 1.40 22.95 -10.00
C ILE A 639 0.85 21.63 -10.55
N PHE A 640 0.47 20.72 -9.65
CA PHE A 640 -0.02 19.43 -10.11
C PHE A 640 -1.38 19.54 -10.77
N LEU A 641 -2.23 20.47 -10.30
CA LEU A 641 -3.47 20.73 -11.00
C LEU A 641 -3.24 21.37 -12.35
N THR A 642 -2.20 22.19 -12.48
CA THR A 642 -1.88 22.76 -13.79
C THR A 642 -1.34 21.70 -14.74
N ILE A 643 -0.54 20.76 -14.22
CA ILE A 643 -0.08 19.65 -15.04
C ILE A 643 -1.26 18.80 -15.46
N ALA A 644 -2.20 18.57 -14.56
CA ALA A 644 -3.43 17.87 -14.92
C ALA A 644 -4.23 18.67 -15.95
N TYR A 645 -4.28 19.99 -15.80
CA TYR A 645 -5.03 20.83 -16.73
C TYR A 645 -4.40 20.81 -18.11
N LEU A 646 -3.08 20.83 -18.19
CA LEU A 646 -2.40 20.78 -19.48
C LEU A 646 -2.54 19.40 -20.11
N LYS A 647 -2.42 18.33 -19.31
CA LYS A 647 -2.62 16.99 -19.85
C LYS A 647 -4.03 16.81 -20.37
N LEU A 648 -5.03 17.39 -19.68
CA LEU A 648 -6.39 17.37 -20.18
C LEU A 648 -6.60 18.33 -21.34
N LEU A 649 -5.71 19.31 -21.52
CA LEU A 649 -5.80 20.24 -22.63
C LEU A 649 -5.02 19.75 -23.85
N PHE A 650 -3.76 19.38 -23.65
CA PHE A 650 -2.91 18.87 -24.72
C PHE A 650 -3.12 17.39 -25.01
N LEU A 651 -4.23 16.83 -24.52
CA LEU A 651 -4.51 15.42 -24.76
C LEU A 651 -4.91 15.19 -26.20
N LYS A 652 -4.52 14.04 -26.74
CA LYS A 652 -4.97 13.65 -28.07
C LYS A 652 -6.42 13.20 -28.01
N LYS A 653 -7.35 14.15 -28.12
CA LYS A 653 -8.77 13.83 -28.03
C LYS A 653 -9.26 12.96 -29.18
N TYR A 654 -8.55 12.95 -30.30
CA TYR A 654 -9.03 12.29 -31.50
C TYR A 654 -8.73 10.79 -31.49
N ALA B 35 -22.15 -45.82 -29.06
CA ALA B 35 -22.13 -45.10 -27.79
C ALA B 35 -23.12 -43.93 -27.80
N VAL B 36 -24.07 -43.95 -26.88
CA VAL B 36 -25.12 -42.95 -26.84
C VAL B 36 -25.28 -42.41 -25.43
N LEU B 37 -25.76 -41.18 -25.34
CA LEU B 37 -26.19 -40.59 -24.07
C LEU B 37 -27.71 -40.65 -23.98
N SER B 38 -28.22 -40.61 -22.76
CA SER B 38 -29.67 -40.62 -22.55
C SER B 38 -29.98 -40.00 -21.20
N PHE B 39 -31.19 -39.45 -21.09
CA PHE B 39 -31.58 -38.82 -19.84
C PHE B 39 -33.10 -38.76 -19.75
N HIS B 40 -33.61 -38.49 -18.56
CA HIS B 40 -35.06 -38.51 -18.34
C HIS B 40 -35.40 -37.78 -17.04
N ASN B 41 -36.34 -36.84 -17.12
CA ASN B 41 -36.98 -36.21 -15.95
C ASN B 41 -35.95 -35.56 -15.02
N ILE B 42 -35.31 -34.52 -15.55
CA ILE B 42 -34.27 -33.80 -14.82
C ILE B 42 -34.89 -32.53 -14.23
N CYS B 43 -34.94 -32.46 -12.91
CA CYS B 43 -35.30 -31.24 -12.19
C CYS B 43 -34.05 -30.71 -11.50
N TYR B 44 -33.64 -29.49 -11.82
CA TYR B 44 -32.46 -28.88 -11.22
C TYR B 44 -32.85 -27.57 -10.57
N ARG B 45 -32.54 -27.44 -9.29
CA ARG B 45 -32.75 -26.23 -8.50
C ARG B 45 -31.41 -25.75 -7.95
N VAL B 46 -31.46 -24.77 -7.06
CA VAL B 46 -30.26 -24.29 -6.38
C VAL B 46 -29.73 -25.40 -5.46
N LYS B 61 -34.08 -23.07 -6.70
CA LYS B 61 -34.76 -22.39 -7.79
C LYS B 61 -34.66 -23.19 -9.08
N GLU B 62 -35.79 -23.79 -9.47
CA GLU B 62 -35.83 -24.65 -10.64
C GLU B 62 -35.81 -23.87 -11.95
N ILE B 63 -34.62 -23.58 -12.49
CA ILE B 63 -34.60 -23.08 -13.85
C ILE B 63 -34.46 -24.28 -14.77
N LEU B 64 -35.51 -25.09 -14.81
CA LEU B 64 -35.71 -26.31 -15.58
C LEU B 64 -37.04 -26.87 -15.12
N SER B 65 -37.65 -27.73 -15.94
CA SER B 65 -38.70 -28.61 -15.44
C SER B 65 -38.32 -30.08 -15.60
N ASN B 66 -38.06 -30.52 -16.83
CA ASN B 66 -37.61 -31.88 -17.09
C ASN B 66 -37.28 -31.98 -18.58
N ILE B 67 -36.15 -32.61 -18.90
CA ILE B 67 -35.64 -32.69 -20.26
C ILE B 67 -35.48 -34.16 -20.62
N ASN B 68 -35.97 -34.53 -21.79
CA ASN B 68 -35.99 -35.93 -22.22
C ASN B 68 -35.33 -36.06 -23.58
N GLY B 69 -34.44 -37.04 -23.71
CA GLY B 69 -33.84 -37.31 -25.00
C GLY B 69 -32.61 -38.19 -24.89
N ILE B 70 -32.15 -38.61 -26.06
CA ILE B 70 -30.92 -39.37 -26.24
C ILE B 70 -30.05 -38.65 -27.26
N MET B 71 -28.76 -38.94 -27.22
CA MET B 71 -27.79 -38.35 -28.12
C MET B 71 -26.99 -39.47 -28.78
N LYS B 72 -27.07 -39.52 -30.10
CA LYS B 72 -26.42 -40.55 -30.91
C LYS B 72 -24.93 -40.26 -31.07
N PRO B 73 -24.15 -41.23 -31.53
CA PRO B 73 -22.77 -40.93 -31.90
C PRO B 73 -22.71 -40.06 -33.14
N GLY B 74 -22.40 -38.78 -32.94
CA GLY B 74 -22.47 -37.80 -34.01
C GLY B 74 -22.15 -36.41 -33.51
N LEU B 75 -22.99 -35.44 -33.86
CA LEU B 75 -22.77 -34.03 -33.52
C LEU B 75 -24.03 -33.51 -32.83
N ASN B 76 -23.97 -33.38 -31.51
CA ASN B 76 -25.10 -32.97 -30.70
C ASN B 76 -24.99 -31.47 -30.39
N ALA B 77 -26.04 -30.72 -30.69
CA ALA B 77 -26.02 -29.27 -30.54
C ALA B 77 -27.11 -28.81 -29.59
N ILE B 78 -26.79 -27.81 -28.76
CA ILE B 78 -27.72 -27.19 -27.84
C ILE B 78 -27.77 -25.70 -28.16
N LEU B 79 -28.97 -25.18 -28.41
CA LEU B 79 -29.14 -23.79 -28.81
C LEU B 79 -30.18 -23.11 -27.92
N GLY B 80 -30.20 -21.78 -27.99
CA GLY B 80 -31.13 -20.98 -27.23
C GLY B 80 -30.51 -19.68 -26.74
N PRO B 81 -31.22 -18.99 -25.85
CA PRO B 81 -30.68 -17.77 -25.26
C PRO B 81 -29.81 -18.04 -24.04
N THR B 82 -29.06 -17.02 -23.64
CA THR B 82 -28.16 -17.16 -22.50
C THR B 82 -28.92 -17.40 -21.21
N GLY B 83 -30.09 -16.77 -21.04
CA GLY B 83 -30.89 -17.02 -19.85
C GLY B 83 -31.48 -18.40 -19.79
N GLY B 84 -31.55 -19.10 -20.92
CA GLY B 84 -32.07 -20.44 -20.94
C GLY B 84 -31.09 -21.44 -20.35
N GLY B 85 -31.47 -22.71 -20.41
CA GLY B 85 -30.68 -23.77 -19.82
C GLY B 85 -29.65 -24.37 -20.74
N LYS B 86 -29.34 -23.66 -21.84
CA LYS B 86 -28.38 -24.20 -22.81
C LYS B 86 -26.98 -24.36 -22.23
N SER B 87 -26.65 -23.64 -21.17
CA SER B 87 -25.37 -23.78 -20.50
C SER B 87 -25.43 -24.66 -19.25
N SER B 88 -26.62 -24.97 -18.76
CA SER B 88 -26.77 -25.80 -17.57
C SER B 88 -26.95 -27.28 -17.91
N LEU B 89 -27.69 -27.58 -18.99
CA LEU B 89 -27.85 -28.97 -19.40
C LEU B 89 -26.52 -29.61 -19.78
N LEU B 90 -25.64 -28.84 -20.42
CA LEU B 90 -24.33 -29.38 -20.78
C LEU B 90 -23.50 -29.72 -19.54
N ASP B 91 -23.56 -28.88 -18.51
CA ASP B 91 -22.92 -29.24 -17.24
C ASP B 91 -23.60 -30.43 -16.57
N VAL B 92 -24.89 -30.65 -16.85
CA VAL B 92 -25.56 -31.82 -16.30
C VAL B 92 -25.04 -33.10 -16.95
N LEU B 93 -24.99 -33.12 -18.29
CA LEU B 93 -24.56 -34.32 -18.99
C LEU B 93 -23.07 -34.60 -18.81
N ALA B 94 -22.28 -33.56 -18.52
CA ALA B 94 -20.85 -33.73 -18.23
C ALA B 94 -20.60 -33.85 -16.74
N ALA B 95 -21.66 -33.95 -15.94
CA ALA B 95 -21.53 -34.16 -14.48
C ALA B 95 -20.72 -33.04 -13.83
N ARG B 96 -20.95 -31.80 -14.28
CA ARG B 96 -20.25 -30.65 -13.74
C ARG B 96 -21.08 -29.86 -12.74
N LYS B 97 -22.12 -30.48 -12.18
CA LYS B 97 -23.01 -29.81 -11.23
C LYS B 97 -23.20 -30.68 -9.99
N ASP B 98 -23.99 -30.17 -9.07
CA ASP B 98 -24.26 -30.86 -7.82
C ASP B 98 -25.21 -32.02 -8.05
N PRO B 99 -24.82 -33.26 -7.76
CA PRO B 99 -25.74 -34.38 -7.97
C PRO B 99 -27.01 -34.27 -7.15
N SER B 100 -26.96 -33.67 -5.96
CA SER B 100 -28.17 -33.44 -5.20
C SER B 100 -29.11 -32.47 -5.91
N GLY B 101 -28.56 -31.51 -6.65
CA GLY B 101 -29.39 -30.67 -7.49
C GLY B 101 -29.99 -31.42 -8.65
N LEU B 102 -29.30 -32.47 -9.12
CA LEU B 102 -29.82 -33.31 -10.19
C LEU B 102 -30.92 -34.22 -9.66
N SER B 103 -31.89 -34.50 -10.52
CA SER B 103 -33.02 -35.36 -10.17
C SER B 103 -33.04 -36.65 -10.97
N GLY B 104 -33.01 -36.55 -12.30
CA GLY B 104 -33.18 -37.70 -13.17
C GLY B 104 -31.94 -38.56 -13.28
N ASP B 105 -31.88 -39.31 -14.38
CA ASP B 105 -30.83 -40.29 -14.62
C ASP B 105 -29.98 -39.87 -15.81
N VAL B 106 -28.76 -40.42 -15.86
CA VAL B 106 -27.88 -40.32 -17.02
C VAL B 106 -27.45 -41.73 -17.35
N LEU B 107 -28.02 -42.30 -18.40
CA LEU B 107 -27.80 -43.70 -18.78
C LEU B 107 -26.99 -43.77 -20.06
N ILE B 108 -25.88 -44.49 -20.03
CA ILE B 108 -24.95 -44.57 -21.15
C ILE B 108 -24.81 -46.04 -21.53
N ASN B 109 -25.28 -46.39 -22.73
CA ASN B 109 -25.17 -47.74 -23.27
C ASN B 109 -25.72 -48.78 -22.29
N GLY B 110 -26.83 -48.43 -21.64
CA GLY B 110 -27.41 -49.33 -20.65
C GLY B 110 -26.66 -49.36 -19.34
N ALA B 111 -25.86 -48.34 -19.05
CA ALA B 111 -25.12 -48.27 -17.80
C ALA B 111 -25.11 -46.83 -17.29
N PRO B 112 -25.25 -46.64 -15.98
CA PRO B 112 -25.16 -45.28 -15.43
C PRO B 112 -23.73 -44.77 -15.47
N ARG B 113 -23.57 -43.50 -15.14
CA ARG B 113 -22.26 -42.89 -15.08
C ARG B 113 -21.48 -43.43 -13.89
N PRO B 114 -20.33 -44.08 -14.10
CA PRO B 114 -19.52 -44.50 -12.96
C PRO B 114 -18.60 -43.38 -12.48
N ALA B 115 -17.75 -43.67 -11.51
CA ALA B 115 -16.69 -42.72 -11.16
C ALA B 115 -15.64 -42.63 -12.27
N ASN B 116 -15.61 -43.61 -13.17
CA ASN B 116 -14.66 -43.64 -14.27
C ASN B 116 -15.10 -42.78 -15.45
N PHE B 117 -16.30 -42.21 -15.42
CA PHE B 117 -16.80 -41.45 -16.56
C PHE B 117 -16.00 -40.16 -16.76
N LYS B 118 -15.69 -39.45 -15.68
CA LYS B 118 -14.92 -38.22 -15.82
C LYS B 118 -13.48 -38.50 -16.23
N CYS B 119 -12.97 -39.70 -15.94
CA CYS B 119 -11.61 -40.05 -16.28
C CYS B 119 -11.46 -40.55 -17.71
N ASN B 120 -12.56 -40.60 -18.48
CA ASN B 120 -12.50 -41.04 -19.87
C ASN B 120 -13.39 -40.20 -20.77
N SER B 121 -13.61 -38.93 -20.40
CA SER B 121 -14.41 -38.02 -21.20
C SER B 121 -13.81 -36.62 -21.09
N GLY B 122 -14.12 -35.77 -22.06
CA GLY B 122 -13.43 -34.49 -22.06
C GLY B 122 -14.29 -33.26 -22.22
N TYR B 123 -14.28 -32.36 -21.24
CA TYR B 123 -15.03 -31.11 -21.28
C TYR B 123 -14.07 -29.94 -21.45
N VAL B 124 -14.36 -29.05 -22.39
CA VAL B 124 -13.49 -27.93 -22.74
C VAL B 124 -14.15 -26.64 -22.32
N VAL B 125 -13.45 -25.84 -21.51
CA VAL B 125 -14.02 -24.60 -20.98
C VAL B 125 -14.00 -23.51 -22.06
N GLN B 126 -14.97 -22.59 -22.07
CA GLN B 126 -14.97 -21.58 -23.13
C GLN B 126 -13.74 -20.66 -23.18
N ASP B 127 -13.18 -20.19 -22.05
CA ASP B 127 -11.99 -19.37 -22.19
C ASP B 127 -10.76 -20.26 -22.44
N ASP B 128 -9.67 -19.62 -22.85
CA ASP B 128 -8.44 -20.34 -23.17
C ASP B 128 -7.82 -20.84 -21.88
N VAL B 129 -8.04 -22.12 -21.56
CA VAL B 129 -7.44 -22.74 -20.38
C VAL B 129 -6.06 -23.28 -20.68
N VAL B 130 -5.57 -23.08 -21.89
CA VAL B 130 -4.24 -23.55 -22.28
C VAL B 130 -3.17 -22.68 -21.64
N MET B 131 -1.92 -23.14 -21.66
CA MET B 131 -0.79 -22.38 -21.16
C MET B 131 -0.17 -21.64 -22.32
N GLY B 132 -0.68 -20.43 -22.58
CA GLY B 132 -0.12 -19.60 -23.64
C GLY B 132 1.33 -19.22 -23.41
N THR B 133 1.79 -19.29 -22.15
CA THR B 133 3.19 -19.05 -21.84
C THR B 133 4.08 -20.22 -22.23
N LEU B 134 3.50 -21.40 -22.44
CA LEU B 134 4.23 -22.57 -22.92
C LEU B 134 3.90 -22.80 -24.39
N THR B 135 4.41 -23.90 -24.93
CA THR B 135 4.14 -24.30 -26.30
C THR B 135 3.27 -25.55 -26.33
N VAL B 136 2.81 -25.89 -27.54
CA VAL B 136 1.87 -27.00 -27.70
C VAL B 136 2.52 -28.32 -27.30
N ARG B 137 3.77 -28.54 -27.72
CA ARG B 137 4.46 -29.78 -27.39
C ARG B 137 4.58 -29.94 -25.88
N GLU B 138 4.99 -28.88 -25.17
CA GLU B 138 5.14 -28.96 -23.72
C GLU B 138 3.80 -29.18 -23.02
N ASN B 139 2.76 -28.45 -23.43
CA ASN B 139 1.46 -28.59 -22.76
C ASN B 139 0.83 -29.95 -23.02
N LEU B 140 0.99 -30.48 -24.24
CA LEU B 140 0.44 -31.80 -24.50
C LEU B 140 1.25 -32.91 -23.86
N GLN B 141 2.55 -32.72 -23.63
CA GLN B 141 3.26 -33.65 -22.77
C GLN B 141 2.77 -33.58 -21.33
N PHE B 142 2.41 -32.38 -20.84
CA PHE B 142 1.81 -32.28 -19.53
C PHE B 142 0.52 -33.09 -19.45
N SER B 143 -0.39 -32.87 -20.41
CA SER B 143 -1.67 -33.56 -20.38
C SER B 143 -1.53 -35.06 -20.66
N ALA B 144 -0.43 -35.48 -21.30
CA ALA B 144 -0.15 -36.90 -21.44
C ALA B 144 0.37 -37.51 -20.14
N ALA B 145 1.11 -36.73 -19.36
CA ALA B 145 1.69 -37.28 -18.13
C ALA B 145 0.62 -37.66 -17.11
N LEU B 146 -0.41 -36.82 -16.96
CA LEU B 146 -1.39 -36.99 -15.90
C LEU B 146 -2.63 -37.77 -16.32
N ARG B 147 -2.69 -38.25 -17.55
CA ARG B 147 -3.85 -38.99 -18.02
C ARG B 147 -3.51 -40.37 -18.53
N LEU B 148 -2.37 -40.54 -19.20
CA LEU B 148 -1.97 -41.86 -19.65
C LEU B 148 -1.49 -42.70 -18.47
N ALA B 149 -1.47 -44.02 -18.67
CA ALA B 149 -1.10 -44.93 -17.60
C ALA B 149 0.38 -44.80 -17.26
N THR B 150 0.70 -45.05 -15.99
CA THR B 150 2.09 -45.06 -15.57
C THR B 150 2.87 -46.17 -16.24
N THR B 151 2.19 -47.27 -16.60
CA THR B 151 2.87 -48.37 -17.27
C THR B 151 3.24 -48.02 -18.71
N MET B 152 2.51 -47.09 -19.31
CA MET B 152 2.75 -46.74 -20.71
C MET B 152 4.10 -46.07 -20.88
N THR B 153 4.71 -46.31 -22.04
CA THR B 153 6.07 -45.89 -22.31
C THR B 153 6.16 -44.39 -22.60
N ASN B 154 7.33 -43.82 -22.32
CA ASN B 154 7.59 -42.45 -22.75
C ASN B 154 7.66 -42.36 -24.27
N HIS B 155 8.04 -43.45 -24.93
CA HIS B 155 7.89 -43.53 -26.38
C HIS B 155 6.41 -43.45 -26.77
N GLU B 156 5.56 -44.15 -26.02
CA GLU B 156 4.12 -44.06 -26.27
C GLU B 156 3.60 -42.67 -25.96
N LYS B 157 4.16 -41.99 -24.95
CA LYS B 157 3.81 -40.61 -24.70
C LYS B 157 4.32 -39.68 -25.79
N ASN B 158 5.39 -40.07 -26.50
CA ASN B 158 5.84 -39.31 -27.66
C ASN B 158 4.95 -39.55 -28.86
N GLU B 159 4.43 -40.77 -29.02
CA GLU B 159 3.66 -41.15 -30.19
C GLU B 159 2.20 -40.71 -30.14
N ARG B 160 1.54 -40.90 -28.99
CA ARG B 160 0.11 -40.62 -28.91
C ARG B 160 -0.18 -39.13 -29.07
N ILE B 161 0.75 -38.27 -28.63
CA ILE B 161 0.62 -36.85 -28.94
C ILE B 161 0.69 -36.63 -30.44
N ASN B 162 1.64 -37.29 -31.10
CA ASN B 162 1.83 -37.13 -32.54
C ASN B 162 0.73 -37.79 -33.35
N ARG B 163 -0.12 -38.62 -32.74
CA ARG B 163 -1.34 -39.07 -33.38
C ARG B 163 -2.45 -38.02 -33.33
N VAL B 164 -2.29 -36.98 -32.52
CA VAL B 164 -3.32 -35.99 -32.27
C VAL B 164 -2.92 -34.61 -32.81
N ILE B 165 -1.72 -34.14 -32.45
CA ILE B 165 -1.25 -32.86 -32.97
C ILE B 165 -1.15 -32.92 -34.48
N GLN B 166 -0.80 -34.08 -35.04
CA GLN B 166 -0.86 -34.27 -36.47
C GLN B 166 -2.29 -34.19 -36.98
N GLU B 167 -3.25 -34.65 -36.18
CA GLU B 167 -4.65 -34.61 -36.59
C GLU B 167 -5.22 -33.20 -36.52
N LEU B 168 -4.82 -32.42 -35.52
CA LEU B 168 -5.35 -31.08 -35.35
C LEU B 168 -4.80 -30.08 -36.35
N GLY B 169 -3.80 -30.45 -37.15
CA GLY B 169 -3.14 -29.50 -38.00
C GLY B 169 -2.21 -28.55 -37.30
N LEU B 170 -1.79 -28.89 -36.08
CA LEU B 170 -0.92 -28.04 -35.27
C LEU B 170 0.54 -28.44 -35.37
N ASP B 171 0.92 -29.16 -36.43
CA ASP B 171 2.32 -29.54 -36.61
C ASP B 171 3.21 -28.33 -36.87
N LYS B 172 2.65 -27.24 -37.41
CA LYS B 172 3.45 -26.03 -37.60
C LYS B 172 3.80 -25.37 -36.27
N VAL B 173 2.89 -25.44 -35.30
CA VAL B 173 3.03 -24.69 -34.07
C VAL B 173 3.38 -25.63 -32.92
N ALA B 174 4.04 -26.74 -33.24
CA ALA B 174 4.38 -27.72 -32.22
C ALA B 174 5.27 -27.13 -31.14
N ASP B 175 6.39 -26.53 -31.54
CA ASP B 175 7.30 -25.90 -30.60
C ASP B 175 7.13 -24.39 -30.54
N SER B 176 6.21 -23.83 -31.32
CA SER B 176 5.93 -22.40 -31.25
C SER B 176 5.16 -22.08 -29.97
N LYS B 177 5.59 -21.04 -29.26
CA LYS B 177 4.90 -20.65 -28.05
C LYS B 177 3.47 -20.22 -28.37
N VAL B 178 2.53 -20.64 -27.53
CA VAL B 178 1.12 -20.50 -27.85
C VAL B 178 0.72 -19.02 -27.89
N GLY B 179 1.08 -18.26 -26.87
CA GLY B 179 0.83 -16.84 -26.91
C GLY B 179 0.33 -16.21 -25.62
N THR B 180 0.90 -15.06 -25.28
CA THR B 180 0.48 -14.25 -24.15
C THR B 180 0.24 -12.82 -24.65
N GLN B 181 -0.29 -11.98 -23.75
CA GLN B 181 -0.40 -10.57 -24.08
C GLN B 181 0.96 -9.93 -24.28
N PHE B 182 1.96 -10.38 -23.52
CA PHE B 182 3.30 -9.81 -23.58
C PHE B 182 4.29 -10.66 -24.36
N ILE B 183 3.88 -11.84 -24.83
CA ILE B 183 4.70 -12.67 -25.70
C ILE B 183 3.85 -13.06 -26.90
N ARG B 184 4.30 -12.66 -28.09
CA ARG B 184 3.57 -12.96 -29.31
C ARG B 184 3.58 -14.46 -29.58
N GLY B 185 2.42 -15.02 -29.91
CA GLY B 185 2.29 -16.45 -30.12
C GLY B 185 1.27 -16.81 -31.17
N VAL B 186 0.75 -18.03 -31.09
CA VAL B 186 -0.17 -18.55 -32.09
C VAL B 186 -1.52 -17.84 -31.98
N SER B 187 -2.26 -17.81 -33.09
CA SER B 187 -3.57 -17.19 -33.10
C SER B 187 -4.54 -17.99 -32.24
N GLY B 188 -5.56 -17.30 -31.71
CA GLY B 188 -6.51 -17.92 -30.81
C GLY B 188 -7.33 -19.03 -31.43
N GLY B 189 -7.58 -18.96 -32.74
CA GLY B 189 -8.28 -20.03 -33.42
C GLY B 189 -7.62 -21.38 -33.25
N GLU B 190 -6.33 -21.40 -33.00
CA GLU B 190 -5.63 -22.63 -32.66
C GLU B 190 -5.35 -22.78 -31.17
N ARG B 191 -5.57 -21.74 -30.38
CA ARG B 191 -5.67 -21.94 -28.93
C ARG B 191 -6.85 -22.83 -28.60
N LYS B 192 -7.97 -22.63 -29.32
CA LYS B 192 -9.11 -23.54 -29.17
C LYS B 192 -8.71 -24.97 -29.51
N ARG B 193 -7.99 -25.16 -30.62
CA ARG B 193 -7.49 -26.48 -30.98
C ARG B 193 -6.55 -27.03 -29.93
N THR B 194 -5.73 -26.17 -29.31
CA THR B 194 -4.81 -26.60 -28.28
C THR B 194 -5.55 -27.19 -27.09
N SER B 195 -6.61 -26.51 -26.64
CA SER B 195 -7.40 -27.06 -25.53
C SER B 195 -8.05 -28.39 -25.93
N ILE B 196 -8.60 -28.46 -27.14
CA ILE B 196 -9.24 -29.70 -27.57
C ILE B 196 -8.24 -30.84 -27.56
N GLY B 197 -7.02 -30.59 -28.05
CA GLY B 197 -5.98 -31.60 -27.98
C GLY B 197 -5.63 -31.97 -26.55
N MET B 198 -5.66 -31.00 -25.65
CA MET B 198 -5.48 -31.31 -24.23
C MET B 198 -6.55 -32.26 -23.72
N GLU B 199 -7.75 -32.24 -24.30
CA GLU B 199 -8.82 -33.14 -23.90
C GLU B 199 -9.03 -34.28 -24.91
N LEU B 200 -7.94 -34.80 -25.48
CA LEU B 200 -8.02 -35.95 -26.39
C LEU B 200 -6.86 -36.91 -26.17
N ILE B 201 -6.31 -36.96 -24.96
CA ILE B 201 -5.07 -37.71 -24.73
C ILE B 201 -5.33 -39.22 -24.72
N THR B 202 -6.17 -39.68 -23.79
CA THR B 202 -6.45 -41.10 -23.64
C THR B 202 -7.56 -41.57 -24.59
N ASP B 203 -7.82 -40.82 -25.66
CA ASP B 203 -8.86 -41.13 -26.63
C ASP B 203 -10.22 -41.24 -25.94
N PRO B 204 -10.76 -40.15 -25.41
CA PRO B 204 -12.12 -40.18 -24.87
C PRO B 204 -13.13 -40.28 -26.00
N SER B 205 -14.10 -41.18 -25.85
CA SER B 205 -15.14 -41.33 -26.85
C SER B 205 -16.21 -40.24 -26.75
N ILE B 206 -16.28 -39.53 -25.63
CA ILE B 206 -17.33 -38.57 -25.37
C ILE B 206 -16.69 -37.20 -25.12
N LEU B 207 -16.96 -36.26 -26.03
CA LEU B 207 -16.42 -34.92 -25.98
C LEU B 207 -17.52 -33.92 -25.65
N PHE B 208 -17.17 -32.91 -24.87
CA PHE B 208 -18.07 -31.83 -24.45
C PHE B 208 -17.35 -30.51 -24.63
N LEU B 209 -18.07 -29.54 -25.18
CA LEU B 209 -17.48 -28.24 -25.51
C LEU B 209 -18.34 -27.13 -24.96
N ASP B 210 -17.73 -26.18 -24.24
CA ASP B 210 -18.42 -24.99 -23.76
C ASP B 210 -18.20 -23.87 -24.76
N GLU B 211 -19.27 -23.63 -25.54
CA GLU B 211 -19.37 -22.60 -26.61
C GLU B 211 -18.16 -22.54 -27.50
N PRO B 212 -18.06 -23.45 -28.40
CA PRO B 212 -16.93 -23.59 -29.33
C PRO B 212 -16.76 -22.43 -30.30
N THR B 213 -17.76 -21.55 -30.45
CA THR B 213 -17.68 -20.45 -31.40
C THR B 213 -17.40 -19.10 -30.77
N THR B 214 -17.84 -18.88 -29.53
CA THR B 214 -17.64 -17.59 -28.89
C THR B 214 -16.16 -17.39 -28.56
N GLY B 215 -15.63 -16.22 -28.91
CA GLY B 215 -14.22 -15.93 -28.75
C GLY B 215 -13.40 -16.05 -30.00
N LEU B 216 -14.01 -16.42 -31.12
CA LEU B 216 -13.31 -16.60 -32.39
C LEU B 216 -14.07 -15.86 -33.49
N ASP B 217 -13.35 -15.59 -34.58
CA ASP B 217 -13.97 -14.95 -35.74
C ASP B 217 -14.74 -15.99 -36.56
N SER B 218 -15.38 -15.54 -37.63
CA SER B 218 -16.29 -16.41 -38.38
C SER B 218 -15.54 -17.54 -39.06
N SER B 219 -14.69 -17.20 -40.04
CA SER B 219 -13.89 -18.21 -40.69
C SER B 219 -12.88 -18.83 -39.74
N THR B 220 -12.56 -18.14 -38.65
CA THR B 220 -11.71 -18.72 -37.62
C THR B 220 -12.40 -19.91 -36.95
N ALA B 221 -13.68 -19.75 -36.60
CA ALA B 221 -14.42 -20.82 -35.96
C ALA B 221 -14.80 -21.93 -36.93
N ASN B 222 -14.94 -21.62 -38.22
CA ASN B 222 -15.25 -22.68 -39.17
C ASN B 222 -14.14 -23.73 -39.23
N ALA B 223 -12.88 -23.31 -39.11
CA ALA B 223 -11.78 -24.26 -39.11
C ALA B 223 -11.79 -25.15 -37.87
N VAL B 224 -12.30 -24.65 -36.75
CA VAL B 224 -12.49 -25.49 -35.57
C VAL B 224 -13.61 -26.49 -35.80
N LEU B 225 -14.72 -26.02 -36.37
CA LEU B 225 -15.89 -26.88 -36.53
C LEU B 225 -15.69 -27.94 -37.60
N LEU B 226 -14.91 -27.65 -38.64
CA LEU B 226 -14.59 -28.69 -39.62
C LEU B 226 -13.67 -29.75 -39.03
N LEU B 227 -12.74 -29.34 -38.16
CA LEU B 227 -11.95 -30.32 -37.42
C LEU B 227 -12.85 -31.20 -36.55
N LEU B 228 -13.83 -30.58 -35.88
CA LEU B 228 -14.77 -31.35 -35.08
C LEU B 228 -15.65 -32.25 -35.95
N LYS B 229 -15.98 -31.80 -37.16
CA LYS B 229 -16.71 -32.64 -38.10
C LYS B 229 -15.88 -33.84 -38.53
N ARG B 230 -14.57 -33.63 -38.73
CA ARG B 230 -13.67 -34.76 -38.89
C ARG B 230 -13.72 -35.68 -37.68
N MET B 231 -13.86 -35.11 -36.48
CA MET B 231 -14.07 -35.91 -35.29
C MET B 231 -15.50 -36.45 -35.20
N SER B 232 -16.43 -35.92 -35.99
CA SER B 232 -17.81 -36.36 -35.91
C SER B 232 -18.02 -37.74 -36.53
N LYS B 233 -17.08 -38.22 -37.34
CA LYS B 233 -17.21 -39.50 -38.01
C LYS B 233 -16.20 -40.53 -37.54
N GLN B 234 -15.24 -40.15 -36.69
CA GLN B 234 -14.26 -41.08 -36.16
C GLN B 234 -14.70 -41.71 -34.85
N GLY B 235 -16.01 -41.82 -34.61
CA GLY B 235 -16.51 -42.40 -33.39
C GLY B 235 -16.26 -41.54 -32.17
N ARG B 236 -16.54 -40.24 -32.28
CA ARG B 236 -16.42 -39.31 -31.16
C ARG B 236 -17.69 -38.50 -31.06
N THR B 237 -18.40 -38.64 -29.94
CA THR B 237 -19.69 -37.99 -29.73
C THR B 237 -19.45 -36.61 -29.13
N ILE B 238 -19.61 -35.57 -29.94
CA ILE B 238 -19.37 -34.20 -29.49
C ILE B 238 -20.69 -33.58 -29.05
N ILE B 239 -20.73 -33.07 -27.83
CA ILE B 239 -21.90 -32.45 -27.25
C ILE B 239 -21.49 -31.06 -26.78
N PHE B 240 -22.15 -30.03 -27.28
CA PHE B 240 -21.72 -28.67 -27.06
C PHE B 240 -22.94 -27.75 -27.05
N SER B 241 -22.66 -26.44 -26.96
CA SER B 241 -23.70 -25.42 -26.93
C SER B 241 -23.15 -24.16 -27.57
N ILE B 242 -23.91 -23.58 -28.50
CA ILE B 242 -23.47 -22.41 -29.25
C ILE B 242 -24.48 -21.29 -29.04
N HIS B 243 -23.97 -20.11 -28.68
CA HIS B 243 -24.81 -18.91 -28.69
C HIS B 243 -24.68 -18.20 -30.03
N GLN B 244 -25.80 -17.70 -30.54
CA GLN B 244 -25.94 -17.09 -31.85
C GLN B 244 -25.22 -17.90 -32.93
N PRO B 245 -25.77 -19.06 -33.31
CA PRO B 245 -25.14 -19.88 -34.35
C PRO B 245 -25.37 -19.34 -35.75
N ARG B 246 -24.94 -20.10 -36.76
CA ARG B 246 -25.03 -19.68 -38.15
C ARG B 246 -25.37 -20.89 -39.01
N TYR B 247 -25.93 -20.62 -40.19
CA TYR B 247 -26.36 -21.71 -41.07
C TYR B 247 -25.17 -22.51 -41.60
N SER B 248 -24.01 -21.87 -41.80
CA SER B 248 -22.81 -22.64 -42.14
C SER B 248 -22.48 -23.64 -41.04
N ILE B 249 -22.68 -23.26 -39.78
CA ILE B 249 -22.55 -24.19 -38.67
C ILE B 249 -23.72 -25.17 -38.65
N PHE B 250 -24.93 -24.69 -38.94
CA PHE B 250 -26.14 -25.48 -38.81
C PHE B 250 -26.24 -26.60 -39.84
N LYS B 251 -25.53 -26.49 -40.97
CA LYS B 251 -25.69 -27.43 -42.06
C LYS B 251 -24.88 -28.72 -41.88
N LEU B 252 -24.15 -28.88 -40.77
CA LEU B 252 -23.27 -30.02 -40.61
C LEU B 252 -23.54 -30.83 -39.34
N PHE B 253 -24.68 -30.60 -38.68
CA PHE B 253 -24.96 -31.28 -37.42
C PHE B 253 -25.52 -32.68 -37.67
N ASP B 254 -25.80 -33.38 -36.57
CA ASP B 254 -26.46 -34.68 -36.60
C ASP B 254 -27.67 -34.72 -35.68
N SER B 255 -27.61 -34.03 -34.54
CA SER B 255 -28.72 -33.98 -33.61
C SER B 255 -28.78 -32.60 -32.96
N LEU B 256 -30.00 -32.20 -32.58
CA LEU B 256 -30.27 -30.82 -32.21
C LEU B 256 -31.17 -30.78 -30.99
N THR B 257 -31.02 -29.71 -30.20
CA THR B 257 -31.84 -29.49 -29.01
C THR B 257 -31.93 -27.99 -28.76
N LEU B 258 -33.12 -27.54 -28.36
CA LEU B 258 -33.38 -26.12 -28.10
C LEU B 258 -33.91 -25.94 -26.69
N LEU B 259 -33.32 -25.00 -25.95
CA LEU B 259 -33.76 -24.68 -24.60
C LEU B 259 -34.05 -23.18 -24.50
N ALA B 260 -35.07 -22.85 -23.73
CA ALA B 260 -35.45 -21.45 -23.55
C ALA B 260 -36.12 -21.28 -22.20
N SER B 261 -35.51 -20.48 -21.32
CA SER B 261 -36.06 -20.21 -19.99
C SER B 261 -36.32 -21.51 -19.23
N GLY B 262 -35.41 -22.46 -19.36
CA GLY B 262 -35.56 -23.74 -18.68
C GLY B 262 -36.63 -24.63 -19.26
N ARG B 263 -37.03 -24.41 -20.51
CA ARG B 263 -38.04 -25.21 -21.16
C ARG B 263 -37.47 -25.83 -22.43
N LEU B 264 -37.81 -27.09 -22.67
CA LEU B 264 -37.34 -27.81 -23.84
C LEU B 264 -38.30 -27.60 -25.00
N MET B 265 -37.73 -27.34 -26.19
CA MET B 265 -38.55 -27.08 -27.37
C MET B 265 -38.28 -27.99 -28.56
N PHE B 266 -37.16 -28.69 -28.61
CA PHE B 266 -36.89 -29.57 -29.73
C PHE B 266 -35.99 -30.71 -29.29
N HIS B 267 -36.17 -31.86 -29.94
CA HIS B 267 -35.24 -32.98 -29.81
C HIS B 267 -35.29 -33.78 -31.10
N GLY B 268 -34.15 -34.38 -31.45
CA GLY B 268 -34.04 -35.18 -32.64
C GLY B 268 -32.93 -34.70 -33.55
N PRO B 269 -32.90 -35.19 -34.78
CA PRO B 269 -31.89 -34.75 -35.74
C PRO B 269 -32.07 -33.29 -36.10
N ALA B 270 -30.97 -32.70 -36.59
CA ALA B 270 -30.91 -31.26 -36.82
C ALA B 270 -31.67 -30.80 -38.06
N GLN B 271 -31.84 -31.67 -39.05
CA GLN B 271 -32.48 -31.24 -40.30
C GLN B 271 -33.95 -30.90 -40.09
N GLU B 272 -34.64 -31.68 -39.26
CA GLU B 272 -36.10 -31.61 -39.16
C GLU B 272 -36.59 -30.46 -38.28
N ALA B 273 -35.69 -29.71 -37.63
CA ALA B 273 -36.14 -28.56 -36.87
C ALA B 273 -36.90 -27.58 -37.78
N LEU B 274 -36.28 -27.21 -38.90
CA LEU B 274 -36.99 -26.36 -39.87
C LEU B 274 -38.26 -27.03 -40.36
N GLY B 275 -38.28 -28.36 -40.39
CA GLY B 275 -39.49 -29.05 -40.82
C GLY B 275 -40.59 -29.05 -39.77
N TYR B 276 -40.22 -28.90 -38.49
CA TYR B 276 -41.23 -29.01 -37.45
C TYR B 276 -41.88 -27.67 -37.16
N PHE B 277 -41.09 -26.61 -37.06
CA PHE B 277 -41.62 -25.30 -36.69
C PHE B 277 -42.52 -24.69 -37.76
N GLU B 278 -42.53 -25.25 -38.97
CA GLU B 278 -43.56 -24.88 -39.93
C GLU B 278 -44.94 -25.30 -39.44
N SER B 279 -45.04 -26.49 -38.85
CA SER B 279 -46.31 -26.97 -38.32
C SER B 279 -46.72 -26.24 -37.05
N ALA B 280 -45.77 -25.56 -36.39
CA ALA B 280 -46.11 -24.80 -35.19
C ALA B 280 -46.97 -23.58 -35.52
N GLY B 281 -46.97 -23.13 -36.77
CA GLY B 281 -47.79 -22.00 -37.16
C GLY B 281 -47.02 -20.94 -37.91
N TYR B 282 -45.70 -21.09 -37.98
CA TYR B 282 -44.83 -20.12 -38.64
C TYR B 282 -44.48 -20.58 -40.05
N HIS B 283 -43.77 -19.71 -40.76
CA HIS B 283 -43.14 -20.06 -42.03
C HIS B 283 -41.85 -19.27 -42.16
N CYS B 284 -40.76 -19.96 -42.50
CA CYS B 284 -39.48 -19.29 -42.66
C CYS B 284 -39.52 -18.43 -43.92
N GLU B 285 -39.38 -17.12 -43.75
CA GLU B 285 -39.53 -16.21 -44.87
C GLU B 285 -38.34 -16.33 -45.83
N ALA B 286 -38.47 -15.64 -46.97
CA ALA B 286 -37.47 -15.74 -48.02
C ALA B 286 -36.14 -15.14 -47.57
N TYR B 287 -35.07 -15.92 -47.66
CA TYR B 287 -33.71 -15.48 -47.35
C TYR B 287 -33.60 -14.99 -45.90
N ASN B 288 -33.80 -15.95 -45.01
CA ASN B 288 -33.59 -15.76 -43.58
C ASN B 288 -32.75 -16.92 -43.05
N ASN B 289 -31.96 -16.64 -42.03
CA ASN B 289 -31.12 -17.68 -41.43
C ASN B 289 -32.00 -18.64 -40.65
N PRO B 290 -32.00 -19.94 -40.99
CA PRO B 290 -32.85 -20.88 -40.22
C PRO B 290 -32.51 -20.93 -38.75
N ALA B 291 -31.23 -20.87 -38.39
CA ALA B 291 -30.85 -20.90 -36.98
C ALA B 291 -31.23 -19.63 -36.26
N ASP B 292 -31.39 -18.52 -36.98
CA ASP B 292 -31.90 -17.29 -36.40
C ASP B 292 -33.42 -17.21 -36.46
N PHE B 293 -34.04 -17.88 -37.43
CA PHE B 293 -35.49 -17.98 -37.45
C PHE B 293 -36.00 -18.89 -36.35
N PHE B 294 -35.17 -19.79 -35.83
CA PHE B 294 -35.55 -20.62 -34.70
C PHE B 294 -35.65 -19.81 -33.42
N LEU B 295 -34.91 -18.71 -33.31
CA LEU B 295 -35.08 -17.75 -32.22
C LEU B 295 -36.08 -16.66 -32.56
N ASP B 296 -36.58 -16.60 -33.80
CA ASP B 296 -37.66 -15.68 -34.14
C ASP B 296 -38.94 -16.07 -33.43
N ILE B 297 -39.09 -17.36 -33.09
CA ILE B 297 -40.28 -17.84 -32.40
C ILE B 297 -40.27 -17.43 -30.94
N ILE B 298 -39.09 -17.21 -30.37
CA ILE B 298 -38.94 -17.17 -28.91
C ILE B 298 -39.57 -15.91 -28.33
N ASN B 299 -39.05 -14.75 -28.71
CA ASN B 299 -39.34 -13.49 -28.01
C ASN B 299 -40.43 -12.69 -28.67
N GLY B 300 -41.45 -13.35 -29.23
CA GLY B 300 -42.58 -12.65 -29.79
C GLY B 300 -42.29 -12.03 -31.14
N ASP B 301 -41.86 -12.86 -32.09
CA ASP B 301 -41.54 -12.39 -33.43
C ASP B 301 -40.50 -11.27 -33.39
N LEU B 328 -46.88 -17.30 -23.32
CA LEU B 328 -46.19 -17.50 -24.59
C LEU B 328 -45.23 -18.68 -24.51
N ILE B 329 -44.39 -18.70 -23.47
CA ILE B 329 -43.49 -19.82 -23.25
C ILE B 329 -44.29 -21.09 -22.97
N GLU B 330 -45.34 -20.97 -22.15
CA GLU B 330 -46.17 -22.12 -21.83
C GLU B 330 -46.86 -22.69 -23.07
N LYS B 331 -47.31 -21.82 -23.99
CA LYS B 331 -47.98 -22.28 -25.19
C LYS B 331 -47.05 -23.10 -26.08
N LEU B 332 -45.83 -22.61 -26.31
CA LEU B 332 -44.88 -23.35 -27.14
C LEU B 332 -44.46 -24.65 -26.48
N ALA B 333 -44.28 -24.65 -25.16
CA ALA B 333 -43.98 -25.91 -24.48
C ALA B 333 -45.11 -26.92 -24.64
N GLU B 334 -46.36 -26.46 -24.55
CA GLU B 334 -47.48 -27.36 -24.79
C GLU B 334 -47.48 -27.91 -26.20
N ILE B 335 -47.03 -27.10 -27.17
CA ILE B 335 -46.83 -27.65 -28.52
C ILE B 335 -45.81 -28.79 -28.49
N TYR B 336 -44.71 -28.60 -27.76
CA TYR B 336 -43.68 -29.64 -27.72
C TYR B 336 -44.16 -30.90 -27.02
N VAL B 337 -45.06 -30.78 -26.04
CA VAL B 337 -45.56 -31.97 -25.36
C VAL B 337 -46.31 -32.87 -26.35
N ASN B 338 -47.02 -32.26 -27.30
CA ASN B 338 -47.73 -32.99 -28.34
C ASN B 338 -46.92 -33.09 -29.62
N SER B 339 -45.60 -33.18 -29.50
CA SER B 339 -44.72 -33.35 -30.66
C SER B 339 -44.44 -34.84 -30.88
N SER B 340 -44.56 -35.27 -32.14
CA SER B 340 -44.23 -36.65 -32.47
C SER B 340 -42.74 -36.94 -32.28
N PHE B 341 -41.89 -35.93 -32.47
CA PHE B 341 -40.48 -36.08 -32.13
C PHE B 341 -40.30 -36.45 -30.67
N TYR B 342 -41.17 -35.94 -29.80
CA TYR B 342 -41.14 -36.34 -28.39
C TYR B 342 -41.73 -37.72 -28.19
N LYS B 343 -42.71 -38.12 -29.00
CA LYS B 343 -43.36 -39.41 -28.78
C LYS B 343 -42.44 -40.58 -29.15
N GLU B 344 -41.66 -40.44 -30.22
CA GLU B 344 -40.67 -41.48 -30.51
C GLU B 344 -39.64 -41.57 -29.39
N THR B 345 -39.20 -40.43 -28.86
CA THR B 345 -38.27 -40.44 -27.74
C THR B 345 -38.92 -41.00 -26.48
N LYS B 346 -40.22 -40.82 -26.34
CA LYS B 346 -40.95 -41.42 -25.22
C LYS B 346 -40.96 -42.94 -25.34
N ALA B 347 -41.07 -43.44 -26.57
CA ALA B 347 -40.99 -44.87 -26.85
C ALA B 347 -39.55 -45.37 -26.94
N GLU B 348 -38.57 -44.49 -26.77
CA GLU B 348 -37.18 -44.90 -26.70
C GLU B 348 -36.58 -44.85 -25.30
N LEU B 349 -36.77 -43.74 -24.58
CA LEU B 349 -36.21 -43.60 -23.24
C LEU B 349 -36.77 -44.65 -22.28
N HIS B 350 -38.08 -44.90 -22.35
CA HIS B 350 -38.68 -45.89 -21.47
C HIS B 350 -38.36 -47.32 -21.88
N GLN B 351 -37.84 -47.52 -23.09
CA GLN B 351 -37.11 -48.76 -23.36
C GLN B 351 -35.76 -48.73 -22.67
N LEU B 352 -35.13 -47.56 -22.59
CA LEU B 352 -33.86 -47.44 -21.87
C LEU B 352 -34.06 -47.39 -20.36
N SER B 353 -34.88 -46.45 -19.88
CA SER B 353 -35.13 -46.33 -18.45
C SER B 353 -35.93 -47.49 -17.89
N GLY B 354 -36.56 -48.28 -18.73
CA GLY B 354 -37.27 -49.46 -18.29
C GLY B 354 -36.38 -50.68 -18.25
N SER B 372 0.17 -41.75 -10.49
CA SER B 372 0.89 -41.92 -9.23
C SER B 372 1.34 -40.57 -8.68
N PHE B 373 1.43 -40.47 -7.34
CA PHE B 373 1.63 -39.18 -6.70
C PHE B 373 2.97 -38.56 -7.06
N CYS B 374 4.05 -39.35 -7.05
CA CYS B 374 5.35 -38.82 -7.43
C CYS B 374 5.33 -38.36 -8.88
N HIS B 375 4.67 -39.12 -9.75
CA HIS B 375 4.47 -38.68 -11.12
C HIS B 375 3.51 -37.48 -11.19
N GLN B 376 2.50 -37.45 -10.31
CA GLN B 376 1.57 -36.32 -10.28
C GLN B 376 2.23 -35.05 -9.76
N LEU B 377 3.42 -35.15 -9.16
CA LEU B 377 4.19 -33.99 -8.75
C LEU B 377 5.40 -33.75 -9.66
N ARG B 378 5.77 -34.75 -10.48
CA ARG B 378 6.91 -34.60 -11.37
C ARG B 378 6.63 -33.61 -12.50
N TRP B 379 5.38 -33.53 -12.96
CA TRP B 379 5.05 -32.72 -14.12
C TRP B 379 4.19 -31.49 -13.80
N VAL B 380 3.46 -31.50 -12.69
CA VAL B 380 2.72 -30.30 -12.31
C VAL B 380 3.68 -29.19 -11.91
N SER B 381 4.78 -29.54 -11.24
CA SER B 381 5.80 -28.54 -10.92
C SER B 381 6.42 -27.95 -12.18
N LYS B 382 6.70 -28.78 -13.18
CA LYS B 382 7.35 -28.31 -14.40
C LYS B 382 6.49 -27.31 -15.16
N ARG B 383 5.17 -27.54 -15.22
CA ARG B 383 4.31 -26.70 -16.04
C ARG B 383 4.29 -25.27 -15.51
N SER B 384 4.04 -25.11 -14.20
CA SER B 384 4.11 -23.77 -13.62
C SER B 384 5.51 -23.22 -13.60
N PHE B 385 6.54 -24.09 -13.57
CA PHE B 385 7.91 -23.59 -13.68
C PHE B 385 8.14 -22.91 -15.02
N LYS B 386 7.64 -23.51 -16.11
CA LYS B 386 7.77 -22.91 -17.43
C LYS B 386 6.83 -21.73 -17.61
N ASN B 387 5.70 -21.70 -16.88
CA ASN B 387 4.93 -20.46 -16.80
C ASN B 387 5.75 -19.36 -16.14
N LEU B 388 6.52 -19.70 -15.11
CA LEU B 388 7.35 -18.74 -14.40
C LEU B 388 8.48 -18.24 -15.28
N LEU B 389 9.11 -19.12 -16.04
CA LEU B 389 10.15 -18.67 -16.97
C LEU B 389 9.56 -17.90 -18.14
N GLY B 390 8.38 -18.31 -18.60
CA GLY B 390 7.76 -17.69 -19.77
C GLY B 390 6.92 -16.48 -19.45
N ASN B 391 7.38 -15.65 -18.51
CA ASN B 391 6.72 -14.38 -18.21
C ASN B 391 7.69 -13.43 -17.54
N PRO B 392 8.57 -12.78 -18.31
CA PRO B 392 9.51 -11.82 -17.69
C PRO B 392 8.81 -10.65 -17.03
N GLN B 393 7.65 -10.23 -17.54
CA GLN B 393 6.93 -9.08 -17.02
C GLN B 393 6.33 -9.31 -15.64
N ALA B 394 6.37 -10.54 -15.14
CA ALA B 394 5.90 -10.85 -13.80
C ALA B 394 6.99 -11.46 -12.92
N SER B 395 7.96 -12.14 -13.53
CA SER B 395 9.07 -12.73 -12.79
C SER B 395 10.27 -11.78 -12.74
N ILE B 396 10.79 -11.40 -13.90
CA ILE B 396 11.92 -10.48 -13.95
C ILE B 396 11.49 -9.07 -13.49
N ALA B 397 10.26 -8.68 -13.84
CA ALA B 397 9.78 -7.35 -13.47
C ALA B 397 9.65 -7.18 -11.95
N GLN B 398 9.52 -8.27 -11.21
CA GLN B 398 9.52 -8.22 -9.76
C GLN B 398 10.90 -8.45 -9.17
N ILE B 399 11.89 -8.75 -10.00
CA ILE B 399 13.29 -8.75 -9.59
C ILE B 399 13.91 -7.38 -9.83
N ILE B 400 13.57 -6.74 -10.95
CA ILE B 400 14.06 -5.39 -11.21
C ILE B 400 13.65 -4.46 -10.08
N VAL B 401 12.36 -4.47 -9.73
CA VAL B 401 11.91 -3.70 -8.58
C VAL B 401 12.69 -4.08 -7.34
N THR B 402 12.98 -5.37 -7.18
CA THR B 402 13.76 -5.81 -6.02
C THR B 402 15.20 -5.31 -6.09
N VAL B 403 15.79 -5.31 -7.29
CA VAL B 403 17.18 -4.90 -7.40
C VAL B 403 17.31 -3.39 -7.23
N VAL B 404 16.49 -2.63 -7.95
CA VAL B 404 16.57 -1.17 -7.86
C VAL B 404 16.28 -0.71 -6.43
N LEU B 405 15.18 -1.18 -5.86
CA LEU B 405 14.88 -0.85 -4.48
C LEU B 405 15.90 -1.45 -3.52
N GLY B 406 16.59 -2.50 -3.94
CA GLY B 406 17.72 -2.99 -3.17
C GLY B 406 18.87 -2.00 -3.17
N LEU B 407 19.08 -1.32 -4.30
CA LEU B 407 20.17 -0.36 -4.41
C LEU B 407 19.82 1.00 -3.83
N VAL B 408 18.58 1.46 -4.03
CA VAL B 408 18.18 2.76 -3.48
C VAL B 408 18.29 2.75 -1.97
N ILE B 409 17.74 1.72 -1.33
CA ILE B 409 17.89 1.57 0.12
C ILE B 409 19.35 1.42 0.48
N GLY B 410 20.16 0.87 -0.43
CA GLY B 410 21.59 0.81 -0.20
C GLY B 410 22.25 2.17 -0.25
N ALA B 411 21.67 3.11 -0.99
CA ALA B 411 22.23 4.44 -1.11
C ALA B 411 21.70 5.40 -0.06
N ILE B 412 20.43 5.24 0.35
CA ILE B 412 19.85 6.15 1.34
C ILE B 412 20.56 5.99 2.69
N TYR B 413 20.78 4.74 3.11
CA TYR B 413 21.29 4.47 4.45
C TYR B 413 22.82 4.38 4.45
N PHE B 414 23.38 3.42 3.70
CA PHE B 414 24.81 3.40 3.39
C PHE B 414 25.74 3.58 4.58
N GLY B 415 25.85 2.57 5.43
CA GLY B 415 26.80 2.66 6.53
C GLY B 415 26.21 3.30 7.75
N LEU B 416 25.17 2.65 8.27
CA LEU B 416 24.44 3.16 9.41
C LEU B 416 25.39 3.48 10.56
N LYS B 417 25.36 4.73 11.01
CA LYS B 417 26.26 5.20 12.06
C LYS B 417 25.80 4.70 13.41
N ASN B 418 26.75 4.54 14.32
CA ASN B 418 26.46 4.18 15.71
C ASN B 418 26.33 5.43 16.58
N ASP B 419 25.49 6.36 16.15
CA ASP B 419 25.22 7.59 16.87
C ASP B 419 23.74 7.65 17.25
N SER B 420 23.32 8.80 17.78
CA SER B 420 21.95 8.94 18.25
C SER B 420 20.92 8.71 17.14
N THR B 421 21.31 8.93 15.89
CA THR B 421 20.40 8.67 14.77
C THR B 421 20.45 7.22 14.29
N GLY B 422 21.38 6.41 14.81
CA GLY B 422 21.51 5.06 14.34
C GLY B 422 20.30 4.18 14.64
N ILE B 423 19.69 4.38 15.80
CA ILE B 423 18.50 3.61 16.15
C ILE B 423 17.39 3.85 15.15
N GLN B 424 17.14 5.12 14.82
CA GLN B 424 16.07 5.43 13.88
C GLN B 424 16.33 4.79 12.52
N ASN B 425 17.56 4.86 12.02
CA ASN B 425 17.86 4.32 10.70
C ASN B 425 17.75 2.80 10.67
N ARG B 426 18.35 2.12 11.65
CA ARG B 426 18.30 0.67 11.65
C ARG B 426 16.87 0.16 11.79
N ALA B 427 16.12 0.72 12.75
CA ALA B 427 14.72 0.33 12.89
C ALA B 427 13.90 0.68 11.66
N GLY B 428 14.18 1.81 11.00
CA GLY B 428 13.47 2.17 9.80
C GLY B 428 13.70 1.23 8.65
N VAL B 429 14.96 0.86 8.42
CA VAL B 429 15.25 -0.05 7.30
C VAL B 429 14.68 -1.43 7.57
N LEU B 430 14.82 -1.94 8.79
CA LEU B 430 14.34 -3.26 9.16
C LEU B 430 12.88 -3.16 8.98
N PHE B 431 12.31 -2.08 9.45
CA PHE B 431 10.91 -1.84 9.24
C PHE B 431 10.63 -1.92 7.79
N PHE B 432 11.28 -1.14 6.98
CA PHE B 432 10.93 -1.13 5.58
C PHE B 432 11.15 -2.47 4.91
N LEU B 433 12.24 -3.18 5.15
CA LEU B 433 12.46 -4.40 4.46
C LEU B 433 11.33 -5.32 4.81
N THR B 434 10.92 -5.41 6.07
CA THR B 434 9.82 -6.28 6.50
C THR B 434 8.47 -5.89 5.94
N THR B 435 8.17 -4.61 5.94
CA THR B 435 6.93 -4.19 5.37
C THR B 435 6.91 -4.45 3.90
N ASN B 436 8.04 -4.43 3.22
CA ASN B 436 7.99 -4.55 1.77
C ASN B 436 7.74 -5.98 1.47
N GLN B 437 8.35 -6.87 2.20
CA GLN B 437 8.18 -8.27 1.98
C GLN B 437 6.72 -8.50 2.12
N CYS B 438 6.18 -8.03 3.24
CA CYS B 438 4.78 -8.34 3.47
C CYS B 438 3.92 -7.83 2.34
N PHE B 439 4.07 -6.58 1.96
CA PHE B 439 3.19 -6.00 0.96
C PHE B 439 3.41 -6.49 -0.48
N SER B 440 4.54 -7.15 -0.75
CA SER B 440 4.82 -7.72 -2.06
C SER B 440 4.15 -9.04 -2.03
N SER B 441 4.00 -9.58 -0.87
CA SER B 441 3.31 -10.79 -0.85
C SER B 441 1.81 -10.62 -0.92
N VAL B 442 1.28 -9.62 -1.60
CA VAL B 442 -0.15 -9.50 -1.79
C VAL B 442 -0.24 -9.73 -3.23
N SER B 443 0.82 -10.21 -3.83
CA SER B 443 0.78 -10.56 -5.25
C SER B 443 0.49 -12.05 -5.38
N ALA B 444 0.50 -12.77 -4.28
CA ALA B 444 0.24 -14.20 -4.29
C ALA B 444 -1.17 -14.39 -4.64
N VAL B 445 -1.99 -13.40 -4.35
CA VAL B 445 -3.40 -13.52 -4.57
C VAL B 445 -3.57 -13.65 -6.04
N GLU B 446 -2.56 -13.28 -6.81
CA GLU B 446 -2.61 -13.41 -8.26
C GLU B 446 -2.49 -14.84 -8.66
N LEU B 447 -1.48 -15.49 -8.12
CA LEU B 447 -1.24 -16.89 -8.49
C LEU B 447 -2.54 -17.68 -8.53
N PHE B 448 -3.22 -17.79 -7.39
CA PHE B 448 -4.38 -18.68 -7.33
C PHE B 448 -5.61 -18.08 -7.99
N VAL B 449 -5.83 -16.77 -7.89
CA VAL B 449 -7.07 -16.23 -8.43
C VAL B 449 -7.12 -16.38 -9.94
N VAL B 450 -5.98 -16.19 -10.61
CA VAL B 450 -5.95 -16.38 -12.06
C VAL B 450 -6.07 -17.86 -12.41
N GLU B 451 -5.44 -18.73 -11.64
CA GLU B 451 -5.42 -20.17 -11.90
C GLU B 451 -6.61 -20.90 -11.27
N LYS B 452 -7.65 -20.17 -10.84
CA LYS B 452 -8.77 -20.81 -10.17
C LYS B 452 -9.61 -21.64 -11.13
N LYS B 453 -9.99 -21.05 -12.26
CA LYS B 453 -10.86 -21.77 -13.20
C LYS B 453 -10.14 -22.97 -13.82
N LEU B 454 -8.86 -22.81 -14.13
CA LEU B 454 -8.06 -23.94 -14.59
C LEU B 454 -7.97 -25.03 -13.54
N PHE B 455 -7.81 -24.65 -12.26
CA PHE B 455 -7.79 -25.64 -11.20
C PHE B 455 -9.10 -26.40 -11.12
N ILE B 456 -10.23 -25.70 -11.24
CA ILE B 456 -11.53 -26.37 -11.15
C ILE B 456 -11.67 -27.39 -12.28
N HIS B 457 -11.42 -26.96 -13.51
CA HIS B 457 -11.59 -27.88 -14.64
C HIS B 457 -10.63 -29.05 -14.54
N GLU B 458 -9.37 -28.80 -14.20
CA GLU B 458 -8.38 -29.85 -14.17
C GLU B 458 -8.61 -30.86 -13.04
N TYR B 459 -9.13 -30.43 -11.89
CA TYR B 459 -9.43 -31.42 -10.87
C TYR B 459 -10.69 -32.22 -11.17
N ILE B 460 -11.72 -31.58 -11.74
CA ILE B 460 -12.89 -32.38 -12.08
C ILE B 460 -12.55 -33.37 -13.19
N SER B 461 -11.62 -33.00 -14.07
CA SER B 461 -11.11 -33.97 -15.04
C SER B 461 -10.31 -35.08 -14.35
N GLY B 462 -9.67 -34.76 -13.23
CA GLY B 462 -8.94 -35.76 -12.47
C GLY B 462 -7.47 -35.89 -12.81
N TYR B 463 -6.84 -34.77 -13.15
CA TYR B 463 -5.42 -34.79 -13.47
C TYR B 463 -4.54 -34.99 -12.24
N TYR B 464 -5.05 -34.76 -11.04
CA TYR B 464 -4.21 -34.73 -9.86
C TYR B 464 -5.07 -34.85 -8.61
N ARG B 465 -4.46 -35.34 -7.54
CA ARG B 465 -5.04 -35.12 -6.22
C ARG B 465 -4.79 -33.68 -5.81
N VAL B 466 -5.68 -33.16 -4.96
CA VAL B 466 -5.58 -31.76 -4.56
C VAL B 466 -4.26 -31.50 -3.86
N SER B 467 -3.80 -32.44 -3.04
CA SER B 467 -2.52 -32.26 -2.37
C SER B 467 -1.36 -32.33 -3.35
N SER B 468 -1.50 -33.07 -4.46
CA SER B 468 -0.45 -33.04 -5.48
C SER B 468 -0.36 -31.67 -6.13
N TYR B 469 -1.50 -31.07 -6.48
CA TYR B 469 -1.50 -29.70 -6.97
C TYR B 469 -0.89 -28.76 -5.94
N PHE B 470 -1.21 -28.97 -4.67
CA PHE B 470 -0.81 -28.05 -3.60
C PHE B 470 0.66 -28.19 -3.21
N LEU B 471 1.22 -29.40 -3.29
CA LEU B 471 2.64 -29.61 -3.07
C LEU B 471 3.47 -29.36 -4.31
N GLY B 472 2.84 -29.25 -5.48
CA GLY B 472 3.57 -28.95 -6.70
C GLY B 472 3.64 -27.47 -7.01
N LYS B 473 2.51 -26.76 -6.97
CA LYS B 473 2.53 -25.35 -7.33
C LYS B 473 3.32 -24.52 -6.31
N LEU B 474 3.21 -24.86 -5.02
CA LEU B 474 4.03 -24.19 -4.03
C LEU B 474 5.52 -24.48 -4.24
N LEU B 475 5.84 -25.68 -4.72
CA LEU B 475 7.21 -25.98 -5.10
C LEU B 475 7.64 -25.23 -6.35
N SER B 476 6.68 -24.84 -7.19
CA SER B 476 6.98 -24.21 -8.46
C SER B 476 6.98 -22.69 -8.39
N ASP B 477 6.12 -22.08 -7.57
CA ASP B 477 6.03 -20.63 -7.54
C ASP B 477 6.26 -20.03 -6.16
N LEU B 478 5.74 -20.67 -5.10
CA LEU B 478 5.96 -20.14 -3.77
C LEU B 478 7.43 -20.26 -3.36
N LEU B 479 8.10 -21.32 -3.83
CA LEU B 479 9.50 -21.54 -3.39
C LEU B 479 10.46 -20.59 -4.08
N PRO B 480 10.57 -20.58 -5.42
CA PRO B 480 11.65 -19.80 -6.05
C PRO B 480 11.43 -18.30 -6.04
N MET B 481 10.20 -17.86 -6.26
CA MET B 481 9.91 -16.43 -6.34
C MET B 481 10.03 -15.72 -5.00
N ARG B 482 10.17 -16.46 -3.90
CA ARG B 482 10.37 -15.86 -2.59
C ARG B 482 11.71 -16.21 -1.98
N MET B 483 12.43 -17.21 -2.49
CA MET B 483 13.81 -17.40 -2.11
C MET B 483 14.72 -16.33 -2.71
N LEU B 484 14.37 -15.83 -3.90
CA LEU B 484 15.26 -14.90 -4.59
C LEU B 484 15.26 -13.52 -3.96
N PRO B 485 14.13 -12.81 -3.86
CA PRO B 485 14.17 -11.47 -3.25
C PRO B 485 14.68 -11.47 -1.83
N SER B 486 14.44 -12.53 -1.07
CA SER B 486 15.03 -12.70 0.25
C SER B 486 16.54 -12.93 0.18
N ILE B 487 17.07 -13.17 -1.02
CA ILE B 487 18.51 -13.18 -1.22
C ILE B 487 19.00 -11.92 -1.92
N ILE B 488 18.21 -11.33 -2.82
CA ILE B 488 18.63 -10.09 -3.48
C ILE B 488 18.73 -8.96 -2.46
N PHE B 489 17.67 -8.75 -1.68
CA PHE B 489 17.74 -7.78 -0.59
C PHE B 489 18.91 -8.10 0.34
N THR B 490 19.05 -9.37 0.71
CA THR B 490 20.02 -9.76 1.72
C THR B 490 21.45 -9.50 1.26
N CYS B 491 21.76 -9.84 0.00
CA CYS B 491 23.11 -9.65 -0.51
C CYS B 491 23.41 -8.17 -0.76
N ILE B 492 22.43 -7.40 -1.23
CA ILE B 492 22.71 -6.01 -1.57
C ILE B 492 22.78 -5.15 -0.32
N VAL B 493 21.68 -5.05 0.44
CA VAL B 493 21.59 -4.05 1.49
C VAL B 493 22.34 -4.41 2.76
N TYR B 494 22.96 -5.59 2.81
CA TYR B 494 23.64 -5.98 4.04
C TYR B 494 24.99 -5.27 4.19
N PHE B 495 25.85 -5.37 3.17
CA PHE B 495 27.19 -4.83 3.27
C PHE B 495 27.30 -3.38 2.85
N MET B 496 26.33 -2.86 2.08
CA MET B 496 26.28 -1.42 1.84
C MET B 496 25.90 -0.68 3.12
N LEU B 497 24.82 -1.11 3.77
CA LEU B 497 24.40 -0.52 5.04
C LEU B 497 25.37 -0.83 6.17
N GLY B 498 26.14 -1.91 6.05
CA GLY B 498 26.99 -2.32 7.15
C GLY B 498 26.25 -2.93 8.31
N LEU B 499 25.23 -3.74 8.03
CA LEU B 499 24.57 -4.47 9.10
C LEU B 499 25.52 -5.50 9.70
N LYS B 500 25.22 -5.92 10.93
CA LYS B 500 26.17 -6.54 11.85
C LYS B 500 27.14 -7.47 11.14
N PRO B 501 28.45 -7.17 11.19
CA PRO B 501 29.43 -7.85 10.32
C PRO B 501 29.86 -9.22 10.85
N LYS B 502 28.89 -10.10 11.04
CA LYS B 502 29.14 -11.48 11.41
C LYS B 502 28.62 -12.40 10.31
N ALA B 503 29.12 -13.64 10.32
CA ALA B 503 28.70 -14.61 9.32
C ALA B 503 27.29 -15.12 9.59
N ASP B 504 26.97 -15.41 10.85
CA ASP B 504 25.69 -16.01 11.17
C ASP B 504 24.54 -15.02 11.04
N ALA B 505 24.77 -13.76 11.40
CA ALA B 505 23.71 -12.75 11.32
C ALA B 505 23.28 -12.48 9.89
N PHE B 506 24.21 -12.54 8.94
CA PHE B 506 23.85 -12.41 7.53
C PHE B 506 22.82 -13.47 7.15
N PHE B 507 23.06 -14.73 7.54
CA PHE B 507 22.14 -15.80 7.19
C PHE B 507 20.90 -15.82 8.05
N VAL B 508 20.97 -15.31 9.28
CA VAL B 508 19.75 -15.16 10.08
C VAL B 508 18.81 -14.17 9.42
N MET B 509 19.35 -13.04 8.96
CA MET B 509 18.54 -12.08 8.22
C MET B 509 18.02 -12.68 6.92
N MET B 510 18.87 -13.42 6.21
CA MET B 510 18.43 -14.09 4.99
C MET B 510 17.24 -15.00 5.26
N PHE B 511 17.35 -15.88 6.27
CA PHE B 511 16.29 -16.81 6.59
C PHE B 511 15.05 -16.12 7.13
N THR B 512 15.21 -15.04 7.90
CA THR B 512 14.06 -14.36 8.45
C THR B 512 13.25 -13.66 7.36
N LEU B 513 13.93 -13.00 6.42
CA LEU B 513 13.21 -12.44 5.29
C LEU B 513 12.55 -13.53 4.46
N MET B 514 13.22 -14.67 4.29
CA MET B 514 12.60 -15.78 3.56
C MET B 514 11.32 -16.23 4.26
N MET B 515 11.36 -16.37 5.59
CA MET B 515 10.20 -16.86 6.34
C MET B 515 9.06 -15.87 6.31
N VAL B 516 9.35 -14.57 6.47
CA VAL B 516 8.27 -13.59 6.45
C VAL B 516 7.66 -13.48 5.06
N ALA B 517 8.47 -13.59 4.00
CA ALA B 517 7.90 -13.68 2.66
C ALA B 517 6.95 -14.86 2.56
N TYR B 518 7.39 -16.04 3.03
CA TYR B 518 6.53 -17.22 2.98
C TYR B 518 5.26 -17.02 3.80
N SER B 519 5.38 -16.42 4.98
CA SER B 519 4.24 -16.32 5.89
C SER B 519 3.20 -15.34 5.37
N ALA B 520 3.64 -14.17 4.90
CA ALA B 520 2.69 -13.26 4.26
C ALA B 520 2.08 -13.86 3.01
N SER B 521 2.86 -14.61 2.22
CA SER B 521 2.27 -15.29 1.07
C SER B 521 1.28 -16.37 1.50
N SER B 522 1.54 -17.05 2.61
CA SER B 522 0.63 -18.09 3.09
C SER B 522 -0.69 -17.48 3.54
N MET B 523 -0.65 -16.28 4.09
CA MET B 523 -1.88 -15.63 4.48
C MET B 523 -2.59 -15.28 3.27
N ALA B 524 -1.93 -14.71 2.31
CA ALA B 524 -2.57 -14.32 1.11
C ALA B 524 -3.09 -15.53 0.51
N LEU B 525 -2.39 -16.62 0.65
CA LEU B 525 -2.95 -17.85 0.16
C LEU B 525 -4.24 -18.29 0.92
N ALA B 526 -4.32 -18.16 2.24
CA ALA B 526 -5.53 -18.47 2.98
C ALA B 526 -6.67 -17.56 2.64
N ILE B 527 -6.44 -16.27 2.41
CA ILE B 527 -7.47 -15.27 2.13
C ILE B 527 -7.79 -15.16 0.67
N ALA B 528 -7.21 -16.01 -0.13
CA ALA B 528 -7.41 -15.91 -1.56
C ALA B 528 -7.91 -17.16 -2.11
N ALA B 529 -7.81 -18.20 -1.34
CA ALA B 529 -8.18 -19.53 -1.82
C ALA B 529 -9.69 -19.62 -2.01
N GLY B 530 -10.10 -20.04 -3.21
CA GLY B 530 -11.51 -20.18 -3.50
C GLY B 530 -12.25 -18.89 -3.78
N GLN B 531 -11.55 -17.87 -4.26
CA GLN B 531 -12.18 -16.60 -4.65
C GLN B 531 -11.73 -16.24 -6.06
N SER B 532 -12.69 -16.04 -6.95
CA SER B 532 -12.40 -15.64 -8.32
C SER B 532 -12.24 -14.13 -8.48
N VAL B 533 -12.62 -13.35 -7.47
CA VAL B 533 -12.49 -11.90 -7.54
C VAL B 533 -11.10 -11.50 -7.04
N VAL B 534 -10.55 -10.48 -7.67
CA VAL B 534 -9.25 -9.93 -7.26
C VAL B 534 -9.42 -8.71 -6.37
N SER B 535 -10.32 -7.80 -6.74
CA SER B 535 -10.43 -6.52 -6.05
C SER B 535 -10.93 -6.67 -4.61
N VAL B 536 -11.58 -7.79 -4.36
CA VAL B 536 -12.08 -8.08 -3.02
C VAL B 536 -10.96 -8.45 -2.12
N ALA B 537 -10.28 -9.54 -2.47
CA ALA B 537 -9.22 -10.03 -1.63
C ALA B 537 -8.13 -9.07 -1.49
N THR B 538 -7.75 -8.44 -2.55
CA THR B 538 -6.61 -7.60 -2.43
C THR B 538 -7.00 -6.51 -1.51
N LEU B 539 -8.25 -6.11 -1.54
CA LEU B 539 -8.69 -5.10 -0.57
C LEU B 539 -8.55 -5.59 0.88
N LEU B 540 -8.94 -6.83 1.16
CA LEU B 540 -8.80 -7.39 2.51
C LEU B 540 -7.37 -7.50 2.94
N MET B 541 -6.52 -7.97 2.07
CA MET B 541 -5.19 -8.17 2.50
C MET B 541 -4.65 -6.82 2.80
N THR B 542 -4.98 -5.83 2.00
CA THR B 542 -4.35 -4.56 2.25
C THR B 542 -4.65 -3.91 3.60
N ILE B 543 -5.90 -3.92 4.08
CA ILE B 543 -6.23 -3.39 5.40
C ILE B 543 -5.57 -4.22 6.38
N CYS B 544 -5.53 -5.50 6.13
CA CYS B 544 -5.00 -6.37 7.13
C CYS B 544 -3.57 -6.07 7.44
N PHE B 545 -2.74 -5.87 6.45
CA PHE B 545 -1.39 -5.65 6.82
C PHE B 545 -1.31 -4.30 7.50
N VAL B 546 -2.05 -3.30 7.04
CA VAL B 546 -2.06 -1.95 7.67
C VAL B 546 -2.40 -1.97 9.16
N PHE B 547 -3.14 -2.97 9.64
CA PHE B 547 -3.39 -3.09 11.05
C PHE B 547 -2.23 -3.79 11.66
N MET B 548 -1.68 -4.75 10.97
CA MET B 548 -0.58 -5.51 11.56
C MET B 548 0.64 -4.68 11.76
N MET B 549 0.92 -3.78 10.84
CA MET B 549 2.04 -2.88 11.03
C MET B 549 1.80 -1.97 12.18
N ILE B 550 0.59 -1.50 12.37
CA ILE B 550 0.42 -0.72 13.59
C ILE B 550 0.88 -1.59 14.78
N PHE B 551 0.69 -2.94 14.79
CA PHE B 551 1.20 -3.75 15.90
C PHE B 551 2.59 -4.31 15.65
N SER B 552 3.21 -4.01 14.51
CA SER B 552 4.57 -4.48 14.25
C SER B 552 5.56 -3.98 15.31
N GLY B 553 5.31 -2.82 15.90
CA GLY B 553 6.14 -2.31 16.98
C GLY B 553 6.79 -0.97 16.73
N LEU B 554 6.73 -0.44 15.50
CA LEU B 554 7.34 0.85 15.23
C LEU B 554 6.35 2.00 15.38
N LEU B 555 5.14 1.86 14.86
CA LEU B 555 4.17 2.94 14.90
C LEU B 555 3.50 3.09 16.27
N VAL B 556 3.61 2.09 17.13
CA VAL B 556 3.11 2.18 18.50
C VAL B 556 3.93 1.22 19.36
N ASN B 557 4.26 1.65 20.57
CA ASN B 557 5.02 0.80 21.47
C ASN B 557 4.09 -0.25 22.06
N LEU B 558 4.42 -1.53 21.83
CA LEU B 558 3.49 -2.60 22.14
C LEU B 558 3.23 -2.75 23.64
N THR B 559 4.19 -2.38 24.48
CA THR B 559 3.97 -2.48 25.92
C THR B 559 3.00 -1.42 26.43
N THR B 560 2.82 -0.33 25.67
CA THR B 560 1.96 0.77 26.09
C THR B 560 0.59 0.73 25.43
N ILE B 561 0.06 -0.48 25.20
CA ILE B 561 -1.29 -0.65 24.67
C ILE B 561 -2.17 -1.19 25.78
N ALA B 562 -3.43 -0.80 25.77
CA ALA B 562 -4.37 -1.29 26.77
C ALA B 562 -4.44 -2.82 26.72
N SER B 563 -4.51 -3.44 27.89
CA SER B 563 -4.29 -4.88 27.99
C SER B 563 -5.37 -5.71 27.30
N TRP B 564 -6.50 -5.12 26.92
CA TRP B 564 -7.48 -5.83 26.12
C TRP B 564 -7.24 -5.68 24.62
N LEU B 565 -6.15 -5.01 24.24
CA LEU B 565 -5.67 -5.00 22.86
C LEU B 565 -4.32 -5.68 22.68
N SER B 566 -3.55 -5.86 23.76
CA SER B 566 -2.22 -6.45 23.66
C SER B 566 -2.24 -7.93 23.31
N TRP B 567 -3.42 -8.53 23.15
CA TRP B 567 -3.48 -9.87 22.60
C TRP B 567 -3.54 -9.87 21.08
N LEU B 568 -3.81 -8.72 20.46
CA LEU B 568 -3.80 -8.60 19.01
C LEU B 568 -2.39 -8.56 18.43
N GLN B 569 -1.37 -8.30 19.26
CA GLN B 569 -0.01 -8.23 18.77
C GLN B 569 0.55 -9.59 18.39
N TYR B 570 -0.22 -10.66 18.57
CA TYR B 570 0.21 -12.00 18.18
C TYR B 570 -0.31 -12.43 16.82
N PHE B 571 -1.32 -11.75 16.28
CA PHE B 571 -1.91 -12.08 15.00
C PHE B 571 -1.30 -11.27 13.85
N SER B 572 -0.04 -10.84 13.98
CA SER B 572 0.56 -9.94 12.99
C SER B 572 1.86 -10.54 12.49
N ILE B 573 1.90 -10.86 11.19
CA ILE B 573 3.14 -11.37 10.58
C ILE B 573 4.24 -10.33 10.61
N PRO B 574 4.01 -9.06 10.25
CA PRO B 574 5.10 -8.07 10.34
C PRO B 574 5.64 -7.86 11.74
N ARG B 575 5.00 -8.42 12.77
CA ARG B 575 5.56 -8.32 14.11
C ARG B 575 6.70 -9.31 14.30
N TYR B 576 6.52 -10.56 13.90
CA TYR B 576 7.50 -11.60 14.22
C TYR B 576 8.78 -11.42 13.40
N GLY B 577 8.66 -11.15 12.11
CA GLY B 577 9.86 -10.92 11.31
C GLY B 577 10.61 -9.68 11.74
N PHE B 578 9.87 -8.59 12.00
CA PHE B 578 10.50 -7.36 12.46
C PHE B 578 11.13 -7.53 13.83
N THR B 579 10.49 -8.29 14.72
CA THR B 579 11.08 -8.61 16.01
C THR B 579 12.36 -9.42 15.84
N ALA B 580 12.33 -10.39 14.92
CA ALA B 580 13.51 -11.21 14.69
C ALA B 580 14.66 -10.38 14.13
N LEU B 581 14.37 -9.45 13.22
CA LEU B 581 15.42 -8.60 12.67
C LEU B 581 15.98 -7.65 13.72
N GLN B 582 15.10 -7.06 14.54
CA GLN B 582 15.60 -6.23 15.64
C GLN B 582 16.44 -7.04 16.61
N HIS B 583 16.06 -8.29 16.86
CA HIS B 583 16.85 -9.16 17.72
C HIS B 583 18.16 -9.56 17.07
N ASN B 584 18.16 -9.72 15.75
CA ASN B 584 19.33 -10.17 15.02
C ASN B 584 20.39 -9.07 14.97
N GLU B 585 19.95 -7.81 14.88
CA GLU B 585 20.89 -6.72 14.63
C GLU B 585 21.23 -5.88 15.86
N PHE B 586 20.31 -5.72 16.81
CA PHE B 586 20.50 -4.80 17.92
C PHE B 586 21.19 -5.41 19.13
N LEU B 587 21.90 -6.53 18.98
CA LEU B 587 22.47 -7.18 20.16
C LEU B 587 23.78 -6.52 20.58
N GLY B 588 24.80 -6.57 19.72
CA GLY B 588 26.09 -6.04 20.07
C GLY B 588 26.28 -4.56 19.80
N GLN B 589 25.23 -3.87 19.38
CA GLN B 589 25.36 -2.49 18.95
C GLN B 589 25.42 -1.53 20.14
N ASN B 590 25.94 -0.33 19.87
CA ASN B 590 25.89 0.79 20.79
C ASN B 590 25.55 2.03 19.99
N PHE B 591 24.87 2.98 20.64
CA PHE B 591 24.35 4.14 19.93
C PHE B 591 24.60 5.47 20.62
N CYS B 592 25.31 5.47 21.75
CA CYS B 592 25.75 6.71 22.39
C CYS B 592 27.27 6.77 22.29
N PRO B 593 27.81 7.35 21.21
CA PRO B 593 29.27 7.35 21.05
C PRO B 593 29.96 8.12 22.17
N GLY B 594 31.09 7.59 22.61
CA GLY B 594 31.78 8.11 23.76
C GLY B 594 31.19 7.71 25.08
N LEU B 595 30.03 7.06 25.08
CA LEU B 595 29.36 6.66 26.30
C LEU B 595 29.19 5.14 26.27
N ASN B 596 30.11 4.42 26.90
CA ASN B 596 29.92 2.99 27.10
C ASN B 596 28.79 2.78 28.11
N ALA B 597 27.76 2.05 27.68
CA ALA B 597 26.55 1.92 28.47
C ALA B 597 26.35 0.53 29.07
N THR B 598 27.09 -0.47 28.60
CA THR B 598 26.84 -1.85 29.02
C THR B 598 27.21 -2.11 30.47
N GLY B 599 28.08 -1.30 31.07
CA GLY B 599 28.39 -1.45 32.48
C GLY B 599 27.39 -0.72 33.34
N ASN B 600 27.20 0.57 33.04
CA ASN B 600 26.17 1.37 33.68
C ASN B 600 25.62 2.35 32.65
N ASN B 601 24.32 2.62 32.74
CA ASN B 601 23.70 3.68 31.95
C ASN B 601 23.32 4.82 32.88
N PRO B 602 24.22 5.76 33.13
CA PRO B 602 23.82 6.96 33.87
C PRO B 602 22.85 7.77 33.04
N CYS B 603 21.96 8.50 33.72
CA CYS B 603 21.07 9.39 33.01
C CYS B 603 20.17 8.66 32.02
N ASN B 604 19.22 7.87 32.53
CA ASN B 604 18.38 7.03 31.69
C ASN B 604 17.41 7.90 30.89
N TYR B 605 16.47 7.25 30.21
CA TYR B 605 15.70 7.86 29.12
C TYR B 605 16.60 8.10 27.91
N ALA B 606 17.66 7.31 27.80
CA ALA B 606 18.74 7.56 26.86
C ALA B 606 18.78 6.58 25.70
N THR B 607 18.52 5.30 25.94
CA THR B 607 18.62 4.27 24.92
C THR B 607 20.02 4.26 24.31
N CYS B 608 21.00 3.97 25.17
CA CYS B 608 22.41 4.02 24.81
C CYS B 608 23.01 2.67 24.46
N THR B 609 22.18 1.65 24.25
CA THR B 609 22.65 0.37 23.76
C THR B 609 21.51 -0.34 23.05
N GLY B 610 21.87 -1.37 22.27
CA GLY B 610 20.86 -2.10 21.53
C GLY B 610 19.86 -2.81 22.42
N GLU B 611 20.31 -3.31 23.56
CA GLU B 611 19.40 -4.03 24.45
C GLU B 611 18.34 -3.12 25.05
N GLU B 612 18.70 -1.88 25.36
CA GLU B 612 17.71 -0.97 25.92
C GLU B 612 16.58 -0.67 24.92
N TYR B 613 16.94 -0.43 23.66
CA TYR B 613 15.91 -0.27 22.65
C TYR B 613 15.12 -1.56 22.47
N LEU B 614 15.80 -2.70 22.49
CA LEU B 614 15.12 -3.97 22.24
C LEU B 614 14.14 -4.33 23.34
N VAL B 615 14.52 -4.12 24.60
CA VAL B 615 13.63 -4.40 25.72
C VAL B 615 12.50 -3.38 25.77
N LYS B 616 12.80 -2.11 25.53
CA LYS B 616 11.76 -1.09 25.56
C LYS B 616 10.67 -1.36 24.54
N GLN B 617 10.97 -2.11 23.48
CA GLN B 617 9.96 -2.53 22.52
C GLN B 617 9.18 -3.76 22.96
N GLY B 618 9.56 -4.37 24.08
CA GLY B 618 8.92 -5.58 24.54
C GLY B 618 9.37 -6.80 23.75
N ILE B 619 10.68 -6.98 23.64
CA ILE B 619 11.27 -8.06 22.86
C ILE B 619 12.27 -8.80 23.74
N ASP B 620 12.22 -10.12 23.67
CA ASP B 620 13.08 -10.96 24.52
C ASP B 620 14.55 -10.80 24.13
N LEU B 621 15.42 -10.99 25.13
CA LEU B 621 16.86 -10.97 24.91
C LEU B 621 17.49 -12.36 24.90
N SER B 622 16.79 -13.38 25.40
CA SER B 622 17.32 -14.72 25.36
C SER B 622 17.34 -15.23 23.92
N PRO B 623 18.27 -16.13 23.58
CA PRO B 623 18.34 -16.65 22.21
C PRO B 623 17.08 -17.38 21.77
N TRP B 624 16.23 -17.80 22.71
CA TRP B 624 14.92 -18.30 22.31
C TRP B 624 14.04 -17.18 21.76
N GLY B 625 14.29 -15.94 22.20
CA GLY B 625 13.49 -14.83 21.72
C GLY B 625 13.62 -14.59 20.23
N LEU B 626 14.71 -15.05 19.62
CA LEU B 626 14.87 -14.94 18.17
C LEU B 626 14.05 -16.00 17.44
N TRP B 627 14.25 -17.26 17.80
CA TRP B 627 13.64 -18.37 17.08
C TRP B 627 12.22 -18.65 17.50
N LYS B 628 11.73 -18.01 18.57
CA LYS B 628 10.32 -18.03 18.88
C LYS B 628 9.52 -17.41 17.75
N ASN B 629 10.04 -16.31 17.19
CA ASN B 629 9.41 -15.70 16.03
C ASN B 629 9.40 -16.65 14.85
N HIS B 630 10.49 -17.40 14.66
CA HIS B 630 10.56 -18.30 13.51
C HIS B 630 9.60 -19.48 13.66
N VAL B 631 9.49 -20.05 14.86
CA VAL B 631 8.53 -21.13 15.05
C VAL B 631 7.10 -20.61 14.98
N ALA B 632 6.85 -19.38 15.43
CA ALA B 632 5.53 -18.77 15.23
C ALA B 632 5.23 -18.63 13.75
N LEU B 633 6.20 -18.17 12.96
CA LEU B 633 6.01 -18.00 11.53
C LEU B 633 5.86 -19.34 10.82
N ALA B 634 6.59 -20.36 11.25
CA ALA B 634 6.44 -21.69 10.66
C ALA B 634 5.07 -22.26 10.94
N CYS B 635 4.59 -22.10 12.18
CA CYS B 635 3.23 -22.54 12.49
C CYS B 635 2.20 -21.75 11.69
N MET B 636 2.41 -20.44 11.51
CA MET B 636 1.49 -19.66 10.70
C MET B 636 1.52 -20.07 9.24
N ILE B 637 2.69 -20.44 8.71
CA ILE B 637 2.76 -20.97 7.36
C ILE B 637 1.94 -22.24 7.25
N VAL B 638 2.15 -23.18 8.18
CA VAL B 638 1.45 -24.46 8.10
C VAL B 638 -0.05 -24.25 8.26
N ILE B 639 -0.46 -23.39 9.19
CA ILE B 639 -1.88 -23.17 9.44
C ILE B 639 -2.54 -22.51 8.24
N PHE B 640 -1.91 -21.47 7.69
CA PHE B 640 -2.52 -20.78 6.56
C PHE B 640 -2.50 -21.63 5.30
N LEU B 641 -1.47 -22.45 5.12
CA LEU B 641 -1.49 -23.39 4.01
C LEU B 641 -2.54 -24.46 4.21
N THR B 642 -2.81 -24.87 5.46
CA THR B 642 -3.88 -25.83 5.70
C THR B 642 -5.24 -25.21 5.45
N ILE B 643 -5.42 -23.94 5.83
CA ILE B 643 -6.66 -23.24 5.52
C ILE B 643 -6.84 -23.13 4.01
N ALA B 644 -5.74 -22.83 3.30
CA ALA B 644 -5.79 -22.83 1.84
C ALA B 644 -6.10 -24.22 1.29
N TYR B 645 -5.52 -25.26 1.90
CA TYR B 645 -5.75 -26.63 1.45
C TYR B 645 -7.20 -27.04 1.66
N LEU B 646 -7.79 -26.65 2.79
CA LEU B 646 -9.19 -26.98 3.06
C LEU B 646 -10.11 -26.18 2.15
N LYS B 647 -9.82 -24.89 1.94
CA LYS B 647 -10.62 -24.10 1.02
C LYS B 647 -10.56 -24.65 -0.40
N LEU B 648 -9.39 -25.14 -0.81
CA LEU B 648 -9.29 -25.81 -2.11
C LEU B 648 -9.89 -27.20 -2.10
N LEU B 649 -10.08 -27.80 -0.92
CA LEU B 649 -10.71 -29.11 -0.82
C LEU B 649 -12.22 -29.00 -0.65
N PHE B 650 -12.68 -28.19 0.30
CA PHE B 650 -14.10 -27.99 0.55
C PHE B 650 -14.72 -26.97 -0.39
N LEU B 651 -14.05 -26.64 -1.48
CA LEU B 651 -14.59 -25.69 -2.44
C LEU B 651 -15.75 -26.30 -3.21
N LYS B 652 -16.74 -25.46 -3.54
CA LYS B 652 -17.82 -25.90 -4.39
C LYS B 652 -17.33 -25.97 -5.84
N LYS B 653 -16.76 -27.11 -6.22
CA LYS B 653 -16.20 -27.28 -7.56
C LYS B 653 -17.28 -27.25 -8.63
N TYR B 654 -18.53 -27.53 -8.29
CA TYR B 654 -19.58 -27.69 -9.28
C TYR B 654 -20.17 -26.35 -9.72
N ASP C 1 3.23 -6.42 36.01
CA ASP C 1 4.31 -5.49 36.33
C ASP C 1 5.62 -6.23 36.60
N ILE C 2 6.46 -5.65 37.44
CA ILE C 2 7.75 -6.21 37.79
C ILE C 2 7.79 -6.40 39.30
N VAL C 3 7.81 -7.65 39.74
CA VAL C 3 7.89 -7.97 41.16
C VAL C 3 9.31 -8.34 41.51
N LEU C 4 9.79 -7.83 42.65
CA LEU C 4 11.16 -8.00 43.10
C LEU C 4 11.17 -8.97 44.27
N THR C 5 11.49 -10.23 43.98
CA THR C 5 11.49 -11.28 44.99
C THR C 5 12.83 -11.28 45.73
N GLN C 6 12.84 -10.76 46.95
CA GLN C 6 13.96 -10.98 47.85
C GLN C 6 13.75 -12.35 48.50
N SER C 7 14.21 -13.39 47.82
CA SER C 7 13.98 -14.74 48.31
C SER C 7 14.49 -14.95 49.73
N PRO C 8 15.67 -14.45 50.13
CA PRO C 8 16.05 -14.54 51.54
C PRO C 8 15.33 -13.52 52.40
N SER C 9 14.10 -13.87 52.85
CA SER C 9 13.28 -12.92 53.60
C SER C 9 13.93 -12.49 54.92
N SER C 10 14.89 -13.26 55.43
CA SER C 10 15.60 -12.88 56.65
C SER C 10 16.97 -13.53 56.64
N PHE C 11 17.74 -13.24 57.69
CA PHE C 11 19.06 -13.83 57.86
C PHE C 11 19.33 -13.99 59.34
N SER C 12 20.48 -14.60 59.65
CA SER C 12 20.98 -14.66 61.02
C SER C 12 22.51 -14.65 60.92
N VAL C 13 23.09 -13.46 61.03
CA VAL C 13 24.52 -13.29 60.81
C VAL C 13 25.18 -12.79 62.09
N SER C 14 26.50 -12.63 62.05
CA SER C 14 27.27 -12.08 63.16
C SER C 14 28.11 -10.91 62.64
N LEU C 15 28.72 -10.19 63.57
CA LEU C 15 29.53 -9.04 63.19
C LEU C 15 30.77 -9.48 62.42
N GLY C 16 31.24 -8.60 61.53
CA GLY C 16 32.41 -8.89 60.74
C GLY C 16 32.20 -9.96 59.70
N ASP C 17 30.97 -10.17 59.25
CA ASP C 17 30.64 -11.19 58.28
C ASP C 17 30.25 -10.56 56.95
N ARG C 18 30.63 -11.23 55.86
CA ARG C 18 30.21 -10.82 54.52
C ARG C 18 28.87 -11.49 54.23
N VAL C 19 27.82 -10.68 54.21
CA VAL C 19 26.48 -11.19 53.91
C VAL C 19 26.10 -10.74 52.51
N THR C 20 25.36 -11.59 51.81
CA THR C 20 25.01 -11.35 50.42
C THR C 20 23.49 -11.44 50.28
N ILE C 21 22.85 -10.30 50.06
CA ILE C 21 21.40 -10.23 49.93
C ILE C 21 21.05 -10.27 48.45
N SER C 22 20.29 -11.28 48.04
CA SER C 22 19.86 -11.35 46.66
C SER C 22 18.59 -10.53 46.45
N CYS C 23 18.32 -10.18 45.20
CA CYS C 23 17.07 -9.52 44.83
C CYS C 23 16.75 -9.99 43.40
N LYS C 24 15.98 -11.07 43.31
CA LYS C 24 15.63 -11.64 42.02
C LYS C 24 14.50 -10.85 41.39
N ALA C 25 14.72 -10.37 40.17
CA ALA C 25 13.72 -9.58 39.46
C ALA C 25 12.88 -10.47 38.55
N SER C 26 11.67 -10.01 38.27
CA SER C 26 10.75 -10.68 37.36
C SER C 26 10.82 -10.08 35.96
N GLY C 27 11.99 -9.61 35.59
CA GLY C 27 12.22 -8.96 34.31
C GLY C 27 13.54 -8.23 34.33
N TYR C 28 14.00 -7.86 33.14
CA TYR C 28 15.28 -7.19 33.04
C TYR C 28 15.17 -5.75 33.53
N ILE C 29 16.01 -5.40 34.50
CA ILE C 29 16.02 -4.07 35.05
C ILE C 29 17.15 -3.22 34.50
N LEU C 30 18.25 -3.84 34.06
CA LEU C 30 19.39 -3.13 33.48
C LEU C 30 19.94 -2.09 34.45
N ASN C 31 20.37 -2.58 35.61
CA ASN C 31 21.05 -1.78 36.62
C ASN C 31 20.21 -0.63 37.13
N ARG C 32 18.90 -0.68 36.95
CA ARG C 32 17.98 0.28 37.56
C ARG C 32 17.47 -0.24 38.89
N LEU C 33 18.38 -0.64 39.77
CA LEU C 33 18.06 -1.38 40.98
C LEU C 33 18.58 -0.62 42.19
N ALA C 34 17.68 0.01 42.93
CA ALA C 34 18.03 0.77 44.11
C ALA C 34 18.00 -0.11 45.36
N TRP C 35 18.79 0.28 46.35
CA TRP C 35 18.83 -0.35 47.66
C TRP C 35 18.63 0.72 48.72
N TYR C 36 17.69 0.46 49.62
CA TYR C 36 17.37 1.31 50.75
C TYR C 36 17.72 0.61 52.05
N GLN C 37 17.55 1.31 53.16
CA GLN C 37 17.86 0.77 54.48
C GLN C 37 16.96 1.46 55.50
N GLN C 38 15.90 0.78 55.92
CA GLN C 38 14.94 1.35 56.86
C GLN C 38 15.28 0.87 58.26
N LYS C 39 15.88 1.75 59.05
CA LYS C 39 15.94 1.53 60.47
C LYS C 39 14.53 1.62 61.06
N PRO C 40 14.24 0.88 62.13
CA PRO C 40 12.88 0.89 62.67
C PRO C 40 12.49 2.28 63.15
N GLY C 41 11.35 2.77 62.66
CA GLY C 41 10.88 4.09 63.01
C GLY C 41 11.38 5.21 62.10
N ASN C 42 11.82 4.88 60.88
CA ASN C 42 12.37 5.88 59.98
C ASN C 42 11.91 5.60 58.56
N ALA C 43 12.12 6.57 57.69
CA ALA C 43 11.91 6.38 56.27
C ALA C 43 13.11 5.68 55.65
N PRO C 44 12.92 4.98 54.54
CA PRO C 44 14.04 4.26 53.93
C PRO C 44 15.12 5.20 53.38
N ARG C 45 16.29 5.19 54.02
CA ARG C 45 17.42 5.94 53.53
C ARG C 45 18.01 5.27 52.28
N LEU C 46 18.27 6.06 51.25
CA LEU C 46 18.82 5.50 50.03
C LEU C 46 20.25 5.02 50.26
N LEU C 47 20.54 3.81 49.81
CA LEU C 47 21.85 3.21 50.02
C LEU C 47 22.64 3.10 48.72
N ILE C 48 22.09 2.44 47.71
CA ILE C 48 22.80 2.23 46.44
C ILE C 48 21.87 2.54 45.28
N SER C 49 22.32 3.40 44.38
CA SER C 49 21.62 3.64 43.13
C SER C 49 22.36 2.96 41.99
N GLY C 50 21.63 2.70 40.91
CA GLY C 50 22.21 2.11 39.72
C GLY C 50 22.68 0.69 39.86
N ALA C 51 22.49 0.06 41.02
CA ALA C 51 22.85 -1.32 41.30
C ALA C 51 24.35 -1.54 41.38
N THR C 52 25.16 -0.54 41.08
CA THR C 52 26.61 -0.62 41.25
C THR C 52 27.21 0.60 41.90
N SER C 53 26.51 1.74 41.92
CA SER C 53 27.03 2.97 42.49
C SER C 53 26.89 2.92 44.01
N LEU C 54 27.10 4.06 44.65
CA LEU C 54 27.00 4.17 46.09
C LEU C 54 26.56 5.59 46.42
N GLU C 55 26.00 5.77 47.61
CA GLU C 55 25.48 7.06 48.03
C GLU C 55 26.34 7.62 49.16
N THR C 56 26.70 8.89 49.02
CA THR C 56 27.59 9.54 49.99
C THR C 56 26.94 9.54 51.36
N GLY C 57 27.67 9.01 52.35
CA GLY C 57 27.13 8.86 53.69
C GLY C 57 27.14 7.42 54.14
N PHE C 58 28.00 6.61 53.52
CA PHE C 58 28.14 5.21 53.88
C PHE C 58 29.59 4.80 53.72
N PRO C 59 30.04 3.77 54.45
CA PRO C 59 31.37 3.23 54.22
C PRO C 59 31.43 2.52 52.87
N SER C 60 32.66 2.21 52.46
CA SER C 60 32.88 1.47 51.21
C SER C 60 32.80 -0.03 51.44
N ARG C 61 31.71 -0.46 52.07
CA ARG C 61 31.44 -1.87 52.34
C ARG C 61 30.21 -2.37 51.62
N PHE C 62 29.13 -1.59 51.60
CA PHE C 62 27.97 -1.94 50.78
C PHE C 62 28.34 -1.81 49.32
N SER C 63 28.11 -2.87 48.55
CA SER C 63 28.48 -2.85 47.13
C SER C 63 27.53 -3.74 46.36
N GLY C 64 26.85 -3.17 45.36
CA GLY C 64 25.95 -3.93 44.53
C GLY C 64 26.66 -4.52 43.34
N THR C 65 26.46 -5.82 43.12
CA THR C 65 27.04 -6.54 41.98
C THR C 65 25.90 -7.27 41.27
N GLY C 66 25.23 -6.57 40.36
CA GLY C 66 24.09 -7.14 39.67
C GLY C 66 24.25 -7.15 38.16
N SER C 67 23.55 -8.07 37.49
CA SER C 67 23.68 -8.21 36.05
C SER C 67 22.44 -8.91 35.52
N GLY C 68 21.63 -8.21 34.74
CA GLY C 68 20.49 -8.82 34.10
C GLY C 68 19.26 -8.86 34.98
N LYS C 69 19.02 -10.01 35.59
CA LYS C 69 17.96 -10.17 36.58
C LYS C 69 18.48 -10.47 37.98
N ASP C 70 19.66 -11.06 38.11
CA ASP C 70 20.16 -11.53 39.40
C ASP C 70 21.01 -10.44 40.06
N TYR C 71 20.32 -9.41 40.54
CA TYR C 71 20.98 -8.35 41.27
C TYR C 71 21.19 -8.77 42.72
N THR C 72 22.28 -8.28 43.32
CA THR C 72 22.57 -8.63 44.69
C THR C 72 23.38 -7.51 45.34
N LEU C 73 23.36 -7.51 46.67
CA LEU C 73 24.10 -6.58 47.49
C LEU C 73 25.06 -7.35 48.37
N SER C 74 26.30 -6.85 48.48
CA SER C 74 27.32 -7.47 49.29
C SER C 74 27.68 -6.50 50.41
N ILE C 75 27.59 -6.98 51.65
CA ILE C 75 27.99 -6.22 52.82
C ILE C 75 29.16 -6.97 53.43
N SER C 76 30.38 -6.47 53.17
CA SER C 76 31.59 -7.11 53.68
C SER C 76 31.88 -6.59 55.08
N SER C 77 31.88 -7.49 56.06
CA SER C 77 32.21 -7.17 57.45
C SER C 77 31.27 -6.09 57.99
N LEU C 78 30.00 -6.46 58.10
CA LEU C 78 28.98 -5.53 58.55
C LEU C 78 29.23 -5.08 59.98
N GLN C 79 28.62 -3.97 60.34
CA GLN C 79 28.78 -3.34 61.64
C GLN C 79 27.52 -3.52 62.49
N THR C 80 27.56 -2.96 63.69
CA THR C 80 26.39 -2.98 64.55
C THR C 80 25.29 -2.06 64.03
N GLU C 81 25.67 -0.95 63.41
CA GLU C 81 24.74 0.06 62.92
C GLU C 81 24.16 -0.28 61.55
N ASP C 82 24.28 -1.52 61.10
CA ASP C 82 23.85 -1.89 59.75
C ASP C 82 22.76 -2.96 59.75
N VAL C 83 22.25 -3.35 60.92
CA VAL C 83 21.07 -4.20 60.96
C VAL C 83 19.86 -3.35 60.62
N GLY C 84 19.02 -3.85 59.70
CA GLY C 84 17.86 -3.09 59.27
C GLY C 84 16.92 -3.89 58.40
N THR C 85 16.33 -3.23 57.42
CA THR C 85 15.39 -3.88 56.50
C THR C 85 15.69 -3.36 55.10
N TYR C 86 16.43 -4.14 54.32
CA TYR C 86 16.94 -3.70 53.04
C TYR C 86 15.94 -3.99 51.94
N TYR C 87 15.42 -2.93 51.32
CA TYR C 87 14.45 -3.03 50.24
C TYR C 87 15.12 -2.73 48.92
N CYS C 88 14.98 -3.64 47.96
CA CYS C 88 15.44 -3.39 46.61
C CYS C 88 14.27 -2.92 45.76
N GLN C 89 14.53 -1.92 44.93
CA GLN C 89 13.49 -1.30 44.11
C GLN C 89 13.92 -1.29 42.65
N GLN C 90 12.96 -1.53 41.77
CA GLN C 90 13.18 -1.27 40.35
C GLN C 90 12.60 0.09 40.02
N TYR C 91 13.40 0.92 39.35
CA TYR C 91 12.91 2.16 38.79
C TYR C 91 13.03 2.13 37.26
N TRP C 92 12.74 0.97 36.69
CA TRP C 92 12.70 0.82 35.24
C TRP C 92 11.32 1.18 34.69
N SER C 93 10.29 0.50 35.15
CA SER C 93 8.92 0.77 34.72
C SER C 93 8.33 1.88 35.58
N THR C 94 7.03 2.15 35.42
CA THR C 94 6.33 3.15 36.21
C THR C 94 5.86 2.62 37.57
N PRO C 95 5.21 1.43 37.63
CA PRO C 95 4.76 0.93 38.93
C PRO C 95 5.94 0.43 39.76
N TRP C 96 6.59 1.35 40.47
CA TRP C 96 7.86 1.08 41.13
C TRP C 96 7.63 0.16 42.33
N THR C 97 7.51 -1.13 42.03
CA THR C 97 7.43 -2.13 43.08
C THR C 97 8.76 -2.22 43.82
N PHE C 98 8.66 -2.41 45.13
CA PHE C 98 9.83 -2.64 45.98
C PHE C 98 10.00 -4.14 46.19
N GLY C 99 11.09 -4.50 46.83
CA GLY C 99 11.26 -5.89 47.25
C GLY C 99 10.50 -6.18 48.52
N GLY C 100 10.44 -7.47 48.86
CA GLY C 100 9.85 -7.84 50.13
C GLY C 100 10.59 -7.26 51.31
N GLY C 101 11.92 -7.18 51.21
CA GLY C 101 12.71 -6.58 52.24
C GLY C 101 13.26 -7.61 53.20
N THR C 102 14.55 -7.91 53.09
CA THR C 102 15.15 -8.81 54.05
C THR C 102 15.38 -8.09 55.37
N LYS C 103 15.67 -8.86 56.42
CA LYS C 103 15.87 -8.30 57.74
C LYS C 103 16.98 -9.07 58.44
N LEU C 104 18.10 -8.39 58.69
CA LEU C 104 19.24 -9.03 59.32
C LEU C 104 18.97 -9.28 60.80
N GLU C 105 19.63 -10.31 61.33
CA GLU C 105 19.52 -10.68 62.74
C GLU C 105 20.90 -11.00 63.27
N ILE C 106 20.99 -11.08 64.59
CA ILE C 106 22.23 -11.39 65.29
C ILE C 106 22.02 -12.66 66.09
N ARG C 107 22.86 -13.66 65.87
CA ARG C 107 22.72 -14.96 66.53
C ARG C 107 23.21 -14.89 67.97
N VAL D 2 14.07 19.01 49.40
CA VAL D 2 15.20 18.77 50.27
C VAL D 2 14.75 18.57 51.71
N GLN D 3 13.67 19.26 52.09
CA GLN D 3 13.14 19.17 53.45
C GLN D 3 11.62 19.04 53.36
N LEU D 4 11.12 17.83 53.63
CA LEU D 4 9.70 17.53 53.55
C LEU D 4 9.16 17.18 54.93
N GLN D 5 7.84 17.30 55.08
CA GLN D 5 7.18 17.02 56.34
C GLN D 5 5.68 16.93 56.11
N GLU D 6 5.05 15.93 56.71
CA GLU D 6 3.61 15.77 56.64
C GLU D 6 2.94 16.30 57.89
N SER D 7 1.65 16.60 57.77
CA SER D 7 0.86 17.04 58.91
C SER D 7 -0.61 16.76 58.57
N GLY D 8 -1.21 15.79 59.24
CA GLY D 8 -2.57 15.43 58.97
C GLY D 8 -3.19 14.55 60.05
N PRO D 9 -4.45 14.18 59.86
CA PRO D 9 -5.12 13.35 60.87
C PRO D 9 -4.50 11.96 60.94
N GLY D 10 -4.26 11.50 62.16
CA GLY D 10 -3.69 10.17 62.37
C GLY D 10 -4.77 9.13 62.56
N LEU D 11 -5.98 9.44 62.11
CA LEU D 11 -7.14 8.59 62.28
C LEU D 11 -8.20 9.04 61.29
N VAL D 12 -9.12 8.14 60.96
CA VAL D 12 -10.22 8.47 60.05
C VAL D 12 -11.31 7.43 60.20
N LYS D 13 -12.56 7.87 59.98
CA LYS D 13 -13.64 6.93 59.83
C LYS D 13 -13.52 6.21 58.49
N PRO D 14 -13.92 4.95 58.41
CA PRO D 14 -13.79 4.20 57.17
C PRO D 14 -14.69 4.73 56.07
N SER D 15 -14.22 4.55 54.83
CA SER D 15 -15.05 4.69 53.63
C SER D 15 -15.54 6.12 53.39
N GLN D 16 -14.82 7.12 53.88
CA GLN D 16 -15.18 8.52 53.59
C GLN D 16 -14.10 9.24 52.78
N SER D 17 -12.89 9.39 53.33
CA SER D 17 -11.87 10.19 52.68
C SER D 17 -10.57 10.20 53.50
N LEU D 18 -9.55 10.90 53.00
CA LEU D 18 -8.32 11.10 53.73
C LEU D 18 -7.60 12.30 53.15
N SER D 19 -7.01 13.11 54.02
CA SER D 19 -6.30 14.31 53.61
C SER D 19 -4.92 14.34 54.28
N LEU D 20 -3.88 14.46 53.46
CA LEU D 20 -2.53 14.70 53.94
C LEU D 20 -1.92 15.84 53.15
N THR D 21 -0.97 16.54 53.78
CA THR D 21 -0.35 17.72 53.18
C THR D 21 1.14 17.66 53.42
N CYS D 22 1.94 17.80 52.36
CA CYS D 22 3.39 17.77 52.49
C CYS D 22 3.95 19.15 52.14
N THR D 23 4.44 19.86 53.15
CA THR D 23 4.98 21.21 53.00
C THR D 23 6.49 21.12 52.79
N VAL D 24 6.96 21.64 51.66
CA VAL D 24 8.35 21.49 51.25
C VAL D 24 9.08 22.80 51.51
N THR D 25 10.16 22.73 52.29
CA THR D 25 11.05 23.85 52.52
C THR D 25 12.44 23.51 52.00
N GLY D 26 13.28 24.54 51.89
CA GLY D 26 14.60 24.40 51.33
C GLY D 26 14.63 24.22 49.82
N PHE D 27 13.48 24.24 49.17
CA PHE D 27 13.36 24.01 47.73
C PHE D 27 11.93 24.30 47.34
N SER D 28 11.73 24.63 46.07
CA SER D 28 10.42 24.97 45.55
C SER D 28 9.91 23.83 44.67
N ILE D 29 8.70 23.36 44.96
CA ILE D 29 8.16 22.21 44.24
C ILE D 29 7.81 22.52 42.79
N THR D 30 7.85 23.79 42.40
CA THR D 30 7.68 24.16 41.01
C THR D 30 9.00 24.23 40.26
N SER D 31 10.13 24.01 40.93
CA SER D 31 11.42 24.23 40.28
C SER D 31 11.86 23.04 39.45
N ASP D 32 12.17 21.90 40.10
CA ASP D 32 12.83 20.81 39.39
C ASP D 32 12.08 19.48 39.45
N TYR D 33 11.79 18.96 40.64
CA TYR D 33 11.62 17.53 40.80
C TYR D 33 10.17 17.08 40.63
N ALA D 34 9.99 15.77 40.69
CA ALA D 34 8.70 15.13 40.85
C ALA D 34 8.51 14.71 42.30
N TRP D 35 7.25 14.78 42.76
CA TRP D 35 6.92 14.62 44.16
C TRP D 35 5.87 13.54 44.30
N ASN D 36 6.19 12.48 45.05
CA ASN D 36 5.35 11.30 45.10
C ASN D 36 5.06 10.93 46.55
N TRP D 37 4.06 10.07 46.72
CA TRP D 37 3.69 9.55 48.03
C TRP D 37 4.01 8.07 48.11
N ILE D 38 4.29 7.60 49.31
CA ILE D 38 4.53 6.18 49.57
C ILE D 38 3.73 5.80 50.80
N ARG D 39 3.36 4.53 50.91
CA ARG D 39 2.79 4.02 52.13
C ARG D 39 3.42 2.67 52.47
N GLN D 40 3.64 2.45 53.75
CA GLN D 40 4.24 1.21 54.24
C GLN D 40 3.30 0.59 55.25
N PHE D 41 2.78 -0.59 54.92
CA PHE D 41 1.80 -1.24 55.77
C PHE D 41 2.46 -1.76 57.05
N PRO D 42 1.67 -1.97 58.10
CA PRO D 42 2.13 -2.85 59.17
C PRO D 42 2.33 -4.25 58.62
N GLY D 43 3.33 -4.94 59.14
CA GLY D 43 3.84 -6.09 58.41
C GLY D 43 4.55 -5.53 57.20
N LYS D 44 5.67 -4.87 57.45
CA LYS D 44 6.22 -3.84 56.57
C LYS D 44 6.40 -4.28 55.13
N LYS D 45 5.63 -3.69 54.24
CA LYS D 45 5.83 -3.77 52.80
C LYS D 45 5.58 -2.40 52.20
N LEU D 46 6.59 -1.86 51.51
CA LEU D 46 6.47 -0.54 50.93
C LEU D 46 5.64 -0.58 49.66
N GLU D 47 4.96 0.53 49.38
CA GLU D 47 4.06 0.62 48.23
C GLU D 47 4.03 2.07 47.78
N TRP D 48 4.72 2.35 46.68
CA TRP D 48 4.69 3.67 46.07
C TRP D 48 3.30 3.94 45.51
N MET D 49 2.83 5.18 45.66
CA MET D 49 1.44 5.52 45.38
C MET D 49 1.24 6.38 44.14
N GLY D 50 2.11 7.34 43.88
CA GLY D 50 1.98 8.16 42.69
C GLY D 50 2.69 9.49 42.87
N TYR D 51 3.12 10.06 41.75
CA TYR D 51 3.89 11.30 41.75
C TYR D 51 3.18 12.39 40.98
N ILE D 52 3.28 13.61 41.48
CA ILE D 52 2.89 14.81 40.74
C ILE D 52 4.16 15.46 40.20
N ASN D 53 4.17 15.75 38.91
CA ASN D 53 5.36 16.34 38.28
C ASN D 53 5.53 17.77 38.77
N PHE D 54 6.65 18.39 38.39
CA PHE D 54 6.88 19.78 38.77
C PHE D 54 5.88 20.72 38.10
N ASP D 55 5.33 20.33 36.96
CA ASP D 55 4.40 21.16 36.20
C ASP D 55 2.97 20.63 36.29
N GLY D 56 2.58 20.14 37.46
CA GLY D 56 1.20 19.76 37.72
C GLY D 56 0.79 18.40 37.17
N GLY D 57 1.47 17.90 36.14
CA GLY D 57 1.15 16.57 35.65
C GLY D 57 1.41 15.51 36.69
N THR D 58 0.67 14.41 36.58
CA THR D 58 0.73 13.41 37.64
C THR D 58 0.46 12.03 37.07
N THR D 59 1.04 11.02 37.72
CA THR D 59 0.81 9.62 37.39
C THR D 59 0.69 8.83 38.68
N TYR D 60 -0.37 8.02 38.77
CA TYR D 60 -0.71 7.31 39.99
C TYR D 60 -0.53 5.80 39.82
N ASN D 61 -0.28 5.13 40.93
CA ASN D 61 -0.08 3.69 40.93
C ASN D 61 -1.36 2.99 40.47
N PRO D 62 -1.32 2.17 39.41
CA PRO D 62 -2.55 1.63 38.84
C PRO D 62 -3.35 0.74 39.78
N SER D 63 -2.77 0.26 40.88
CA SER D 63 -3.59 -0.43 41.87
C SER D 63 -4.54 0.54 42.56
N LEU D 64 -4.14 1.80 42.69
CA LEU D 64 -4.97 2.85 43.27
C LEU D 64 -5.51 3.72 42.14
N ARG D 65 -6.60 3.26 41.52
CA ARG D 65 -7.25 4.01 40.46
C ARG D 65 -8.54 4.63 41.00
N GLY D 66 -8.73 5.91 40.71
CA GLY D 66 -9.91 6.63 41.17
C GLY D 66 -9.95 6.93 42.65
N ARG D 67 -9.09 6.33 43.46
CA ARG D 67 -9.09 6.54 44.90
C ARG D 67 -8.08 7.59 45.35
N ILE D 68 -6.90 7.62 44.75
CA ILE D 68 -5.88 8.60 45.09
C ILE D 68 -5.98 9.77 44.13
N SER D 69 -5.80 10.97 44.66
CA SER D 69 -5.60 12.15 43.84
C SER D 69 -4.57 13.04 44.53
N ILE D 70 -3.73 13.68 43.73
CA ILE D 70 -2.72 14.59 44.24
C ILE D 70 -2.96 15.95 43.64
N THR D 71 -3.19 16.94 44.50
CA THR D 71 -3.31 18.32 44.06
C THR D 71 -2.08 19.09 44.56
N ARG D 72 -2.02 20.37 44.21
CA ARG D 72 -0.91 21.17 44.69
C ARG D 72 -1.32 22.63 44.83
N ASP D 73 -0.80 23.27 45.87
CA ASP D 73 -0.91 24.70 46.09
C ASP D 73 0.51 25.24 45.95
N THR D 74 0.78 25.83 44.78
CA THR D 74 2.13 26.26 44.43
C THR D 74 2.56 27.50 45.18
N SER D 75 1.62 28.33 45.62
CA SER D 75 1.96 29.60 46.25
C SER D 75 2.58 29.44 47.63
N LYS D 76 2.56 28.23 48.20
CA LYS D 76 3.23 27.98 49.47
C LYS D 76 4.00 26.66 49.47
N ASN D 77 4.21 26.06 48.30
CA ASN D 77 4.94 24.80 48.16
C ASN D 77 4.27 23.68 48.98
N GLN D 78 3.04 23.35 48.56
CA GLN D 78 2.35 22.22 49.15
C GLN D 78 1.80 21.31 48.07
N PHE D 79 1.77 20.01 48.38
CA PHE D 79 1.02 19.08 47.56
C PHE D 79 0.22 18.15 48.47
N PHE D 80 -0.99 17.83 48.04
CA PHE D 80 -2.03 17.23 48.86
C PHE D 80 -2.38 15.83 48.37
N LEU D 81 -2.49 14.92 49.34
CA LEU D 81 -2.91 13.54 49.14
C LEU D 81 -4.36 13.43 49.57
N GLN D 82 -5.25 13.19 48.60
CA GLN D 82 -6.68 13.04 48.84
C GLN D 82 -7.05 11.61 48.45
N LEU D 83 -7.30 10.78 49.46
CA LEU D 83 -7.54 9.35 49.28
C LEU D 83 -8.97 9.07 49.73
N ARG D 84 -9.82 8.65 48.80
CA ARG D 84 -11.25 8.55 49.03
C ARG D 84 -11.69 7.11 49.14
N SER D 85 -12.85 6.91 49.77
CA SER D 85 -13.42 5.58 49.98
C SER D 85 -12.41 4.65 50.64
N VAL D 86 -11.85 5.12 51.75
CA VAL D 86 -10.73 4.43 52.39
C VAL D 86 -11.23 3.19 53.12
N THR D 87 -10.75 2.03 52.67
CA THR D 87 -11.03 0.78 53.37
C THR D 87 -10.24 0.73 54.67
N PRO D 88 -10.71 -0.03 55.66
CA PRO D 88 -9.92 -0.21 56.88
C PRO D 88 -8.63 -1.01 56.69
N GLU D 89 -8.45 -1.65 55.53
CA GLU D 89 -7.26 -2.48 55.32
C GLU D 89 -6.02 -1.65 55.04
N ASP D 90 -6.14 -0.53 54.32
CA ASP D 90 -4.97 0.29 53.99
C ASP D 90 -4.73 1.34 55.08
N THR D 91 -4.47 0.82 56.28
CA THR D 91 -4.11 1.63 57.44
C THR D 91 -2.60 1.72 57.60
N ALA D 92 -1.92 2.17 56.55
CA ALA D 92 -0.48 2.14 56.48
C ALA D 92 0.14 3.45 57.00
N THR D 93 1.46 3.42 57.14
CA THR D 93 2.23 4.62 57.48
C THR D 93 2.56 5.36 56.19
N TYR D 94 2.16 6.62 56.10
CA TYR D 94 2.29 7.38 54.86
C TYR D 94 3.50 8.30 54.88
N TYR D 95 4.07 8.50 53.69
CA TYR D 95 5.24 9.35 53.48
C TYR D 95 5.06 10.18 52.22
N CYS D 96 5.69 11.33 52.19
CA CYS D 96 5.93 12.07 50.95
C CYS D 96 7.42 12.04 50.65
N ALA D 97 7.75 11.88 49.36
CA ALA D 97 9.11 11.66 48.92
C ALA D 97 9.37 12.43 47.63
N THR D 98 10.65 12.54 47.29
CA THR D 98 11.17 13.43 46.28
C THR D 98 12.08 12.65 45.35
N PHE D 99 11.77 12.72 44.05
CA PHE D 99 12.35 11.88 43.01
C PHE D 99 13.14 12.76 42.05
N TYR D 100 14.37 12.34 41.72
CA TYR D 100 15.26 13.20 40.95
C TYR D 100 14.90 13.24 39.46
N GLY D 101 14.55 12.11 38.89
CA GLY D 101 14.32 12.03 37.46
C GLY D 101 15.54 11.61 36.65
N ALA D 102 16.68 12.25 36.89
CA ALA D 102 17.93 11.87 36.24
C ALA D 102 18.71 10.85 37.06
N LYS D 103 18.82 11.05 38.36
CA LYS D 103 19.39 10.02 39.23
C LYS D 103 18.45 8.83 39.33
N GLY D 104 17.13 9.08 39.33
CA GLY D 104 16.14 8.04 39.21
C GLY D 104 15.64 7.45 40.52
N THR D 105 16.20 7.85 41.65
CA THR D 105 15.87 7.21 42.92
C THR D 105 15.09 8.15 43.82
N LEU D 106 14.42 7.56 44.81
CA LEU D 106 13.70 8.33 45.82
C LEU D 106 14.72 9.03 46.72
N ASP D 107 15.25 10.15 46.23
CA ASP D 107 16.37 10.79 46.91
C ASP D 107 15.96 11.31 48.29
N TYR D 108 14.79 11.90 48.42
CA TYR D 108 14.43 12.48 49.71
C TYR D 108 13.08 11.96 50.17
N TRP D 109 12.89 11.94 51.49
CA TRP D 109 11.69 11.38 52.08
C TRP D 109 11.10 12.33 53.10
N GLY D 110 9.85 12.07 53.48
CA GLY D 110 9.20 12.81 54.52
C GLY D 110 9.67 12.34 55.88
N GLN D 111 8.84 12.60 56.90
CA GLN D 111 9.13 12.16 58.25
C GLN D 111 8.36 10.91 58.64
N GLY D 112 7.14 10.76 58.16
CA GLY D 112 6.34 9.59 58.45
C GLY D 112 5.09 9.88 59.24
N THR D 113 3.94 9.80 58.56
CA THR D 113 2.64 9.94 59.20
C THR D 113 1.88 8.63 59.10
N SER D 114 1.24 8.24 60.19
CA SER D 114 0.48 7.00 60.26
C SER D 114 -1.01 7.30 60.20
N VAL D 115 -1.74 6.49 59.47
CA VAL D 115 -3.18 6.62 59.33
C VAL D 115 -3.82 5.32 59.79
N THR D 116 -4.72 5.40 60.77
CA THR D 116 -5.44 4.25 61.28
C THR D 116 -6.90 4.37 60.88
N VAL D 117 -7.39 3.39 60.12
CA VAL D 117 -8.75 3.45 59.58
C VAL D 117 -9.66 2.52 60.38
N SER D 118 -10.30 3.05 61.42
CA SER D 118 -11.14 2.25 62.29
C SER D 118 -12.34 3.10 62.70
N SER D 119 -13.15 2.58 63.61
CA SER D 119 -14.34 3.27 64.08
C SER D 119 -14.65 2.93 65.53
N ASP E 1 27.36 23.02 7.77
CA ASP E 1 27.52 22.76 9.20
C ASP E 1 26.98 23.91 10.04
N ILE E 2 27.56 24.10 11.21
CA ILE E 2 27.15 25.15 12.15
C ILE E 2 28.36 26.01 12.42
N VAL E 3 28.31 27.26 11.97
CA VAL E 3 29.39 28.21 12.20
C VAL E 3 29.00 29.14 13.34
N LEU E 4 29.95 29.40 14.22
CA LEU E 4 29.73 30.19 15.43
C LEU E 4 30.40 31.55 15.25
N THR E 5 29.61 32.55 14.89
CA THR E 5 30.12 33.90 14.63
C THR E 5 30.21 34.66 15.94
N GLN E 6 31.43 34.81 16.46
CA GLN E 6 31.68 35.77 17.53
C GLN E 6 31.86 37.13 16.86
N SER E 7 30.74 37.82 16.63
CA SER E 7 30.82 39.09 15.91
C SER E 7 31.75 40.10 16.57
N PRO E 8 31.79 40.24 17.90
CA PRO E 8 32.81 41.10 18.51
C PRO E 8 34.18 40.44 18.53
N SER E 9 34.93 40.54 17.43
CA SER E 9 36.22 39.86 17.33
C SER E 9 37.22 40.33 18.37
N SER E 10 37.02 41.51 18.96
CA SER E 10 37.91 41.99 20.01
C SER E 10 37.14 42.97 20.89
N PHE E 11 37.82 43.47 21.92
CA PHE E 11 37.25 44.45 22.81
C PHE E 11 38.35 45.36 23.30
N SER E 12 37.96 46.38 24.08
CA SER E 12 38.90 47.23 24.79
C SER E 12 38.21 47.66 26.08
N VAL E 13 38.47 46.93 27.16
CA VAL E 13 37.76 47.14 28.42
C VAL E 13 38.76 47.54 29.50
N SER E 14 38.25 47.81 30.70
CA SER E 14 39.09 48.11 31.86
C SER E 14 38.68 47.19 33.00
N LEU E 15 39.47 47.22 34.06
CA LEU E 15 39.22 46.35 35.20
C LEU E 15 37.92 46.75 35.90
N GLY E 16 37.27 45.76 36.51
CA GLY E 16 36.03 46.00 37.21
C GLY E 16 34.87 46.33 36.30
N ASP E 17 34.91 45.89 35.04
CA ASP E 17 33.87 46.17 34.08
C ASP E 17 33.09 44.91 33.75
N ARG E 18 31.80 45.06 33.51
CA ARG E 18 30.95 43.98 33.05
C ARG E 18 31.01 43.95 31.53
N VAL E 19 31.69 42.94 30.99
CA VAL E 19 31.80 42.78 29.53
C VAL E 19 30.90 41.64 29.11
N THR E 20 30.31 41.78 27.92
CA THR E 20 29.34 40.81 27.41
C THR E 20 29.81 40.33 26.05
N ILE E 21 30.25 39.09 25.97
CA ILE E 21 30.74 38.50 24.73
C ILE E 21 29.60 37.73 24.08
N SER E 22 29.22 38.13 22.87
CA SER E 22 28.18 37.40 22.16
C SER E 22 28.79 36.23 21.41
N CYS E 23 27.94 35.26 21.05
CA CYS E 23 28.33 34.15 20.20
C CYS E 23 27.10 33.76 19.39
N LYS E 24 26.97 34.35 18.21
CA LYS E 24 25.81 34.10 17.36
C LYS E 24 25.99 32.79 16.61
N ALA E 25 25.02 31.90 16.75
CA ALA E 25 25.07 30.60 16.11
C ALA E 25 24.33 30.63 14.77
N SER E 26 24.73 29.74 13.87
CA SER E 26 24.10 29.57 12.57
C SER E 26 23.08 28.45 12.60
N GLY E 27 22.44 28.26 13.74
CA GLY E 27 21.48 27.20 13.95
C GLY E 27 21.22 27.02 15.42
N TYR E 28 20.14 26.31 15.73
CA TYR E 28 19.76 26.12 17.12
C TYR E 28 20.71 25.12 17.78
N ILE E 29 21.31 25.56 18.88
CA ILE E 29 22.23 24.72 19.63
C ILE E 29 21.59 24.13 20.88
N LEU E 30 20.57 24.78 21.43
CA LEU E 30 19.86 24.29 22.61
C LEU E 30 20.81 24.07 23.78
N ASN E 31 21.46 25.15 24.18
CA ASN E 31 22.32 25.19 25.36
C ASN E 31 23.48 24.21 25.28
N ARG E 32 23.83 23.75 24.08
CA ARG E 32 25.04 22.95 23.88
C ARG E 32 26.21 23.84 23.49
N LEU E 33 26.46 24.87 24.30
CA LEU E 33 27.37 25.95 23.94
C LEU E 33 28.45 26.06 25.02
N ALA E 34 29.65 25.61 24.68
CA ALA E 34 30.78 25.64 25.61
C ALA E 34 31.57 26.94 25.45
N TRP E 35 32.22 27.34 26.53
CA TRP E 35 33.12 28.49 26.56
C TRP E 35 34.46 28.05 27.12
N TYR E 36 35.52 28.39 26.38
CA TYR E 36 36.90 28.11 26.75
C TYR E 36 37.63 29.42 27.02
N GLN E 37 38.89 29.29 27.45
CA GLN E 37 39.69 30.47 27.76
C GLN E 37 41.16 30.09 27.52
N GLN E 38 41.72 30.51 26.39
CA GLN E 38 43.08 30.18 26.03
C GLN E 38 43.99 31.34 26.42
N LYS E 39 44.73 31.17 27.52
CA LYS E 39 45.84 32.05 27.78
C LYS E 39 46.93 31.78 26.74
N PRO E 40 47.72 32.81 26.40
CA PRO E 40 48.73 32.62 25.35
C PRO E 40 49.75 31.58 25.76
N GLY E 41 49.96 30.59 24.89
CA GLY E 41 50.88 29.50 25.18
C GLY E 41 50.28 28.33 25.91
N ASN E 42 48.96 28.17 25.88
CA ASN E 42 48.29 27.10 26.61
C ASN E 42 47.18 26.52 25.76
N ALA E 43 46.68 25.37 26.20
CA ALA E 43 45.47 24.79 25.62
C ALA E 43 44.23 25.46 26.20
N PRO E 44 43.12 25.45 25.46
CA PRO E 44 41.91 26.11 25.97
C PRO E 44 41.33 25.43 27.19
N ARG E 45 41.41 26.11 28.33
CA ARG E 45 40.78 25.62 29.55
C ARG E 45 39.27 25.78 29.46
N LEU E 46 38.54 24.72 29.82
CA LEU E 46 37.09 24.79 29.77
C LEU E 46 36.58 25.75 30.83
N LEU E 47 35.66 26.62 30.43
CA LEU E 47 35.11 27.64 31.31
C LEU E 47 33.65 27.37 31.66
N ILE E 48 32.79 27.25 30.65
CA ILE E 48 31.36 27.06 30.89
C ILE E 48 30.84 25.97 29.98
N SER E 49 30.18 24.97 30.56
CA SER E 49 29.46 23.96 29.79
C SER E 49 27.97 24.22 29.86
N GLY E 50 27.25 23.70 28.87
CA GLY E 50 25.81 23.80 28.84
C GLY E 50 25.26 25.20 28.62
N ALA E 51 26.12 26.20 28.42
CA ALA E 51 25.76 27.58 28.15
C ALA E 51 25.15 28.29 29.36
N THR E 52 24.90 27.58 30.45
CA THR E 52 24.44 28.19 31.70
C THR E 52 25.18 27.67 32.93
N SER E 53 25.83 26.53 32.85
CA SER E 53 26.53 25.96 33.99
C SER E 53 27.87 26.66 34.18
N LEU E 54 28.72 26.08 35.03
CA LEU E 54 30.03 26.64 35.30
C LEU E 54 30.95 25.49 35.66
N GLU E 55 32.25 25.72 35.53
CA GLU E 55 33.25 24.69 35.77
C GLU E 55 34.06 25.03 37.01
N THR E 56 34.22 24.04 37.88
CA THR E 56 34.90 24.24 39.15
C THR E 56 36.34 24.68 38.91
N GLY E 57 36.72 25.81 39.50
CA GLY E 57 38.03 26.39 39.27
C GLY E 57 37.93 27.79 38.72
N PHE E 58 36.79 28.44 38.94
CA PHE E 58 36.57 29.81 38.49
C PHE E 58 35.72 30.54 39.53
N PRO E 59 35.83 31.86 39.59
CA PRO E 59 34.91 32.63 40.44
C PRO E 59 33.50 32.60 39.87
N SER E 60 32.55 33.06 40.70
CA SER E 60 31.16 33.15 40.27
C SER E 60 30.88 34.46 39.55
N ARG E 61 31.72 34.76 38.56
CA ARG E 61 31.58 35.96 37.75
C ARG E 61 31.29 35.64 36.28
N PHE E 62 31.96 34.65 35.72
CA PHE E 62 31.62 34.18 34.39
C PHE E 62 30.25 33.51 34.43
N SER E 63 29.34 33.94 33.58
CA SER E 63 27.99 33.37 33.59
C SER E 63 27.40 33.44 32.19
N GLY E 64 27.01 32.29 31.65
CA GLY E 64 26.41 32.24 30.33
C GLY E 64 24.91 32.40 30.42
N THR E 65 24.36 33.29 29.59
CA THR E 65 22.93 33.53 29.51
C THR E 65 22.53 33.43 28.04
N GLY E 66 22.25 32.22 27.58
CA GLY E 66 21.93 32.00 26.18
C GLY E 66 20.57 31.36 25.98
N SER E 67 19.98 31.57 24.81
CA SER E 67 18.64 31.05 24.54
C SER E 67 18.45 30.99 23.03
N GLY E 68 18.34 29.77 22.49
CA GLY E 68 18.05 29.61 21.08
C GLY E 68 19.27 29.67 20.20
N LYS E 69 19.52 30.84 19.60
CA LYS E 69 20.73 31.09 18.83
C LYS E 69 21.61 32.17 19.45
N ASP E 70 21.06 33.08 20.22
CA ASP E 70 21.81 34.24 20.73
C ASP E 70 22.39 33.92 22.10
N TYR E 71 23.41 33.08 22.10
CA TYR E 71 24.13 32.76 23.31
C TYR E 71 25.14 33.85 23.63
N THR E 72 25.38 34.07 24.92
CA THR E 72 26.33 35.10 25.31
C THR E 72 26.93 34.75 26.66
N LEU E 73 28.07 35.37 26.93
CA LEU E 73 28.80 35.21 28.18
C LEU E 73 28.90 36.58 28.85
N SER E 74 28.68 36.60 30.16
CA SER E 74 28.75 37.83 30.95
C SER E 74 29.89 37.67 31.95
N ILE E 75 30.82 38.62 31.93
CA ILE E 75 31.92 38.67 32.87
C ILE E 75 31.72 39.95 33.68
N SER E 76 31.18 39.81 34.89
CA SER E 76 30.92 40.96 35.75
C SER E 76 32.17 41.28 36.55
N SER E 77 32.71 42.48 36.35
CA SER E 77 33.87 42.97 37.09
C SER E 77 35.07 42.04 36.91
N LEU E 78 35.54 41.99 35.67
CA LEU E 78 36.64 41.11 35.31
C LEU E 78 37.91 41.50 36.06
N GLN E 79 38.84 40.55 36.12
CA GLN E 79 40.10 40.70 36.84
C GLN E 79 41.26 40.84 35.86
N THR E 80 42.46 40.96 36.42
CA THR E 80 43.66 41.01 35.59
C THR E 80 43.96 39.66 34.96
N GLU E 81 43.65 38.56 35.67
CA GLU E 81 43.93 37.21 35.22
C GLU E 81 42.89 36.66 34.26
N ASP E 82 42.02 37.51 33.70
CA ASP E 82 40.93 37.04 32.85
C ASP E 82 41.01 37.58 31.42
N VAL E 83 42.08 38.28 31.06
CA VAL E 83 42.31 38.62 29.67
C VAL E 83 42.78 37.37 28.94
N GLY E 84 42.16 37.08 27.79
CA GLY E 84 42.52 35.90 27.04
C GLY E 84 41.88 35.84 25.67
N THR E 85 41.48 34.65 25.24
CA THR E 85 40.87 34.45 23.94
C THR E 85 39.72 33.46 24.12
N TYR E 86 38.51 33.98 24.23
CA TYR E 86 37.35 33.17 24.60
C TYR E 86 36.71 32.57 23.35
N TYR E 87 36.75 31.25 23.25
CA TYR E 87 36.18 30.51 22.13
C TYR E 87 34.87 29.86 22.56
N CYS E 88 33.81 30.11 21.80
CA CYS E 88 32.55 29.42 22.01
C CYS E 88 32.46 28.26 21.03
N GLN E 89 31.97 27.12 21.53
CA GLN E 89 31.90 25.90 20.75
C GLN E 89 30.48 25.35 20.79
N GLN E 90 30.03 24.82 19.67
CA GLN E 90 28.82 24.01 19.66
C GLN E 90 29.21 22.54 19.71
N TYR E 91 28.61 21.81 20.62
CA TYR E 91 28.73 20.35 20.65
C TYR E 91 27.37 19.71 20.41
N TRP E 92 26.62 20.30 19.49
CA TRP E 92 25.35 19.73 19.07
C TRP E 92 25.54 18.73 17.94
N SER E 93 26.11 19.19 16.82
CA SER E 93 26.39 18.33 15.68
C SER E 93 27.73 17.63 15.88
N THR E 94 28.19 16.92 14.85
CA THR E 94 29.49 16.24 14.89
C THR E 94 30.65 17.17 14.53
N PRO E 95 30.57 17.97 13.45
CA PRO E 95 31.69 18.85 13.12
C PRO E 95 31.77 20.02 14.08
N TRP E 96 32.43 19.81 15.22
CA TRP E 96 32.39 20.74 16.34
C TRP E 96 33.20 21.99 15.98
N THR E 97 32.57 22.88 15.22
CA THR E 97 33.15 24.17 14.92
C THR E 97 33.24 25.02 16.19
N PHE E 98 34.33 25.75 16.31
CA PHE E 98 34.51 26.71 17.39
C PHE E 98 34.12 28.10 16.90
N GLY E 99 34.12 29.05 17.81
CA GLY E 99 33.94 30.43 17.42
C GLY E 99 35.23 31.03 16.91
N GLY E 100 35.12 32.24 16.34
CA GLY E 100 36.31 32.95 15.93
C GLY E 100 37.22 33.27 17.10
N GLY E 101 36.63 33.56 18.26
CA GLY E 101 37.39 33.82 19.46
C GLY E 101 37.66 35.29 19.66
N THR E 102 36.95 35.91 20.60
CA THR E 102 37.22 37.28 20.93
C THR E 102 38.50 37.38 21.74
N LYS E 103 39.02 38.60 21.87
CA LYS E 103 40.26 38.83 22.59
C LYS E 103 40.15 40.14 23.36
N LEU E 104 40.15 40.06 24.68
CA LEU E 104 40.02 41.24 25.51
C LEU E 104 41.31 42.07 25.49
N GLU E 105 41.15 43.37 25.70
CA GLU E 105 42.27 44.29 25.74
C GLU E 105 42.09 45.25 26.91
N ILE E 106 43.15 45.97 27.24
CA ILE E 106 43.15 46.95 28.32
C ILE E 106 43.49 48.30 27.72
N ARG E 107 42.62 49.28 27.94
CA ARG E 107 42.82 50.62 27.38
C ARG E 107 43.88 51.41 28.14
N VAL F 2 42.92 11.59 31.40
CA VAL F 2 43.15 12.56 32.46
C VAL F 2 44.50 13.24 32.27
N GLN F 3 45.47 12.49 31.74
CA GLN F 3 46.82 13.02 31.52
C GLN F 3 47.28 12.62 30.13
N LEU F 4 47.30 13.58 29.20
CA LEU F 4 47.68 13.33 27.83
C LEU F 4 48.97 14.08 27.49
N GLN F 5 49.63 13.62 26.44
CA GLN F 5 50.88 14.23 26.01
C GLN F 5 51.22 13.71 24.62
N GLU F 6 51.65 14.62 23.74
CA GLU F 6 52.10 14.25 22.40
C GLU F 6 53.61 14.17 22.34
N SER F 7 54.10 13.45 21.33
CA SER F 7 55.54 13.37 21.07
C SER F 7 55.71 12.97 19.61
N GLY F 8 56.20 13.89 18.79
CA GLY F 8 56.36 13.63 17.38
C GLY F 8 57.24 14.64 16.69
N PRO F 9 57.43 14.48 15.38
CA PRO F 9 58.29 15.41 14.64
C PRO F 9 57.65 16.79 14.56
N GLY F 10 58.46 17.81 14.83
CA GLY F 10 57.99 19.18 14.76
C GLY F 10 58.21 19.79 13.39
N LEU F 11 58.39 18.93 12.39
CA LEU F 11 58.70 19.36 11.03
C LEU F 11 58.40 18.18 10.11
N VAL F 12 58.18 18.48 8.83
CA VAL F 12 57.92 17.44 7.85
C VAL F 12 58.12 18.01 6.46
N LYS F 13 58.56 17.16 5.54
CA LYS F 13 58.53 17.52 4.12
C LYS F 13 57.09 17.53 3.63
N PRO F 14 56.77 18.42 2.69
CA PRO F 14 55.39 18.51 2.21
C PRO F 14 54.96 17.27 1.43
N SER F 15 53.66 17.00 1.50
CA SER F 15 52.98 16.07 0.58
C SER F 15 53.44 14.62 0.77
N GLN F 16 53.91 14.25 1.95
CA GLN F 16 54.27 12.85 2.21
C GLN F 16 53.40 12.23 3.29
N SER F 17 53.45 12.74 4.52
CA SER F 17 52.76 12.10 5.63
C SER F 17 52.98 12.88 6.93
N LEU F 18 52.39 12.40 8.02
CA LEU F 18 52.61 12.97 9.34
C LEU F 18 52.23 11.94 10.38
N SER F 19 53.03 11.85 11.45
CA SER F 19 52.79 10.90 12.52
C SER F 19 52.86 11.61 13.87
N LEU F 20 51.79 11.48 14.64
CA LEU F 20 51.76 11.94 16.03
C LEU F 20 51.22 10.83 16.92
N THR F 21 51.64 10.83 18.18
CA THR F 21 51.27 9.79 19.13
C THR F 21 50.89 10.42 20.45
N CYS F 22 49.71 10.07 20.97
CA CYS F 22 49.26 10.62 22.25
C CYS F 22 49.21 9.50 23.28
N THR F 23 50.13 9.53 24.24
CA THR F 23 50.23 8.52 25.28
C THR F 23 49.44 8.98 26.51
N VAL F 24 48.46 8.19 26.90
CA VAL F 24 47.52 8.57 27.96
C VAL F 24 47.89 7.83 29.25
N THR F 25 48.14 8.60 30.31
CA THR F 25 48.37 8.05 31.64
C THR F 25 47.27 8.53 32.57
N GLY F 26 47.19 7.91 33.75
CA GLY F 26 46.15 8.19 34.71
C GLY F 26 44.79 7.66 34.34
N PHE F 27 44.67 6.98 33.21
CA PHE F 27 43.40 6.47 32.70
C PHE F 27 43.71 5.59 31.51
N SER F 28 42.79 4.66 31.22
CA SER F 28 42.96 3.72 30.12
C SER F 28 42.02 4.10 28.99
N ILE F 29 42.57 4.22 27.78
CA ILE F 29 41.78 4.68 26.64
C ILE F 29 40.77 3.65 26.18
N THR F 30 40.84 2.43 26.69
CA THR F 30 39.82 1.42 26.42
C THR F 30 38.70 1.45 27.44
N SER F 31 38.78 2.31 28.47
CA SER F 31 37.79 2.24 29.55
C SER F 31 36.51 2.99 29.21
N ASP F 32 36.57 4.32 29.11
CA ASP F 32 35.35 5.11 29.02
C ASP F 32 35.26 6.00 27.78
N TYR F 33 36.22 6.89 27.56
CA TYR F 33 35.95 8.08 26.79
C TYR F 33 36.21 7.92 25.30
N ALA F 34 35.89 8.97 24.56
CA ALA F 34 36.32 9.17 23.18
C ALA F 34 37.50 10.11 23.14
N TRP F 35 38.39 9.87 22.19
CA TRP F 35 39.69 10.54 22.12
C TRP F 35 39.84 11.16 20.75
N ASN F 36 40.02 12.48 20.72
CA ASN F 36 40.00 13.21 19.45
C ASN F 36 41.23 14.09 19.34
N TRP F 37 41.49 14.56 18.12
CA TRP F 37 42.58 15.47 17.84
C TRP F 37 42.04 16.84 17.46
N ILE F 38 42.82 17.87 17.76
CA ILE F 38 42.48 19.24 17.37
C ILE F 38 43.72 19.87 16.76
N ARG F 39 43.53 20.86 15.90
CA ARG F 39 44.64 21.66 15.43
C ARG F 39 44.24 23.13 15.43
N GLN F 40 45.19 23.98 15.80
CA GLN F 40 44.98 25.42 15.86
C GLN F 40 46.00 26.10 14.96
N PHE F 41 45.53 26.76 13.93
CA PHE F 41 46.42 27.37 12.97
C PHE F 41 47.10 28.59 13.56
N PRO F 42 48.23 29.00 13.01
CA PRO F 42 48.70 30.37 13.24
C PRO F 42 47.68 31.34 12.65
N GLY F 43 47.51 32.48 13.31
CA GLY F 43 46.32 33.25 13.08
C GLY F 43 45.18 32.46 13.71
N LYS F 44 45.19 32.39 15.03
CA LYS F 44 44.56 31.31 15.77
C LYS F 44 43.09 31.08 15.43
N LYS F 45 42.82 29.91 14.84
CA LYS F 45 41.47 29.39 14.67
C LYS F 45 41.50 27.91 14.96
N LEU F 46 40.71 27.46 15.92
CA LEU F 46 40.69 26.06 16.30
C LEU F 46 39.89 25.25 15.29
N GLU F 47 40.29 23.98 15.15
CA GLU F 47 39.66 23.10 14.16
C GLU F 47 39.77 21.68 14.71
N TRP F 48 38.64 21.16 15.19
CA TRP F 48 38.57 19.77 15.63
C TRP F 48 38.71 18.84 14.44
N MET F 49 39.42 17.73 14.62
CA MET F 49 39.83 16.88 13.51
C MET F 49 39.11 15.53 13.46
N GLY F 50 38.87 14.90 14.59
CA GLY F 50 38.18 13.63 14.61
C GLY F 50 38.50 12.84 15.86
N TYR F 51 37.56 11.98 16.25
CA TYR F 51 37.67 11.21 17.48
C TYR F 51 37.63 9.72 17.20
N ILE F 52 38.43 8.96 17.94
CA ILE F 52 38.34 7.51 18.00
C ILE F 52 37.60 7.14 19.28
N ASN F 53 36.57 6.31 19.14
CA ASN F 53 35.78 5.92 20.29
C ASN F 53 36.60 5.00 21.20
N PHE F 54 36.05 4.68 22.37
CA PHE F 54 36.76 3.78 23.28
C PHE F 54 36.87 2.37 22.71
N ASP F 55 35.96 2.00 21.80
CA ASP F 55 35.93 0.66 21.21
C ASP F 55 36.40 0.67 19.76
N GLY F 56 37.40 1.50 19.44
CA GLY F 56 38.01 1.49 18.13
C GLY F 56 37.25 2.22 17.05
N GLY F 57 35.94 2.38 17.18
CA GLY F 57 35.19 3.16 16.21
C GLY F 57 35.64 4.60 16.17
N THR F 58 35.47 5.23 15.01
CA THR F 58 36.02 6.57 14.83
C THR F 58 35.18 7.36 13.84
N THR F 59 35.19 8.68 14.04
CA THR F 59 34.52 9.62 13.14
C THR F 59 35.42 10.81 12.93
N TYR F 60 35.64 11.20 11.68
CA TYR F 60 36.60 12.23 11.31
C TYR F 60 35.88 13.46 10.75
N ASN F 61 36.52 14.60 10.90
CA ASN F 61 35.97 15.86 10.42
C ASN F 61 35.82 15.81 8.90
N PRO F 62 34.62 16.02 8.35
CA PRO F 62 34.43 15.82 6.91
C PRO F 62 35.25 16.73 6.01
N SER F 63 35.82 17.82 6.54
CA SER F 63 36.76 18.58 5.73
C SER F 63 38.03 17.79 5.48
N LEU F 64 38.41 16.93 6.43
CA LEU F 64 39.58 16.06 6.30
C LEU F 64 39.10 14.65 5.98
N ARG F 65 38.82 14.40 4.72
CA ARG F 65 38.41 13.08 4.26
C ARG F 65 39.57 12.41 3.54
N GLY F 66 39.83 11.15 3.88
CA GLY F 66 40.91 10.39 3.28
C GLY F 66 42.30 10.80 3.69
N ARG F 67 42.47 11.96 4.35
CA ARG F 67 43.78 12.43 4.75
C ARG F 67 44.13 12.09 6.19
N ILE F 68 43.17 12.18 7.10
CA ILE F 68 43.40 11.86 8.50
C ILE F 68 42.99 10.41 8.74
N SER F 69 43.78 9.71 9.55
CA SER F 69 43.38 8.42 10.08
C SER F 69 43.89 8.33 11.51
N ILE F 70 43.08 7.71 12.37
CA ILE F 70 43.43 7.52 13.77
C ILE F 70 43.47 6.03 14.04
N THR F 71 44.61 5.54 14.48
CA THR F 71 44.74 4.15 14.91
C THR F 71 44.96 4.13 16.42
N ARG F 72 45.04 2.93 16.99
CA ARG F 72 45.30 2.84 18.41
C ARG F 72 46.06 1.57 18.75
N ASP F 73 46.97 1.69 19.70
CA ASP F 73 47.68 0.56 20.30
C ASP F 73 47.18 0.51 21.74
N THR F 74 46.26 -0.43 21.99
CA THR F 74 45.59 -0.51 23.28
C THR F 74 46.49 -1.06 24.38
N SER F 75 47.50 -1.84 24.03
CA SER F 75 48.34 -2.50 25.03
C SER F 75 49.23 -1.53 25.79
N LYS F 76 49.34 -0.28 25.35
CA LYS F 76 50.10 0.72 26.09
C LYS F 76 49.37 2.06 26.15
N ASN F 77 48.07 2.10 25.83
CA ASN F 77 47.26 3.31 25.85
C ASN F 77 47.85 4.39 24.93
N GLN F 78 47.84 4.08 23.64
CA GLN F 78 48.25 5.07 22.65
C GLN F 78 47.23 5.15 21.53
N PHE F 79 47.07 6.35 20.98
CA PHE F 79 46.35 6.51 19.73
C PHE F 79 47.13 7.44 18.82
N PHE F 80 47.12 7.12 17.53
CA PHE F 80 48.02 7.66 16.54
C PHE F 80 47.27 8.48 15.50
N LEU F 81 47.86 9.64 15.19
CA LEU F 81 47.39 10.57 14.17
C LEU F 81 48.27 10.39 12.94
N GLN F 82 47.70 9.86 11.86
CA GLN F 82 48.40 9.63 10.60
C GLN F 82 47.74 10.53 9.56
N LEU F 83 48.43 11.60 9.18
CA LEU F 83 47.91 12.62 8.28
C LEU F 83 48.74 12.60 7.01
N ARG F 84 48.12 12.24 5.89
CA ARG F 84 48.83 11.97 4.65
C ARG F 84 48.62 13.09 3.64
N SER F 85 49.54 13.16 2.68
CA SER F 85 49.51 14.18 1.63
C SER F 85 49.38 15.57 2.22
N VAL F 86 50.28 15.88 3.15
CA VAL F 86 50.17 17.10 3.96
C VAL F 86 50.58 18.29 3.11
N THR F 87 49.64 19.22 2.90
CA THR F 87 49.93 20.48 2.25
C THR F 87 50.73 21.37 3.19
N PRO F 88 51.51 22.31 2.65
CA PRO F 88 52.21 23.28 3.52
C PRO F 88 51.28 24.25 4.22
N GLU F 89 50.00 24.31 3.84
CA GLU F 89 49.10 25.28 4.46
C GLU F 89 48.65 24.86 5.86
N ASP F 90 48.44 23.56 6.09
CA ASP F 90 47.99 23.10 7.41
C ASP F 90 49.17 22.83 8.33
N THR F 91 49.94 23.89 8.56
CA THR F 91 51.07 23.87 9.49
C THR F 91 50.66 24.34 10.88
N ALA F 92 49.64 23.70 11.44
CA ALA F 92 49.02 24.16 12.67
C ALA F 92 49.66 23.52 13.90
N THR F 93 49.28 24.04 15.07
CA THR F 93 49.67 23.44 16.34
C THR F 93 48.67 22.33 16.69
N TYR F 94 49.16 21.12 16.91
CA TYR F 94 48.29 19.97 17.09
C TYR F 94 48.15 19.60 18.56
N TYR F 95 46.98 19.07 18.89
CA TYR F 95 46.62 18.65 20.25
C TYR F 95 45.88 17.33 20.19
N CYS F 96 46.00 16.55 21.26
CA CYS F 96 45.08 15.45 21.54
C CYS F 96 44.23 15.82 22.75
N ALA F 97 42.95 15.45 22.69
CA ALA F 97 41.97 15.88 23.68
C ALA F 97 41.02 14.72 23.98
N THR F 98 40.27 14.89 25.07
CA THR F 98 39.49 13.86 25.72
C THR F 98 38.08 14.37 25.95
N PHE F 99 37.11 13.62 25.43
CA PHE F 99 35.71 14.02 25.34
C PHE F 99 34.86 13.10 26.22
N TYR F 100 33.98 13.69 27.03
CA TYR F 100 33.25 12.90 28.03
C TYR F 100 32.12 12.08 27.42
N GLY F 101 31.39 12.65 26.48
CA GLY F 101 30.20 11.97 25.94
C GLY F 101 28.91 12.34 26.63
N ALA F 102 28.89 12.28 27.97
CA ALA F 102 27.73 12.71 28.75
C ALA F 102 27.79 14.18 29.13
N LYS F 103 28.94 14.65 29.60
CA LYS F 103 29.14 16.07 29.79
C LYS F 103 29.19 16.80 28.47
N GLY F 104 29.77 16.18 27.44
CA GLY F 104 29.72 16.67 26.08
C GLY F 104 30.84 17.60 25.66
N THR F 105 31.73 17.97 26.56
CA THR F 105 32.74 18.98 26.26
C THR F 105 34.13 18.36 26.19
N LEU F 106 35.04 19.09 25.56
CA LEU F 106 36.44 18.68 25.51
C LEU F 106 37.05 18.84 26.89
N ASP F 107 36.80 17.86 27.76
CA ASP F 107 37.18 18.00 29.15
C ASP F 107 38.69 18.08 29.33
N TYR F 108 39.45 17.27 28.60
CA TYR F 108 40.89 17.26 28.84
C TYR F 108 41.63 17.48 27.52
N TRP F 109 42.84 18.03 27.62
CA TRP F 109 43.62 18.40 26.45
C TRP F 109 45.05 17.88 26.59
N GLY F 110 45.75 17.87 25.46
CA GLY F 110 47.16 17.54 25.46
C GLY F 110 48.00 18.70 25.95
N GLN F 111 49.27 18.67 25.56
CA GLN F 111 50.19 19.76 25.90
C GLN F 111 50.40 20.73 24.75
N GLY F 112 50.40 20.24 23.52
CA GLY F 112 50.57 21.09 22.36
C GLY F 112 51.83 20.80 21.57
N THR F 113 51.65 20.19 20.40
CA THR F 113 52.75 19.95 19.47
C THR F 113 52.52 20.75 18.19
N SER F 114 53.58 21.37 17.70
CA SER F 114 53.51 22.18 16.50
C SER F 114 54.14 21.42 15.33
N VAL F 115 53.52 21.53 14.17
CA VAL F 115 54.00 20.90 12.94
C VAL F 115 54.20 21.98 11.90
N THR F 116 55.42 22.07 11.37
CA THR F 116 55.76 23.03 10.33
C THR F 116 56.01 22.27 9.04
N VAL F 117 55.23 22.59 8.01
CA VAL F 117 55.31 21.85 6.75
C VAL F 117 56.02 22.70 5.71
N SER F 118 57.34 22.54 5.61
CA SER F 118 58.15 23.32 4.70
C SER F 118 59.24 22.42 4.14
N SER F 119 60.17 23.02 3.40
CA SER F 119 61.26 22.28 2.77
C SER F 119 62.52 23.13 2.64
#